data_2YT9
#
_entry.id   2YT9
#
loop_
_entity.id
_entity.type
_entity.pdbx_description
1 polymer 'zinc finger-containing protein 1'
2 non-polymer 'ZINC ION'
#
_entity_poly.entity_id   1
_entity_poly.type   'polypeptide(L)'
_entity_poly.pdbx_seq_one_letter_code
;GSSGSSGVACEICGKIFRDVYHLNRHKLSHSGEKPYSCPVCGLRFKRKDRMSYHVRSHDGSVGKPYICQSCGKGFSRPDH
LNGHIKQVHSGPSSG
;
_entity_poly.pdbx_strand_id   A
#
# COMPACT_ATOMS: atom_id res chain seq x y z
N GLY A 1 1.34 -27.55 -11.42
CA GLY A 1 2.27 -26.45 -11.65
C GLY A 1 3.02 -26.60 -12.96
N SER A 2 4.08 -27.40 -12.96
CA SER A 2 4.88 -27.61 -14.16
C SER A 2 5.46 -26.30 -14.66
N SER A 3 5.78 -25.40 -13.73
CA SER A 3 6.34 -24.10 -14.08
C SER A 3 7.35 -23.65 -13.04
N GLY A 4 8.53 -24.26 -13.07
CA GLY A 4 9.57 -23.92 -12.12
C GLY A 4 10.72 -23.17 -12.78
N SER A 5 10.44 -21.98 -13.27
CA SER A 5 11.46 -21.16 -13.92
C SER A 5 12.21 -20.30 -12.91
N SER A 6 13.23 -19.59 -13.37
CA SER A 6 14.03 -18.74 -12.51
C SER A 6 13.48 -17.32 -12.48
N GLY A 7 13.04 -16.89 -11.30
CA GLY A 7 12.49 -15.55 -11.16
C GLY A 7 12.31 -15.14 -9.71
N VAL A 8 11.73 -13.97 -9.49
CA VAL A 8 11.50 -13.46 -8.15
C VAL A 8 10.08 -13.76 -7.68
N ALA A 9 9.84 -13.61 -6.38
CA ALA A 9 8.52 -13.85 -5.82
C ALA A 9 8.13 -12.74 -4.85
N CYS A 10 7.04 -12.03 -5.17
CA CYS A 10 6.56 -10.95 -4.32
C CYS A 10 6.36 -11.42 -2.88
N GLU A 11 6.82 -10.60 -1.94
CA GLU A 11 6.69 -10.93 -0.52
C GLU A 11 5.48 -10.25 0.10
N ILE A 12 4.45 -10.04 -0.73
CA ILE A 12 3.23 -9.39 -0.26
C ILE A 12 2.00 -10.17 -0.70
N CYS A 13 2.01 -10.62 -1.96
CA CYS A 13 0.89 -11.38 -2.51
C CYS A 13 1.33 -12.77 -2.93
N GLY A 14 2.56 -12.87 -3.43
CA GLY A 14 3.09 -14.15 -3.86
C GLY A 14 3.11 -14.29 -5.37
N LYS A 15 3.21 -13.17 -6.07
CA LYS A 15 3.25 -13.16 -7.52
C LYS A 15 4.67 -13.29 -8.04
N ILE A 16 4.85 -14.10 -9.08
CA ILE A 16 6.17 -14.31 -9.67
C ILE A 16 6.40 -13.37 -10.85
N PHE A 17 7.64 -12.92 -11.00
CA PHE A 17 7.99 -12.01 -12.08
C PHE A 17 9.22 -12.51 -12.83
N ARG A 18 9.14 -12.53 -14.16
CA ARG A 18 10.23 -12.99 -14.99
C ARG A 18 11.49 -12.16 -14.74
N ASP A 19 11.30 -10.91 -14.34
CA ASP A 19 12.42 -10.02 -14.06
C ASP A 19 12.17 -9.22 -12.78
N VAL A 20 13.11 -8.34 -12.44
CA VAL A 20 13.00 -7.51 -11.24
C VAL A 20 12.29 -6.20 -11.56
N TYR A 21 12.50 -5.69 -12.76
CA TYR A 21 11.88 -4.44 -13.18
C TYR A 21 10.36 -4.52 -13.08
N HIS A 22 9.79 -5.56 -13.67
CA HIS A 22 8.34 -5.75 -13.64
C HIS A 22 7.83 -5.82 -12.21
N LEU A 23 8.70 -6.24 -11.29
CA LEU A 23 8.33 -6.34 -9.88
C LEU A 23 8.49 -5.00 -9.17
N ASN A 24 9.38 -4.16 -9.69
CA ASN A 24 9.62 -2.85 -9.12
C ASN A 24 8.39 -1.96 -9.24
N ARG A 25 7.71 -2.06 -10.38
CA ARG A 25 6.51 -1.27 -10.62
C ARG A 25 5.31 -1.83 -9.87
N HIS A 26 5.36 -3.13 -9.58
CA HIS A 26 4.28 -3.79 -8.86
C HIS A 26 4.28 -3.37 -7.39
N LYS A 27 5.43 -3.46 -6.76
CA LYS A 27 5.57 -3.08 -5.35
C LYS A 27 5.03 -1.68 -5.10
N LEU A 28 5.12 -0.83 -6.13
CA LEU A 28 4.64 0.54 -6.02
C LEU A 28 3.12 0.60 -6.11
N SER A 29 2.54 -0.32 -6.88
CA SER A 29 1.10 -0.37 -7.05
C SER A 29 0.42 -0.93 -5.80
N HIS A 30 1.14 -1.78 -5.07
CA HIS A 30 0.62 -2.38 -3.85
C HIS A 30 0.08 -1.31 -2.91
N SER A 31 -0.93 -1.67 -2.13
CA SER A 31 -1.52 -0.73 -1.17
C SER A 31 -0.90 -0.88 0.20
N GLY A 32 -1.04 0.15 1.03
CA GLY A 32 -0.48 0.12 2.37
C GLY A 32 -1.55 0.06 3.45
N GLU A 33 -2.09 -1.13 3.67
CA GLU A 33 -3.14 -1.32 4.69
C GLU A 33 -4.30 -0.36 4.44
N LYS A 34 -5.23 -0.77 3.59
CA LYS A 34 -6.40 0.04 3.27
C LYS A 34 -7.33 -0.68 2.30
N PRO A 35 -8.60 -0.26 2.26
CA PRO A 35 -9.08 0.85 3.09
C PRO A 35 -9.16 0.47 4.57
N TYR A 36 -9.66 -0.73 4.85
CA TYR A 36 -9.79 -1.20 6.22
C TYR A 36 -8.98 -2.47 6.43
N SER A 37 -7.77 -2.32 6.97
CA SER A 37 -6.89 -3.46 7.22
C SER A 37 -6.71 -3.68 8.73
N CYS A 38 -6.36 -4.91 9.10
CA CYS A 38 -6.15 -5.25 10.49
C CYS A 38 -4.76 -4.85 10.96
N PRO A 39 -4.69 -4.12 12.09
CA PRO A 39 -3.42 -3.66 12.66
C PRO A 39 -2.59 -4.80 13.23
N VAL A 40 -3.24 -5.93 13.49
CA VAL A 40 -2.56 -7.11 14.03
C VAL A 40 -2.12 -8.05 12.92
N CYS A 41 -3.08 -8.64 12.23
CA CYS A 41 -2.80 -9.56 11.14
C CYS A 41 -2.11 -8.84 9.98
N GLY A 42 -2.87 -7.98 9.30
CA GLY A 42 -2.32 -7.24 8.17
C GLY A 42 -3.20 -7.32 6.94
N LEU A 43 -4.17 -8.23 6.96
CA LEU A 43 -5.08 -8.41 5.84
C LEU A 43 -5.73 -7.09 5.44
N ARG A 44 -6.40 -7.09 4.30
CA ARG A 44 -7.07 -5.89 3.81
C ARG A 44 -8.53 -6.17 3.49
N PHE A 45 -9.41 -5.31 3.97
CA PHE A 45 -10.85 -5.46 3.73
C PHE A 45 -11.43 -4.21 3.07
N LYS A 46 -12.43 -4.41 2.22
CA LYS A 46 -13.08 -3.30 1.53
C LYS A 46 -14.45 -3.02 2.13
N ARG A 47 -14.62 -3.36 3.40
CA ARG A 47 -15.89 -3.14 4.09
C ARG A 47 -15.66 -2.95 5.59
N LYS A 48 -16.55 -2.20 6.23
CA LYS A 48 -16.45 -1.94 7.66
C LYS A 48 -17.19 -3.01 8.46
N ASP A 49 -18.04 -3.76 7.77
CA ASP A 49 -18.82 -4.82 8.41
C ASP A 49 -17.95 -6.05 8.65
N ARG A 50 -16.89 -6.20 7.87
CA ARG A 50 -15.97 -7.33 8.00
C ARG A 50 -14.84 -7.00 8.97
N MET A 51 -14.07 -5.97 8.65
CA MET A 51 -12.95 -5.56 9.49
C MET A 51 -13.40 -5.38 10.93
N SER A 52 -14.65 -4.96 11.11
CA SER A 52 -15.20 -4.75 12.45
C SER A 52 -15.26 -6.06 13.23
N TYR A 53 -15.71 -7.12 12.56
CA TYR A 53 -15.82 -8.42 13.19
C TYR A 53 -14.47 -9.13 13.22
N HIS A 54 -13.56 -8.71 12.35
CA HIS A 54 -12.23 -9.29 12.29
C HIS A 54 -11.33 -8.73 13.39
N VAL A 55 -11.30 -7.41 13.50
CA VAL A 55 -10.48 -6.75 14.51
C VAL A 55 -10.92 -7.14 15.91
N ARG A 56 -12.16 -6.82 16.26
CA ARG A 56 -12.71 -7.13 17.57
C ARG A 56 -12.50 -8.62 17.90
N SER A 57 -12.63 -9.46 16.88
CA SER A 57 -12.45 -10.90 17.06
C SER A 57 -11.13 -11.20 17.77
N HIS A 58 -10.14 -10.35 17.55
CA HIS A 58 -8.83 -10.52 18.17
C HIS A 58 -8.80 -9.91 19.57
N ASP A 59 -9.36 -8.71 19.69
CA ASP A 59 -9.39 -8.01 20.97
C ASP A 59 -7.98 -7.75 21.49
N GLY A 60 -7.33 -6.74 20.90
CA GLY A 60 -5.98 -6.40 21.31
C GLY A 60 -5.94 -5.27 22.33
N SER A 61 -5.92 -5.62 23.60
CA SER A 61 -5.89 -4.63 24.67
C SER A 61 -5.66 -5.30 26.02
N VAL A 62 -5.21 -4.50 27.00
CA VAL A 62 -4.95 -5.01 28.34
C VAL A 62 -5.78 -4.27 29.38
N GLY A 63 -6.00 -2.98 29.14
CA GLY A 63 -6.79 -2.18 30.07
C GLY A 63 -6.01 -1.83 31.33
N LYS A 64 -6.41 -2.41 32.45
CA LYS A 64 -5.75 -2.16 33.72
C LYS A 64 -4.29 -2.59 33.68
N PRO A 65 -3.49 -2.06 34.61
CA PRO A 65 -2.06 -2.38 34.69
C PRO A 65 -1.81 -3.81 35.15
N TYR A 66 -2.56 -4.24 36.16
CA TYR A 66 -2.42 -5.59 36.69
C TYR A 66 -3.68 -6.41 36.44
N ILE A 67 -3.49 -7.63 35.97
CA ILE A 67 -4.60 -8.53 35.68
C ILE A 67 -4.43 -9.88 36.38
N CYS A 68 -5.55 -10.47 36.78
CA CYS A 68 -5.52 -11.76 37.45
C CYS A 68 -4.71 -12.78 36.66
N GLN A 69 -4.25 -13.83 37.34
CA GLN A 69 -3.47 -14.88 36.69
C GLN A 69 -4.36 -16.01 36.22
N SER A 70 -5.64 -15.95 36.57
CA SER A 70 -6.60 -16.98 36.19
C SER A 70 -7.57 -16.44 35.14
N CYS A 71 -8.52 -15.63 35.58
CA CYS A 71 -9.51 -15.05 34.68
C CYS A 71 -8.91 -13.90 33.88
N GLY A 72 -7.79 -13.38 34.35
CA GLY A 72 -7.14 -12.28 33.66
C GLY A 72 -8.09 -11.15 33.34
N LYS A 73 -8.71 -10.59 34.37
CA LYS A 73 -9.66 -9.50 34.19
C LYS A 73 -8.94 -8.15 34.15
N GLY A 74 -8.52 -7.68 35.32
CA GLY A 74 -7.81 -6.41 35.39
C GLY A 74 -8.36 -5.51 36.48
N PHE A 75 -7.47 -5.04 37.35
CA PHE A 75 -7.88 -4.17 38.45
C PHE A 75 -7.04 -2.88 38.46
N SER A 76 -7.70 -1.76 38.72
CA SER A 76 -7.01 -0.47 38.75
C SER A 76 -5.80 -0.52 39.68
N ARG A 77 -6.03 -0.91 40.93
CA ARG A 77 -4.96 -1.01 41.91
C ARG A 77 -4.53 -2.46 42.13
N PRO A 78 -3.32 -2.64 42.67
CA PRO A 78 -2.78 -3.98 42.94
C PRO A 78 -3.51 -4.69 44.08
N ASP A 79 -3.71 -3.99 45.19
CA ASP A 79 -4.40 -4.55 46.34
C ASP A 79 -5.75 -5.12 45.94
N HIS A 80 -6.38 -4.50 44.93
CA HIS A 80 -7.67 -4.96 44.46
C HIS A 80 -7.58 -6.36 43.87
N LEU A 81 -6.46 -6.65 43.22
CA LEU A 81 -6.24 -7.95 42.60
C LEU A 81 -5.96 -9.02 43.66
N ASN A 82 -5.28 -8.61 44.73
CA ASN A 82 -4.94 -9.52 45.82
C ASN A 82 -6.21 -10.06 46.49
N GLY A 83 -7.23 -9.21 46.58
CA GLY A 83 -8.47 -9.62 47.20
C GLY A 83 -9.29 -10.55 46.31
N HIS A 84 -9.17 -10.35 45.00
CA HIS A 84 -9.90 -11.18 44.04
C HIS A 84 -9.34 -12.60 44.01
N ILE A 85 -8.02 -12.70 43.87
CA ILE A 85 -7.36 -14.00 43.82
C ILE A 85 -7.76 -14.87 45.01
N LYS A 86 -8.01 -14.22 46.14
CA LYS A 86 -8.41 -14.94 47.35
C LYS A 86 -9.94 -15.03 47.45
N GLN A 87 -10.63 -14.09 46.80
CA GLN A 87 -12.08 -14.07 46.82
C GLN A 87 -12.65 -15.15 45.89
N VAL A 88 -12.43 -14.99 44.60
CA VAL A 88 -12.92 -15.95 43.61
C VAL A 88 -12.05 -17.20 43.59
N HIS A 89 -10.78 -17.02 43.24
CA HIS A 89 -9.85 -18.15 43.19
C HIS A 89 -9.29 -18.47 44.57
N SER A 90 -8.29 -19.33 44.61
CA SER A 90 -7.67 -19.72 45.87
C SER A 90 -8.66 -20.45 46.77
N GLY A 91 -8.67 -21.78 46.67
CA GLY A 91 -9.59 -22.57 47.46
C GLY A 91 -9.33 -24.06 47.34
N PRO A 92 -8.19 -24.52 47.87
CA PRO A 92 -7.79 -25.93 47.82
C PRO A 92 -8.67 -26.80 48.71
N SER A 93 -8.50 -28.12 48.59
CA SER A 93 -9.28 -29.06 49.37
C SER A 93 -9.06 -28.84 50.87
N SER A 94 -7.83 -28.42 51.22
CA SER A 94 -7.49 -28.17 52.61
C SER A 94 -7.66 -26.70 52.96
N GLY A 95 -7.54 -26.39 54.26
CA GLY A 95 -7.68 -25.01 54.70
C GLY A 95 -7.35 -24.84 56.17
N GLY A 1 12.99 -29.62 3.91
CA GLY A 1 13.00 -29.54 2.46
C GLY A 1 13.39 -28.16 1.95
N SER A 2 13.79 -28.09 0.69
CA SER A 2 14.22 -26.83 0.09
C SER A 2 14.03 -26.86 -1.42
N SER A 3 14.00 -25.68 -2.04
CA SER A 3 13.83 -25.57 -3.48
C SER A 3 14.18 -24.16 -3.97
N GLY A 4 14.27 -24.01 -5.28
CA GLY A 4 14.60 -22.71 -5.85
C GLY A 4 13.91 -22.47 -7.18
N SER A 5 14.38 -21.46 -7.91
CA SER A 5 13.78 -21.13 -9.20
C SER A 5 14.60 -20.05 -9.90
N SER A 6 14.16 -19.66 -11.10
CA SER A 6 14.85 -18.63 -11.87
C SER A 6 14.00 -17.38 -11.99
N GLY A 7 13.67 -16.78 -10.85
CA GLY A 7 12.86 -15.57 -10.84
C GLY A 7 12.60 -15.06 -9.44
N VAL A 8 11.95 -13.90 -9.35
CA VAL A 8 11.63 -13.30 -8.06
C VAL A 8 10.19 -13.56 -7.67
N ALA A 9 9.90 -13.45 -6.37
CA ALA A 9 8.55 -13.68 -5.87
C ALA A 9 8.10 -12.52 -4.96
N CYS A 10 6.94 -11.96 -5.25
CA CYS A 10 6.40 -10.86 -4.46
C CYS A 10 6.19 -11.28 -3.01
N GLU A 11 6.64 -10.44 -2.08
CA GLU A 11 6.49 -10.73 -0.66
C GLU A 11 5.28 -10.02 -0.08
N ILE A 12 4.26 -9.82 -0.91
CA ILE A 12 3.04 -9.15 -0.49
C ILE A 12 1.81 -9.90 -0.97
N CYS A 13 1.84 -10.34 -2.23
CA CYS A 13 0.72 -11.07 -2.80
C CYS A 13 1.15 -12.50 -3.18
N GLY A 14 2.43 -12.67 -3.47
CA GLY A 14 2.94 -13.97 -3.83
C GLY A 14 2.93 -14.21 -5.33
N LYS A 15 3.23 -13.16 -6.09
CA LYS A 15 3.25 -13.25 -7.54
C LYS A 15 4.68 -13.37 -8.06
N ILE A 16 4.90 -14.28 -8.99
CA ILE A 16 6.23 -14.49 -9.57
C ILE A 16 6.43 -13.62 -10.80
N PHE A 17 7.65 -13.13 -10.97
CA PHE A 17 7.98 -12.27 -12.11
C PHE A 17 9.18 -12.83 -12.88
N ARG A 18 9.31 -12.41 -14.13
CA ARG A 18 10.41 -12.89 -14.98
C ARG A 18 11.67 -12.05 -14.74
N ASP A 19 11.47 -10.80 -14.31
CA ASP A 19 12.59 -9.91 -14.05
C ASP A 19 12.37 -9.13 -12.76
N VAL A 20 13.30 -8.23 -12.45
CA VAL A 20 13.20 -7.40 -11.25
C VAL A 20 12.46 -6.11 -11.53
N TYR A 21 12.58 -5.62 -12.76
CA TYR A 21 11.91 -4.38 -13.16
C TYR A 21 10.40 -4.53 -13.11
N HIS A 22 9.90 -5.65 -13.64
CA HIS A 22 8.47 -5.92 -13.66
C HIS A 22 7.92 -6.01 -12.24
N LEU A 23 8.78 -6.38 -11.30
CA LEU A 23 8.38 -6.52 -9.90
C LEU A 23 8.38 -5.16 -9.20
N ASN A 24 9.25 -4.27 -9.65
CA ASN A 24 9.36 -2.94 -9.07
C ASN A 24 8.10 -2.12 -9.35
N ARG A 25 7.64 -2.17 -10.60
CA ARG A 25 6.44 -1.44 -11.00
C ARG A 25 5.21 -1.97 -10.28
N HIS A 26 5.26 -3.23 -9.87
CA HIS A 26 4.15 -3.86 -9.16
C HIS A 26 4.18 -3.51 -7.68
N LYS A 27 5.37 -3.54 -7.09
CA LYS A 27 5.53 -3.23 -5.68
C LYS A 27 4.90 -1.89 -5.35
N LEU A 28 5.03 -0.93 -6.26
CA LEU A 28 4.46 0.40 -6.06
C LEU A 28 2.95 0.33 -5.85
N SER A 29 2.31 -0.64 -6.50
CA SER A 29 0.87 -0.81 -6.38
C SER A 29 0.48 -1.16 -4.95
N HIS A 30 1.41 -1.80 -4.23
CA HIS A 30 1.17 -2.19 -2.85
C HIS A 30 1.33 -1.00 -1.90
N SER A 31 0.43 -0.03 -2.03
CA SER A 31 0.47 1.17 -1.20
C SER A 31 -0.71 2.08 -1.50
N GLY A 32 -1.16 2.82 -0.48
CA GLY A 32 -2.28 3.73 -0.66
C GLY A 32 -3.34 3.54 0.39
N GLU A 33 -2.95 3.66 1.66
CA GLU A 33 -3.89 3.50 2.77
C GLU A 33 -3.25 3.91 4.09
N LYS A 34 -2.64 5.10 4.10
CA LYS A 34 -1.99 5.62 5.29
C LYS A 34 -1.45 7.03 5.06
N PRO A 35 -1.22 7.77 6.15
CA PRO A 35 -1.47 7.26 7.51
C PRO A 35 -2.95 7.12 7.81
N TYR A 36 -3.73 8.15 7.48
CA TYR A 36 -5.16 8.13 7.72
C TYR A 36 -5.93 8.15 6.41
N SER A 37 -6.33 6.98 5.94
CA SER A 37 -7.07 6.87 4.69
C SER A 37 -8.50 6.39 4.94
N CYS A 38 -9.40 6.71 4.02
CA CYS A 38 -10.80 6.32 4.14
C CYS A 38 -11.01 4.89 3.66
N PRO A 39 -11.66 4.07 4.49
CA PRO A 39 -11.95 2.67 4.18
C PRO A 39 -12.97 2.52 3.06
N VAL A 40 -13.86 3.50 2.95
CA VAL A 40 -14.90 3.48 1.92
C VAL A 40 -14.35 3.98 0.59
N CYS A 41 -13.99 5.25 0.55
CA CYS A 41 -13.46 5.85 -0.68
C CYS A 41 -12.09 5.28 -1.00
N GLY A 42 -11.09 5.61 -0.17
CA GLY A 42 -9.74 5.12 -0.40
C GLY A 42 -8.71 6.23 -0.36
N LEU A 43 -9.18 7.47 -0.37
CA LEU A 43 -8.29 8.63 -0.33
C LEU A 43 -7.30 8.51 0.83
N ARG A 44 -6.29 9.38 0.82
CA ARG A 44 -5.28 9.38 1.88
C ARG A 44 -5.14 10.77 2.50
N PHE A 45 -5.14 10.81 3.83
CA PHE A 45 -5.01 12.08 4.54
C PHE A 45 -3.84 12.04 5.51
N LYS A 46 -3.11 13.15 5.59
CA LYS A 46 -1.96 13.24 6.48
C LYS A 46 -2.32 13.96 7.77
N ARG A 47 -3.60 13.93 8.11
CA ARG A 47 -4.08 14.58 9.33
C ARG A 47 -5.34 13.89 9.86
N LYS A 48 -5.54 13.95 11.17
CA LYS A 48 -6.69 13.32 11.80
C LYS A 48 -7.86 14.29 11.86
N ASP A 49 -7.61 15.54 11.51
CA ASP A 49 -8.65 16.57 11.52
C ASP A 49 -9.48 16.51 10.25
N ARG A 50 -8.89 15.97 9.19
CA ARG A 50 -9.59 15.84 7.91
C ARG A 50 -10.28 14.49 7.79
N MET A 51 -9.52 13.41 7.94
CA MET A 51 -10.07 12.06 7.85
C MET A 51 -11.24 11.90 8.81
N SER A 52 -11.17 12.55 9.97
CA SER A 52 -12.22 12.47 10.96
C SER A 52 -13.51 13.10 10.45
N TYR A 53 -13.36 14.10 9.57
CA TYR A 53 -14.52 14.78 9.00
C TYR A 53 -14.93 14.16 7.68
N HIS A 54 -14.00 13.43 7.06
CA HIS A 54 -14.27 12.77 5.79
C HIS A 54 -14.95 11.42 6.01
N VAL A 55 -14.41 10.63 6.94
CA VAL A 55 -14.97 9.32 7.26
C VAL A 55 -16.39 9.44 7.79
N ARG A 56 -16.57 10.27 8.82
CA ARG A 56 -17.88 10.47 9.42
C ARG A 56 -18.85 11.10 8.43
N SER A 57 -18.31 11.90 7.50
CA SER A 57 -19.12 12.57 6.50
C SER A 57 -19.95 11.56 5.72
N HIS A 58 -19.46 10.33 5.64
CA HIS A 58 -20.16 9.27 4.93
C HIS A 58 -21.15 8.55 5.84
N ASP A 59 -20.70 8.21 7.04
CA ASP A 59 -21.53 7.52 8.01
C ASP A 59 -22.41 8.50 8.78
N GLY A 60 -23.68 8.59 8.38
CA GLY A 60 -24.59 9.51 9.03
C GLY A 60 -24.38 10.95 8.62
N SER A 61 -25.42 11.57 8.07
CA SER A 61 -25.33 12.95 7.62
C SER A 61 -26.68 13.43 7.09
N VAL A 62 -27.32 14.33 7.84
CA VAL A 62 -28.62 14.87 7.45
C VAL A 62 -28.75 16.33 7.89
N GLY A 63 -29.52 17.10 7.13
CA GLY A 63 -29.72 18.50 7.45
C GLY A 63 -31.19 18.89 7.42
N LYS A 64 -31.63 19.47 6.31
CA LYS A 64 -33.01 19.91 6.16
C LYS A 64 -33.90 18.74 5.73
N PRO A 65 -35.21 18.88 5.96
CA PRO A 65 -36.19 17.85 5.60
C PRO A 65 -36.36 17.70 4.10
N TYR A 66 -36.50 18.84 3.40
CA TYR A 66 -36.67 18.83 1.96
C TYR A 66 -35.44 19.40 1.26
N ILE A 67 -35.01 18.74 0.20
CA ILE A 67 -33.85 19.18 -0.56
C ILE A 67 -34.16 19.28 -2.05
N CYS A 68 -33.53 20.23 -2.73
CA CYS A 68 -33.73 20.43 -4.15
C CYS A 68 -33.55 19.12 -4.92
N GLN A 69 -34.12 19.06 -6.12
CA GLN A 69 -34.01 17.86 -6.94
C GLN A 69 -32.81 17.96 -7.90
N SER A 70 -32.17 19.12 -7.91
CA SER A 70 -31.02 19.34 -8.77
C SER A 70 -29.73 19.44 -7.95
N CYS A 71 -29.55 20.58 -7.28
CA CYS A 71 -28.36 20.81 -6.47
C CYS A 71 -28.47 20.06 -5.14
N GLY A 72 -29.69 19.65 -4.80
CA GLY A 72 -29.91 18.93 -3.56
C GLY A 72 -29.26 19.61 -2.37
N LYS A 73 -29.64 20.87 -2.13
CA LYS A 73 -29.09 21.63 -1.02
C LYS A 73 -29.85 21.33 0.27
N GLY A 74 -31.04 21.90 0.39
CA GLY A 74 -31.85 21.69 1.58
C GLY A 74 -32.42 22.98 2.13
N PHE A 75 -33.72 23.00 2.37
CA PHE A 75 -34.39 24.19 2.90
C PHE A 75 -35.24 23.83 4.12
N SER A 76 -35.22 24.70 5.11
CA SER A 76 -35.98 24.48 6.34
C SER A 76 -37.44 24.18 6.02
N ARG A 77 -38.09 25.09 5.33
CA ARG A 77 -39.50 24.93 4.96
C ARG A 77 -39.62 24.49 3.49
N PRO A 78 -40.79 23.92 3.15
CA PRO A 78 -41.07 23.45 1.79
C PRO A 78 -41.22 24.60 0.80
N ASP A 79 -42.01 25.60 1.18
CA ASP A 79 -42.25 26.76 0.32
C ASP A 79 -40.92 27.39 -0.09
N HIS A 80 -39.92 27.30 0.77
CA HIS A 80 -38.61 27.87 0.49
C HIS A 80 -37.96 27.18 -0.70
N LEU A 81 -38.17 25.87 -0.80
CA LEU A 81 -37.60 25.08 -1.90
C LEU A 81 -38.32 25.38 -3.21
N ASN A 82 -39.64 25.57 -3.13
CA ASN A 82 -40.44 25.87 -4.31
C ASN A 82 -39.95 27.14 -4.99
N GLY A 83 -39.43 28.08 -4.20
CA GLY A 83 -38.93 29.33 -4.75
C GLY A 83 -37.55 29.18 -5.36
N HIS A 84 -36.74 28.32 -4.77
CA HIS A 84 -35.39 28.08 -5.26
C HIS A 84 -35.41 27.50 -6.67
N ILE A 85 -36.23 26.47 -6.86
CA ILE A 85 -36.34 25.82 -8.17
C ILE A 85 -36.61 26.83 -9.27
N LYS A 86 -37.33 27.90 -8.92
CA LYS A 86 -37.65 28.95 -9.88
C LYS A 86 -36.61 30.05 -9.85
N GLN A 87 -35.92 30.18 -8.73
CA GLN A 87 -34.88 31.19 -8.57
C GLN A 87 -33.63 30.84 -9.37
N VAL A 88 -32.96 29.77 -8.95
CA VAL A 88 -31.75 29.32 -9.63
C VAL A 88 -32.09 28.50 -10.87
N HIS A 89 -32.80 27.39 -10.68
CA HIS A 89 -33.19 26.53 -11.78
C HIS A 89 -34.39 27.10 -12.52
N SER A 90 -34.96 26.31 -13.43
CA SER A 90 -36.12 26.74 -14.20
C SER A 90 -35.85 28.09 -14.87
N GLY A 91 -34.98 28.08 -15.88
CA GLY A 91 -34.65 29.31 -16.59
C GLY A 91 -34.24 29.06 -18.02
N PRO A 92 -34.07 30.14 -18.79
CA PRO A 92 -33.67 30.05 -20.20
C PRO A 92 -32.23 29.59 -20.37
N SER A 93 -32.05 28.29 -20.57
CA SER A 93 -30.72 27.72 -20.74
C SER A 93 -30.26 27.84 -22.20
N SER A 94 -29.33 28.76 -22.44
CA SER A 94 -28.80 28.98 -23.78
C SER A 94 -28.31 27.67 -24.40
N GLY A 95 -28.60 27.48 -25.68
CA GLY A 95 -28.17 26.27 -26.37
C GLY A 95 -26.69 26.01 -26.21
N GLY A 1 20.04 -22.12 -28.06
CA GLY A 1 20.50 -22.67 -26.81
C GLY A 1 19.74 -22.13 -25.62
N SER A 2 19.86 -22.82 -24.48
CA SER A 2 19.18 -22.39 -23.27
C SER A 2 19.88 -22.95 -22.03
N SER A 3 20.03 -22.10 -21.01
CA SER A 3 20.68 -22.51 -19.77
C SER A 3 20.65 -21.38 -18.75
N GLY A 4 19.80 -21.53 -17.74
CA GLY A 4 19.69 -20.51 -16.71
C GLY A 4 18.24 -20.19 -16.37
N SER A 5 17.89 -20.36 -15.10
CA SER A 5 16.53 -20.09 -14.64
C SER A 5 16.54 -19.39 -13.29
N SER A 6 15.86 -18.24 -13.22
CA SER A 6 15.80 -17.48 -11.99
C SER A 6 14.62 -16.50 -12.01
N GLY A 7 13.79 -16.55 -10.98
CA GLY A 7 12.63 -15.67 -10.91
C GLY A 7 12.41 -15.12 -9.51
N VAL A 8 11.91 -13.89 -9.42
CA VAL A 8 11.66 -13.26 -8.14
C VAL A 8 10.18 -13.42 -7.73
N ALA A 9 9.95 -13.65 -6.45
CA ALA A 9 8.60 -13.82 -5.94
C ALA A 9 8.21 -12.66 -5.03
N CYS A 10 7.05 -12.06 -5.30
CA CYS A 10 6.56 -10.94 -4.51
C CYS A 10 6.38 -11.36 -3.05
N GLU A 11 6.77 -10.46 -2.14
CA GLU A 11 6.65 -10.73 -0.71
C GLU A 11 5.45 -10.01 -0.12
N ILE A 12 4.43 -9.79 -0.94
CA ILE A 12 3.22 -9.11 -0.50
C ILE A 12 1.97 -9.87 -0.95
N CYS A 13 1.99 -10.37 -2.17
CA CYS A 13 0.86 -11.13 -2.71
C CYS A 13 1.27 -12.57 -3.02
N GLY A 14 2.52 -12.75 -3.42
CA GLY A 14 3.01 -14.08 -3.73
C GLY A 14 3.02 -14.36 -5.23
N LYS A 15 3.19 -13.31 -6.02
CA LYS A 15 3.21 -13.44 -7.47
C LYS A 15 4.65 -13.50 -7.99
N ILE A 16 4.88 -14.37 -8.95
CA ILE A 16 6.22 -14.53 -9.54
C ILE A 16 6.41 -13.60 -10.72
N PHE A 17 7.62 -13.09 -10.88
CA PHE A 17 7.95 -12.18 -11.97
C PHE A 17 9.17 -12.66 -12.74
N ARG A 18 9.11 -12.57 -14.07
CA ARG A 18 10.21 -13.00 -14.92
C ARG A 18 11.43 -12.09 -14.72
N ASP A 19 11.16 -10.83 -14.43
CA ASP A 19 12.23 -9.85 -14.22
C ASP A 19 11.94 -8.98 -12.99
N VAL A 20 13.01 -8.50 -12.36
CA VAL A 20 12.87 -7.66 -11.17
C VAL A 20 12.37 -6.26 -11.55
N TYR A 21 12.70 -5.83 -12.75
CA TYR A 21 12.28 -4.52 -13.22
C TYR A 21 10.75 -4.40 -13.21
N HIS A 22 10.08 -5.48 -13.55
CA HIS A 22 8.62 -5.50 -13.59
C HIS A 22 8.06 -5.65 -12.17
N LEU A 23 8.83 -6.27 -11.29
CA LEU A 23 8.41 -6.47 -9.91
C LEU A 23 8.40 -5.15 -9.14
N ASN A 24 9.27 -4.23 -9.56
CA ASN A 24 9.38 -2.94 -8.90
C ASN A 24 8.08 -2.13 -9.07
N ARG A 25 7.66 -1.95 -10.32
CA ARG A 25 6.45 -1.21 -10.61
C ARG A 25 5.25 -1.81 -9.87
N HIS A 26 5.26 -3.12 -9.70
CA HIS A 26 4.19 -3.82 -9.01
C HIS A 26 4.18 -3.47 -7.53
N LYS A 27 5.33 -3.58 -6.88
CA LYS A 27 5.46 -3.28 -5.47
C LYS A 27 4.94 -1.87 -5.17
N LEU A 28 5.09 -0.97 -6.13
CA LEU A 28 4.63 0.41 -5.96
C LEU A 28 3.12 0.47 -5.97
N SER A 29 2.48 -0.41 -6.74
CA SER A 29 1.03 -0.45 -6.83
C SER A 29 0.42 -0.96 -5.54
N HIS A 30 1.17 -1.79 -4.82
CA HIS A 30 0.69 -2.35 -3.56
C HIS A 30 0.37 -1.25 -2.56
N SER A 31 1.37 -0.43 -2.24
CA SER A 31 1.20 0.66 -1.30
C SER A 31 0.50 1.84 -1.95
N GLY A 32 -0.36 2.51 -1.18
CA GLY A 32 -1.08 3.65 -1.71
C GLY A 32 -1.31 4.73 -0.66
N GLU A 33 -1.70 5.92 -1.11
CA GLU A 33 -1.96 7.03 -0.20
C GLU A 33 -3.45 7.25 -0.02
N LYS A 34 -4.04 6.46 0.88
CA LYS A 34 -5.47 6.57 1.16
C LYS A 34 -5.86 5.70 2.34
N PRO A 35 -7.01 6.02 2.97
CA PRO A 35 -7.85 7.14 2.55
C PRO A 35 -7.21 8.48 2.83
N TYR A 36 -6.56 8.60 3.99
CA TYR A 36 -5.91 9.84 4.39
C TYR A 36 -4.43 9.60 4.69
N SER A 37 -3.58 9.87 3.71
CA SER A 37 -2.15 9.68 3.86
C SER A 37 -1.42 11.02 3.82
N CYS A 38 -0.23 11.05 4.41
CA CYS A 38 0.57 12.28 4.44
C CYS A 38 1.35 12.45 3.14
N PRO A 39 1.24 13.65 2.54
CA PRO A 39 1.92 13.97 1.29
C PRO A 39 3.43 14.09 1.47
N VAL A 40 3.86 14.30 2.71
CA VAL A 40 5.28 14.44 3.01
C VAL A 40 5.89 13.08 3.37
N CYS A 41 5.44 12.51 4.48
CA CYS A 41 5.94 11.23 4.94
C CYS A 41 5.50 10.10 3.99
N GLY A 42 4.20 9.81 4.00
CA GLY A 42 3.68 8.76 3.14
C GLY A 42 2.80 7.78 3.90
N LEU A 43 2.82 7.87 5.22
CA LEU A 43 2.03 6.98 6.06
C LEU A 43 0.57 7.00 5.64
N ARG A 44 -0.19 6.00 6.11
CA ARG A 44 -1.61 5.91 5.78
C ARG A 44 -2.46 5.97 7.05
N PHE A 45 -3.50 6.79 7.00
CA PHE A 45 -4.39 6.94 8.15
C PHE A 45 -5.85 6.74 7.74
N LYS A 46 -6.60 6.04 8.58
CA LYS A 46 -8.02 5.78 8.31
C LYS A 46 -8.91 6.71 9.11
N ARG A 47 -8.39 7.89 9.43
CA ARG A 47 -9.15 8.87 10.19
C ARG A 47 -8.71 10.29 9.83
N LYS A 48 -9.67 11.21 9.84
CA LYS A 48 -9.38 12.61 9.52
C LYS A 48 -9.01 13.39 10.77
N ASP A 49 -9.18 12.77 11.93
CA ASP A 49 -8.84 13.40 13.20
C ASP A 49 -7.36 13.27 13.50
N ARG A 50 -6.73 12.26 12.92
CA ARG A 50 -5.30 12.03 13.12
C ARG A 50 -4.48 12.74 12.04
N MET A 51 -4.72 12.38 10.79
CA MET A 51 -4.01 12.98 9.67
C MET A 51 -4.06 14.49 9.74
N SER A 52 -5.17 15.03 10.21
CA SER A 52 -5.35 16.47 10.32
C SER A 52 -4.31 17.07 11.27
N TYR A 53 -3.95 16.30 12.29
CA TYR A 53 -2.96 16.76 13.27
C TYR A 53 -1.55 16.35 12.86
N HIS A 54 -1.46 15.34 12.01
CA HIS A 54 -0.18 14.85 11.53
C HIS A 54 0.36 15.73 10.41
N VAL A 55 -0.54 16.17 9.53
CA VAL A 55 -0.15 17.01 8.40
C VAL A 55 0.30 18.39 8.88
N ARG A 56 -0.53 19.02 9.71
CA ARG A 56 -0.21 20.34 10.24
C ARG A 56 1.11 20.32 11.00
N SER A 57 1.37 19.21 11.70
CA SER A 57 2.59 19.08 12.48
C SER A 57 3.82 19.39 11.62
N HIS A 58 3.71 19.12 10.33
CA HIS A 58 4.81 19.37 9.39
C HIS A 58 4.73 20.78 8.84
N ASP A 59 3.55 21.17 8.38
CA ASP A 59 3.35 22.51 7.82
C ASP A 59 4.20 22.70 6.56
N GLY A 60 4.02 23.85 5.91
CA GLY A 60 4.78 24.14 4.72
C GLY A 60 3.92 24.10 3.47
N SER A 61 2.75 24.75 3.54
CA SER A 61 1.83 24.78 2.41
C SER A 61 1.25 26.19 2.22
N VAL A 62 0.43 26.35 1.19
CA VAL A 62 -0.18 27.64 0.90
C VAL A 62 -1.70 27.50 0.76
N GLY A 63 -2.41 27.88 1.82
CA GLY A 63 -3.86 27.80 1.79
C GLY A 63 -4.50 28.89 0.98
N LYS A 64 -4.82 30.02 1.63
CA LYS A 64 -5.43 31.15 0.95
C LYS A 64 -4.40 31.94 0.16
N PRO A 65 -4.87 32.73 -0.80
CA PRO A 65 -4.01 33.55 -1.66
C PRO A 65 -3.36 34.70 -0.89
N TYR A 66 -4.17 35.42 -0.11
CA TYR A 66 -3.68 36.54 0.67
C TYR A 66 -3.68 36.21 2.17
N ILE A 67 -2.58 36.57 2.84
CA ILE A 67 -2.46 36.30 4.27
C ILE A 67 -2.06 37.57 5.02
N CYS A 68 -2.54 37.69 6.26
CA CYS A 68 -2.23 38.85 7.09
C CYS A 68 -0.73 39.09 7.15
N GLN A 69 -0.34 40.32 7.49
CA GLN A 69 1.07 40.67 7.57
C GLN A 69 1.59 40.49 8.99
N SER A 70 0.68 40.18 9.91
CA SER A 70 1.05 39.97 11.31
C SER A 70 0.93 38.50 11.70
N CYS A 71 -0.29 38.04 11.89
CA CYS A 71 -0.55 36.65 12.26
C CYS A 71 -0.39 35.73 11.06
N GLY A 72 -0.41 36.32 9.86
CA GLY A 72 -0.28 35.54 8.65
C GLY A 72 -1.19 34.33 8.62
N LYS A 73 -2.49 34.58 8.75
CA LYS A 73 -3.48 33.51 8.74
C LYS A 73 -3.86 33.13 7.31
N GLY A 74 -4.68 33.96 6.68
CA GLY A 74 -5.09 33.69 5.30
C GLY A 74 -6.59 33.86 5.13
N PHE A 75 -6.98 34.64 4.12
CA PHE A 75 -8.39 34.87 3.83
C PHE A 75 -8.70 34.61 2.37
N SER A 76 -9.85 33.98 2.11
CA SER A 76 -10.27 33.65 0.76
C SER A 76 -10.20 34.89 -0.14
N ARG A 77 -10.86 35.96 0.30
CA ARG A 77 -10.89 37.20 -0.47
C ARG A 77 -9.98 38.25 0.17
N PRO A 78 -9.60 39.26 -0.62
CA PRO A 78 -8.73 40.35 -0.14
C PRO A 78 -9.43 41.26 0.85
N ASP A 79 -10.65 41.68 0.52
CA ASP A 79 -11.43 42.55 1.39
C ASP A 79 -11.54 41.96 2.79
N HIS A 80 -11.60 40.63 2.85
CA HIS A 80 -11.72 39.94 4.13
C HIS A 80 -10.48 40.18 5.00
N LEU A 81 -9.34 40.35 4.36
CA LEU A 81 -8.09 40.60 5.07
C LEU A 81 -8.01 42.03 5.56
N ASN A 82 -8.53 42.96 4.76
CA ASN A 82 -8.52 44.38 5.11
C ASN A 82 -9.29 44.62 6.40
N GLY A 83 -10.37 43.87 6.60
CA GLY A 83 -11.18 44.01 7.78
C GLY A 83 -10.51 43.43 9.02
N HIS A 84 -9.76 42.35 8.82
CA HIS A 84 -9.07 41.69 9.92
C HIS A 84 -7.98 42.59 10.49
N ILE A 85 -7.16 43.16 9.61
CA ILE A 85 -6.09 44.06 10.02
C ILE A 85 -6.61 45.16 10.95
N LYS A 86 -7.82 45.62 10.69
CA LYS A 86 -8.43 46.66 11.49
C LYS A 86 -9.26 46.07 12.62
N GLN A 87 -9.59 44.78 12.50
CA GLN A 87 -10.36 44.09 13.52
C GLN A 87 -9.47 43.60 14.66
N VAL A 88 -8.60 42.65 14.35
CA VAL A 88 -7.69 42.10 15.35
C VAL A 88 -6.56 43.07 15.67
N HIS A 89 -5.75 43.36 14.65
CA HIS A 89 -4.63 44.29 14.83
C HIS A 89 -5.10 45.74 14.80
N SER A 90 -6.00 46.08 15.72
CA SER A 90 -6.54 47.43 15.80
C SER A 90 -5.91 48.20 16.96
N GLY A 91 -5.50 49.44 16.68
CA GLY A 91 -4.89 50.26 17.71
C GLY A 91 -4.75 51.71 17.29
N PRO A 92 -3.79 51.98 16.40
CA PRO A 92 -3.54 53.33 15.89
C PRO A 92 -4.66 53.84 14.99
N SER A 93 -5.41 52.90 14.40
CA SER A 93 -6.51 53.26 13.52
C SER A 93 -7.85 53.11 14.23
N SER A 94 -8.82 53.92 13.84
CA SER A 94 -10.15 53.88 14.44
C SER A 94 -11.23 53.84 13.37
N GLY A 95 -12.48 53.97 13.79
CA GLY A 95 -13.60 53.95 12.85
C GLY A 95 -14.82 53.28 13.43
N GLY A 1 23.28 -29.98 -20.02
CA GLY A 1 23.52 -28.59 -19.64
C GLY A 1 22.67 -28.16 -18.47
N SER A 2 22.10 -26.96 -18.56
CA SER A 2 21.26 -26.43 -17.49
C SER A 2 20.04 -25.73 -18.06
N SER A 3 18.93 -25.81 -17.34
CA SER A 3 17.68 -25.20 -17.78
C SER A 3 16.85 -24.74 -16.59
N GLY A 4 15.98 -23.75 -16.82
CA GLY A 4 15.14 -23.25 -15.74
C GLY A 4 15.08 -21.73 -15.73
N SER A 5 13.91 -21.18 -16.06
CA SER A 5 13.73 -19.74 -16.10
C SER A 5 13.73 -19.17 -14.68
N SER A 6 14.70 -18.31 -14.40
CA SER A 6 14.81 -17.69 -13.09
C SER A 6 13.75 -16.61 -12.90
N GLY A 7 13.55 -16.19 -11.65
CA GLY A 7 12.57 -15.17 -11.35
C GLY A 7 12.42 -14.92 -9.87
N VAL A 8 11.77 -13.82 -9.52
CA VAL A 8 11.56 -13.46 -8.11
C VAL A 8 10.12 -13.74 -7.69
N ALA A 9 9.87 -13.65 -6.39
CA ALA A 9 8.54 -13.88 -5.85
C ALA A 9 8.13 -12.78 -4.88
N CYS A 10 7.04 -12.08 -5.20
CA CYS A 10 6.55 -11.01 -4.35
C CYS A 10 6.32 -11.50 -2.93
N GLU A 11 6.80 -10.73 -1.95
CA GLU A 11 6.65 -11.09 -0.54
C GLU A 11 5.44 -10.38 0.06
N ILE A 12 4.44 -10.09 -0.77
CA ILE A 12 3.23 -9.42 -0.31
C ILE A 12 1.98 -10.14 -0.80
N CYS A 13 2.02 -10.61 -2.05
CA CYS A 13 0.90 -11.32 -2.64
C CYS A 13 1.29 -12.75 -3.00
N GLY A 14 2.49 -12.91 -3.53
CA GLY A 14 2.97 -14.23 -3.92
C GLY A 14 3.01 -14.41 -5.42
N LYS A 15 3.16 -13.31 -6.15
CA LYS A 15 3.21 -13.35 -7.60
C LYS A 15 4.65 -13.44 -8.09
N ILE A 16 4.89 -14.34 -9.05
CA ILE A 16 6.22 -14.53 -9.61
C ILE A 16 6.47 -13.59 -10.78
N PHE A 17 7.66 -13.01 -10.84
CA PHE A 17 8.02 -12.09 -11.91
C PHE A 17 9.26 -12.59 -12.65
N ARG A 18 9.15 -12.68 -13.97
CA ARG A 18 10.27 -13.13 -14.80
C ARG A 18 11.49 -12.25 -14.61
N ASP A 19 11.25 -10.99 -14.25
CA ASP A 19 12.33 -10.04 -14.03
C ASP A 19 12.06 -9.18 -12.80
N VAL A 20 13.05 -8.38 -12.41
CA VAL A 20 12.92 -7.50 -11.25
C VAL A 20 12.31 -6.16 -11.65
N TYR A 21 12.65 -5.69 -12.84
CA TYR A 21 12.14 -4.41 -13.35
C TYR A 21 10.61 -4.40 -13.33
N HIS A 22 10.01 -5.57 -13.53
CA HIS A 22 8.56 -5.69 -13.53
C HIS A 22 8.01 -5.74 -12.12
N LEU A 23 8.83 -6.21 -11.18
CA LEU A 23 8.43 -6.32 -9.78
C LEU A 23 8.44 -4.95 -9.11
N ASN A 24 9.27 -4.05 -9.63
CA ASN A 24 9.38 -2.70 -9.08
C ASN A 24 8.09 -1.92 -9.28
N ARG A 25 7.64 -1.85 -10.53
CA ARG A 25 6.41 -1.13 -10.86
C ARG A 25 5.22 -1.73 -10.12
N HIS A 26 5.32 -3.02 -9.79
CA HIS A 26 4.24 -3.72 -9.09
C HIS A 26 4.18 -3.29 -7.63
N LYS A 27 5.31 -3.37 -6.94
CA LYS A 27 5.38 -2.99 -5.54
C LYS A 27 4.87 -1.57 -5.33
N LEU A 28 5.04 -0.74 -6.35
CA LEU A 28 4.59 0.65 -6.28
C LEU A 28 3.07 0.72 -6.09
N SER A 29 2.35 -0.19 -6.75
CA SER A 29 0.90 -0.23 -6.66
C SER A 29 0.46 -0.80 -5.31
N HIS A 30 1.25 -1.71 -4.77
CA HIS A 30 0.95 -2.32 -3.48
C HIS A 30 0.68 -1.26 -2.41
N SER A 31 1.71 -0.47 -2.11
CA SER A 31 1.58 0.58 -1.10
C SER A 31 2.17 1.89 -1.61
N GLY A 32 1.49 2.99 -1.33
CA GLY A 32 1.96 4.29 -1.77
C GLY A 32 1.89 5.34 -0.67
N GLU A 33 2.31 6.55 -0.99
CA GLU A 33 2.30 7.64 -0.02
C GLU A 33 1.71 8.90 -0.63
N LYS A 34 0.38 8.95 -0.71
CA LYS A 34 -0.31 10.11 -1.26
C LYS A 34 -1.82 9.96 -1.11
N PRO A 35 -2.53 11.10 -1.17
CA PRO A 35 -1.92 12.41 -1.41
C PRO A 35 -1.10 12.89 -0.20
N TYR A 36 -1.68 12.75 0.98
CA TYR A 36 -1.01 13.16 2.21
C TYR A 36 -0.88 12.00 3.18
N SER A 37 0.30 11.41 3.22
CA SER A 37 0.57 10.27 4.11
C SER A 37 1.57 10.64 5.19
N CYS A 38 1.52 9.92 6.31
CA CYS A 38 2.43 10.19 7.42
C CYS A 38 3.78 9.50 7.18
N PRO A 39 4.87 10.27 7.33
CA PRO A 39 6.23 9.75 7.15
C PRO A 39 6.64 8.79 8.26
N VAL A 40 6.12 9.01 9.46
CA VAL A 40 6.43 8.16 10.59
C VAL A 40 5.63 6.86 10.55
N CYS A 41 4.32 6.97 10.71
CA CYS A 41 3.44 5.81 10.69
C CYS A 41 3.41 5.19 9.29
N GLY A 42 2.85 5.90 8.33
CA GLY A 42 2.76 5.41 6.98
C GLY A 42 1.35 5.48 6.42
N LEU A 43 0.38 5.73 7.29
CA LEU A 43 -1.01 5.82 6.88
C LEU A 43 -1.17 6.79 5.71
N ARG A 44 -2.36 6.78 5.10
CA ARG A 44 -2.65 7.66 3.98
C ARG A 44 -3.92 8.46 4.22
N PHE A 45 -3.84 9.76 3.97
CA PHE A 45 -4.98 10.65 4.17
C PHE A 45 -5.33 11.38 2.87
N LYS A 46 -6.62 11.54 2.62
CA LYS A 46 -7.09 12.22 1.42
C LYS A 46 -7.41 13.69 1.72
N ARG A 47 -6.78 14.23 2.74
CA ARG A 47 -6.99 15.62 3.13
C ARG A 47 -5.75 16.20 3.81
N LYS A 48 -5.64 17.52 3.80
CA LYS A 48 -4.51 18.21 4.41
C LYS A 48 -4.79 18.51 5.88
N ASP A 49 -6.07 18.56 6.24
CA ASP A 49 -6.47 18.84 7.61
C ASP A 49 -6.13 17.67 8.53
N ARG A 50 -6.62 16.48 8.16
CA ARG A 50 -6.37 15.28 8.96
C ARG A 50 -4.87 15.05 9.15
N MET A 51 -4.16 14.92 8.04
CA MET A 51 -2.72 14.70 8.08
C MET A 51 -2.03 15.77 8.92
N SER A 52 -2.57 16.99 8.87
CA SER A 52 -2.00 18.11 9.63
C SER A 52 -2.15 17.88 11.13
N TYR A 53 -3.19 17.15 11.51
CA TYR A 53 -3.44 16.87 12.91
C TYR A 53 -2.84 15.53 13.32
N HIS A 54 -2.57 14.68 12.33
CA HIS A 54 -1.99 13.37 12.58
C HIS A 54 -0.46 13.47 12.67
N VAL A 55 0.13 14.17 11.71
CA VAL A 55 1.59 14.34 11.68
C VAL A 55 2.08 15.09 12.91
N ARG A 56 1.49 16.25 13.17
CA ARG A 56 1.87 17.07 14.31
C ARG A 56 1.56 16.34 15.62
N SER A 57 0.53 15.50 15.60
CA SER A 57 0.14 14.75 16.79
C SER A 57 1.31 13.95 17.33
N HIS A 58 2.24 13.59 16.45
CA HIS A 58 3.42 12.82 16.84
C HIS A 58 4.55 13.74 17.30
N ASP A 59 4.84 14.75 16.49
CA ASP A 59 5.90 15.70 16.81
C ASP A 59 5.53 16.54 18.04
N GLY A 60 6.43 17.44 18.43
CA GLY A 60 6.18 18.28 19.58
C GLY A 60 6.63 17.64 20.88
N SER A 61 7.76 16.94 20.83
CA SER A 61 8.30 16.27 22.01
C SER A 61 9.75 15.86 21.78
N VAL A 62 10.52 15.79 22.86
CA VAL A 62 11.92 15.41 22.78
C VAL A 62 12.39 14.75 24.07
N GLY A 63 13.29 13.78 23.95
CA GLY A 63 13.80 13.08 25.12
C GLY A 63 15.11 13.67 25.62
N LYS A 64 16.19 12.93 25.42
CA LYS A 64 17.52 13.38 25.84
C LYS A 64 17.85 14.75 25.26
N PRO A 65 18.76 15.47 25.91
CA PRO A 65 19.19 16.80 25.47
C PRO A 65 20.00 16.76 24.18
N TYR A 66 20.99 15.86 24.14
CA TYR A 66 21.85 15.72 22.98
C TYR A 66 21.73 14.32 22.38
N ILE A 67 21.64 14.24 21.06
CA ILE A 67 21.52 12.96 20.37
C ILE A 67 22.60 12.81 19.31
N CYS A 68 23.06 11.58 19.11
CA CYS A 68 24.09 11.30 18.11
C CYS A 68 23.71 11.89 16.75
N GLN A 69 24.72 12.08 15.91
CA GLN A 69 24.49 12.64 14.58
C GLN A 69 24.29 11.52 13.56
N SER A 70 24.47 10.28 13.99
CA SER A 70 24.31 9.13 13.11
C SER A 70 23.07 8.33 13.48
N CYS A 71 23.17 7.56 14.56
CA CYS A 71 22.07 6.75 15.03
C CYS A 71 21.01 7.61 15.73
N GLY A 72 21.40 8.81 16.11
CA GLY A 72 20.48 9.72 16.78
C GLY A 72 19.75 9.04 17.93
N LYS A 73 20.50 8.60 18.93
CA LYS A 73 19.92 7.93 20.08
C LYS A 73 19.55 8.95 21.17
N GLY A 74 20.56 9.43 21.88
CA GLY A 74 20.33 10.40 22.94
C GLY A 74 21.12 10.10 24.20
N PHE A 75 21.75 11.13 24.76
CA PHE A 75 22.55 10.96 25.96
C PHE A 75 22.29 12.10 26.95
N SER A 76 22.13 11.75 28.22
CA SER A 76 21.88 12.75 29.26
C SER A 76 22.91 13.86 29.21
N ARG A 77 24.18 13.49 29.27
CA ARG A 77 25.27 14.46 29.24
C ARG A 77 25.93 14.48 27.85
N PRO A 78 26.65 15.58 27.57
CA PRO A 78 27.33 15.76 26.28
C PRO A 78 28.52 14.82 26.13
N ASP A 79 29.36 14.76 27.16
CA ASP A 79 30.53 13.90 27.15
C ASP A 79 30.16 12.46 26.81
N HIS A 80 28.99 12.04 27.29
CA HIS A 80 28.51 10.68 27.05
C HIS A 80 28.35 10.43 25.54
N LEU A 81 28.08 11.49 24.80
CA LEU A 81 27.89 11.38 23.35
C LEU A 81 29.24 11.44 22.63
N ASN A 82 30.19 12.15 23.22
CA ASN A 82 31.53 12.28 22.64
C ASN A 82 32.23 10.93 22.57
N GLY A 83 31.92 10.07 23.54
CA GLY A 83 32.53 8.76 23.58
C GLY A 83 31.83 7.76 22.66
N HIS A 84 30.53 7.91 22.53
CA HIS A 84 29.74 7.02 21.68
C HIS A 84 30.21 7.10 20.23
N ILE A 85 30.39 8.32 19.73
CA ILE A 85 30.83 8.53 18.36
C ILE A 85 32.09 7.72 18.07
N LYS A 86 32.94 7.55 19.08
CA LYS A 86 34.17 6.80 18.92
C LYS A 86 33.95 5.33 19.28
N GLN A 87 32.94 5.06 20.08
CA GLN A 87 32.62 3.71 20.50
C GLN A 87 31.96 2.92 19.36
N VAL A 88 30.76 3.34 19.00
CA VAL A 88 30.01 2.68 17.93
C VAL A 88 30.52 3.12 16.56
N HIS A 89 30.40 4.42 16.29
CA HIS A 89 30.85 4.97 15.02
C HIS A 89 32.35 5.22 15.02
N SER A 90 32.85 5.85 13.97
CA SER A 90 34.28 6.15 13.86
C SER A 90 35.11 4.86 13.93
N GLY A 91 36.42 5.01 13.80
CA GLY A 91 37.30 3.86 13.85
C GLY A 91 38.22 3.78 12.65
N PRO A 92 39.11 2.78 12.64
CA PRO A 92 40.06 2.56 11.56
C PRO A 92 39.39 2.13 10.26
N SER A 93 39.24 3.06 9.32
CA SER A 93 38.61 2.78 8.05
C SER A 93 38.91 3.87 7.04
N SER A 94 39.67 3.53 5.99
CA SER A 94 40.02 4.49 4.96
C SER A 94 39.05 4.41 3.79
N GLY A 95 39.05 5.44 2.95
CA GLY A 95 38.17 5.47 1.81
C GLY A 95 38.54 4.44 0.76
N GLY A 1 15.77 -30.88 -12.57
CA GLY A 1 16.57 -30.82 -13.77
C GLY A 1 16.02 -29.83 -14.79
N SER A 2 15.51 -28.72 -14.31
CA SER A 2 14.95 -27.69 -15.19
C SER A 2 16.05 -26.75 -15.68
N SER A 3 16.97 -26.41 -14.80
CA SER A 3 18.07 -25.51 -15.15
C SER A 3 17.53 -24.18 -15.69
N GLY A 4 17.30 -23.24 -14.77
CA GLY A 4 16.79 -21.94 -15.17
C GLY A 4 15.32 -21.78 -14.85
N SER A 5 14.61 -21.07 -15.72
CA SER A 5 13.18 -20.83 -15.53
C SER A 5 12.92 -20.16 -14.19
N SER A 6 11.65 -19.91 -13.89
CA SER A 6 11.26 -19.26 -12.65
C SER A 6 11.83 -17.85 -12.56
N GLY A 7 11.67 -17.21 -11.41
CA GLY A 7 12.17 -15.86 -11.22
C GLY A 7 12.02 -15.37 -9.80
N VAL A 8 11.63 -14.12 -9.64
CA VAL A 8 11.46 -13.53 -8.32
C VAL A 8 10.02 -13.68 -7.84
N ALA A 9 9.85 -13.80 -6.52
CA ALA A 9 8.52 -13.94 -5.94
C ALA A 9 8.16 -12.74 -5.08
N CYS A 10 7.10 -12.04 -5.45
CA CYS A 10 6.65 -10.87 -4.71
C CYS A 10 6.48 -11.18 -3.23
N GLU A 11 7.01 -10.31 -2.38
CA GLU A 11 6.92 -10.51 -0.93
C GLU A 11 5.75 -9.73 -0.36
N ILE A 12 4.70 -9.56 -1.16
CA ILE A 12 3.51 -8.83 -0.73
C ILE A 12 2.24 -9.61 -1.04
N CYS A 13 2.22 -10.25 -2.20
CA CYS A 13 1.06 -11.04 -2.61
C CYS A 13 1.45 -12.49 -2.87
N GLY A 14 2.66 -12.69 -3.40
CA GLY A 14 3.13 -14.03 -3.68
C GLY A 14 3.11 -14.35 -5.17
N LYS A 15 3.19 -13.31 -6.00
CA LYS A 15 3.18 -13.48 -7.44
C LYS A 15 4.59 -13.55 -8.00
N ILE A 16 4.81 -14.47 -8.95
CA ILE A 16 6.13 -14.63 -9.56
C ILE A 16 6.32 -13.66 -10.72
N PHE A 17 7.55 -13.16 -10.87
CA PHE A 17 7.85 -12.23 -11.94
C PHE A 17 9.11 -12.66 -12.69
N ARG A 18 9.02 -12.72 -14.01
CA ARG A 18 10.15 -13.12 -14.85
C ARG A 18 11.32 -12.18 -14.66
N ASP A 19 11.03 -10.91 -14.40
CA ASP A 19 12.07 -9.91 -14.20
C ASP A 19 11.81 -9.11 -12.93
N VAL A 20 12.88 -8.63 -12.31
CA VAL A 20 12.77 -7.84 -11.08
C VAL A 20 12.37 -6.40 -11.39
N TYR A 21 12.91 -5.87 -12.48
CA TYR A 21 12.61 -4.50 -12.88
C TYR A 21 11.11 -4.26 -12.97
N HIS A 22 10.37 -5.31 -13.31
CA HIS A 22 8.93 -5.23 -13.44
C HIS A 22 8.26 -5.29 -12.06
N LEU A 23 8.82 -6.10 -11.17
CA LEU A 23 8.29 -6.25 -9.82
C LEU A 23 8.24 -4.91 -9.11
N ASN A 24 9.23 -4.06 -9.36
CA ASN A 24 9.29 -2.74 -8.74
C ASN A 24 7.98 -1.98 -8.94
N ARG A 25 7.58 -1.84 -10.21
CA ARG A 25 6.34 -1.13 -10.53
C ARG A 25 5.14 -1.79 -9.86
N HIS A 26 5.19 -3.12 -9.73
CA HIS A 26 4.12 -3.87 -9.10
C HIS A 26 4.02 -3.55 -7.62
N LYS A 27 5.10 -3.80 -6.89
CA LYS A 27 5.14 -3.54 -5.46
C LYS A 27 4.76 -2.09 -5.16
N LEU A 28 5.05 -1.20 -6.11
CA LEU A 28 4.74 0.21 -5.95
C LEU A 28 3.24 0.45 -5.98
N SER A 29 2.53 -0.40 -6.71
CA SER A 29 1.07 -0.28 -6.82
C SER A 29 0.39 -0.92 -5.62
N HIS A 30 1.05 -1.90 -5.00
CA HIS A 30 0.51 -2.59 -3.84
C HIS A 30 0.06 -1.59 -2.77
N SER A 31 1.02 -0.99 -2.08
CA SER A 31 0.71 -0.02 -1.04
C SER A 31 1.42 1.31 -1.31
N GLY A 32 0.62 2.38 -1.37
CA GLY A 32 1.18 3.69 -1.63
C GLY A 32 0.12 4.77 -1.66
N GLU A 33 -0.93 4.56 -2.45
CA GLU A 33 -2.02 5.53 -2.57
C GLU A 33 -3.11 5.23 -1.54
N LYS A 34 -3.07 5.93 -0.41
CA LYS A 34 -4.05 5.74 0.64
C LYS A 34 -3.78 6.69 1.81
N PRO A 35 -4.81 6.93 2.63
CA PRO A 35 -6.14 6.32 2.43
C PRO A 35 -6.86 6.88 1.20
N TYR A 36 -6.78 8.20 1.02
CA TYR A 36 -7.41 8.85 -0.10
C TYR A 36 -6.41 9.66 -0.91
N SER A 37 -5.95 9.09 -2.03
CA SER A 37 -4.98 9.75 -2.88
C SER A 37 -5.60 10.11 -4.24
N CYS A 38 -5.02 11.10 -4.90
CA CYS A 38 -5.51 11.53 -6.21
C CYS A 38 -4.98 10.63 -7.32
N PRO A 39 -5.89 10.14 -8.17
CA PRO A 39 -5.53 9.27 -9.29
C PRO A 39 -4.76 10.00 -10.38
N VAL A 40 -4.87 11.34 -10.38
CA VAL A 40 -4.18 12.15 -11.37
C VAL A 40 -2.82 12.62 -10.85
N CYS A 41 -2.85 13.46 -9.84
CA CYS A 41 -1.63 13.98 -9.24
C CYS A 41 -0.81 12.87 -8.59
N GLY A 42 -1.34 12.33 -7.49
CA GLY A 42 -0.65 11.27 -6.78
C GLY A 42 -0.52 11.54 -5.30
N LEU A 43 -0.81 12.76 -4.90
CA LEU A 43 -0.73 13.15 -3.49
C LEU A 43 -1.55 12.21 -2.62
N ARG A 44 -1.41 12.36 -1.30
CA ARG A 44 -2.13 11.53 -0.36
C ARG A 44 -2.85 12.38 0.68
N PHE A 45 -4.11 12.04 0.96
CA PHE A 45 -4.91 12.78 1.93
C PHE A 45 -5.43 11.84 3.02
N LYS A 46 -5.55 12.37 4.23
CA LYS A 46 -6.04 11.59 5.37
C LYS A 46 -7.49 11.93 5.68
N ARG A 47 -8.20 12.47 4.68
CA ARG A 47 -9.60 12.83 4.85
C ARG A 47 -10.35 12.76 3.52
N LYS A 48 -11.67 12.65 3.59
CA LYS A 48 -12.50 12.56 2.40
C LYS A 48 -12.91 13.95 1.93
N ASP A 49 -12.89 14.91 2.86
CA ASP A 49 -13.26 16.28 2.54
C ASP A 49 -12.21 16.96 1.68
N ARG A 50 -10.96 16.58 1.88
CA ARG A 50 -9.85 17.15 1.11
C ARG A 50 -9.77 16.50 -0.27
N MET A 51 -9.57 15.18 -0.30
CA MET A 51 -9.46 14.45 -1.55
C MET A 51 -10.65 14.76 -2.46
N SER A 52 -11.81 15.02 -1.85
CA SER A 52 -13.02 15.32 -2.61
C SER A 52 -12.87 16.67 -3.33
N TYR A 53 -12.42 17.67 -2.60
CA TYR A 53 -12.24 19.01 -3.17
C TYR A 53 -11.00 19.07 -4.05
N HIS A 54 -10.11 18.10 -3.86
CA HIS A 54 -8.88 18.04 -4.66
C HIS A 54 -9.12 17.34 -5.99
N VAL A 55 -9.67 16.13 -5.94
CA VAL A 55 -9.96 15.38 -7.14
C VAL A 55 -10.93 16.12 -8.05
N ARG A 56 -12.12 16.40 -7.53
CA ARG A 56 -13.14 17.10 -8.30
C ARG A 56 -12.58 18.39 -8.89
N SER A 57 -11.73 19.07 -8.13
CA SER A 57 -11.12 20.32 -8.57
C SER A 57 -10.48 20.15 -9.94
N HIS A 58 -9.99 18.94 -10.20
CA HIS A 58 -9.35 18.65 -11.48
C HIS A 58 -10.38 18.30 -12.55
N ASP A 59 -11.44 17.62 -12.15
CA ASP A 59 -12.50 17.23 -13.08
C ASP A 59 -13.41 18.42 -13.38
N GLY A 60 -13.02 19.22 -14.37
CA GLY A 60 -13.81 20.37 -14.74
C GLY A 60 -13.04 21.35 -15.61
N SER A 61 -13.25 21.27 -16.92
CA SER A 61 -12.56 22.15 -17.85
C SER A 61 -13.51 22.61 -18.97
N VAL A 62 -13.17 23.73 -19.60
CA VAL A 62 -13.98 24.26 -20.68
C VAL A 62 -13.61 23.63 -22.02
N GLY A 63 -12.39 23.91 -22.48
CA GLY A 63 -11.94 23.35 -23.74
C GLY A 63 -12.09 24.34 -24.89
N LYS A 64 -12.96 24.00 -25.83
CA LYS A 64 -13.21 24.85 -26.99
C LYS A 64 -13.92 26.13 -26.58
N PRO A 65 -13.79 27.17 -27.42
CA PRO A 65 -14.41 28.47 -27.16
C PRO A 65 -15.94 28.42 -27.31
N TYR A 66 -16.40 27.84 -28.41
CA TYR A 66 -17.83 27.73 -28.66
C TYR A 66 -18.26 26.27 -28.71
N ILE A 67 -19.40 25.98 -28.11
CA ILE A 67 -19.93 24.62 -28.08
C ILE A 67 -21.37 24.57 -28.58
N CYS A 68 -21.72 23.47 -29.24
CA CYS A 68 -23.07 23.31 -29.78
C CYS A 68 -24.12 23.57 -28.70
N GLN A 69 -25.33 23.88 -29.12
CA GLN A 69 -26.43 24.15 -28.20
C GLN A 69 -27.22 22.87 -27.90
N SER A 70 -26.89 21.80 -28.60
CA SER A 70 -27.58 20.52 -28.42
C SER A 70 -26.66 19.51 -27.76
N CYS A 71 -25.72 18.97 -28.53
CA CYS A 71 -24.77 17.98 -28.03
C CYS A 71 -23.69 18.66 -27.18
N GLY A 72 -23.55 19.97 -27.33
CA GLY A 72 -22.56 20.71 -26.58
C GLY A 72 -21.19 20.06 -26.64
N LYS A 73 -20.64 19.97 -27.84
CA LYS A 73 -19.33 19.37 -28.03
C LYS A 73 -18.22 20.41 -27.91
N GLY A 74 -18.06 21.23 -28.94
CA GLY A 74 -17.04 22.26 -28.91
C GLY A 74 -16.29 22.36 -30.22
N PHE A 75 -16.07 23.60 -30.68
CA PHE A 75 -15.36 23.83 -31.94
C PHE A 75 -14.41 25.02 -31.81
N SER A 76 -13.24 24.89 -32.40
CA SER A 76 -12.24 25.95 -32.36
C SER A 76 -12.81 27.27 -32.87
N ARG A 77 -13.32 27.25 -34.09
CA ARG A 77 -13.91 28.43 -34.70
C ARG A 77 -15.43 28.39 -34.63
N PRO A 78 -16.07 29.56 -34.77
CA PRO A 78 -17.53 29.68 -34.73
C PRO A 78 -18.20 29.06 -35.95
N ASP A 79 -17.70 29.39 -37.13
CA ASP A 79 -18.24 28.87 -38.38
C ASP A 79 -18.29 27.34 -38.34
N HIS A 80 -17.28 26.74 -37.73
CA HIS A 80 -17.21 25.28 -37.64
C HIS A 80 -18.43 24.73 -36.90
N LEU A 81 -19.02 25.55 -36.04
CA LEU A 81 -20.19 25.15 -35.28
C LEU A 81 -21.47 25.39 -36.07
N ASN A 82 -21.50 26.49 -36.81
CA ASN A 82 -22.67 26.84 -37.62
C ASN A 82 -23.04 25.71 -38.56
N GLY A 83 -22.03 25.04 -39.11
CA GLY A 83 -22.27 23.94 -40.03
C GLY A 83 -22.72 22.68 -39.30
N HIS A 84 -22.09 22.39 -38.18
CA HIS A 84 -22.43 21.21 -37.39
C HIS A 84 -23.93 21.16 -37.11
N ILE A 85 -24.47 22.27 -36.64
CA ILE A 85 -25.90 22.36 -36.33
C ILE A 85 -26.74 21.94 -37.52
N LYS A 86 -26.21 22.16 -38.72
CA LYS A 86 -26.92 21.81 -39.94
C LYS A 86 -26.56 20.40 -40.40
N GLN A 87 -25.41 19.91 -39.93
CA GLN A 87 -24.95 18.57 -40.28
C GLN A 87 -25.58 17.52 -39.38
N VAL A 88 -25.22 17.55 -38.10
CA VAL A 88 -25.75 16.60 -37.13
C VAL A 88 -27.21 16.91 -36.80
N HIS A 89 -27.46 18.14 -36.36
CA HIS A 89 -28.81 18.56 -36.02
C HIS A 89 -29.52 19.19 -37.21
N SER A 90 -29.41 18.52 -38.36
CA SER A 90 -30.03 19.02 -39.58
C SER A 90 -31.52 19.31 -39.36
N GLY A 91 -32.30 18.26 -39.17
CA GLY A 91 -33.72 18.43 -38.94
C GLY A 91 -34.42 17.12 -38.62
N PRO A 92 -34.16 16.59 -37.42
CA PRO A 92 -34.76 15.33 -36.96
C PRO A 92 -36.25 15.45 -36.68
N SER A 93 -36.90 14.34 -36.42
CA SER A 93 -38.33 14.32 -36.14
C SER A 93 -38.61 13.79 -34.74
N SER A 94 -37.67 14.02 -33.83
CA SER A 94 -37.81 13.55 -32.45
C SER A 94 -37.51 14.69 -31.47
N GLY A 95 -38.04 14.56 -30.25
CA GLY A 95 -37.82 15.57 -29.24
C GLY A 95 -38.74 15.41 -28.05
N GLY A 1 31.24 -20.45 -14.73
CA GLY A 1 30.03 -19.94 -14.11
C GLY A 1 28.79 -20.67 -14.54
N SER A 2 27.84 -19.95 -15.11
CA SER A 2 26.59 -20.55 -15.57
C SER A 2 25.69 -19.50 -16.22
N SER A 3 24.63 -19.96 -16.88
CA SER A 3 23.69 -19.06 -17.54
C SER A 3 22.25 -19.48 -17.27
N GLY A 4 21.34 -18.50 -17.30
CA GLY A 4 19.94 -18.78 -17.04
C GLY A 4 19.15 -17.53 -16.75
N SER A 5 17.84 -17.70 -16.54
CA SER A 5 16.96 -16.57 -16.25
C SER A 5 16.75 -16.42 -14.75
N SER A 6 16.07 -15.35 -14.36
CA SER A 6 15.79 -15.09 -12.96
C SER A 6 14.34 -15.44 -12.61
N GLY A 7 13.96 -15.18 -11.36
CA GLY A 7 12.60 -15.47 -10.93
C GLY A 7 12.35 -15.04 -9.49
N VAL A 8 11.86 -13.82 -9.33
CA VAL A 8 11.58 -13.28 -8.00
C VAL A 8 10.13 -13.55 -7.60
N ALA A 9 9.86 -13.51 -6.30
CA ALA A 9 8.51 -13.75 -5.79
C ALA A 9 8.09 -12.62 -4.85
N CYS A 10 6.98 -11.96 -5.19
CA CYS A 10 6.46 -10.86 -4.37
C CYS A 10 6.21 -11.33 -2.94
N GLU A 11 6.66 -10.53 -1.98
CA GLU A 11 6.48 -10.86 -0.57
C GLU A 11 5.27 -10.14 0.01
N ILE A 12 4.30 -9.85 -0.85
CA ILE A 12 3.09 -9.16 -0.43
C ILE A 12 1.83 -9.89 -0.91
N CYS A 13 1.90 -10.42 -2.13
CA CYS A 13 0.78 -11.14 -2.72
C CYS A 13 1.17 -12.58 -3.03
N GLY A 14 2.40 -12.76 -3.53
CA GLY A 14 2.87 -14.09 -3.87
C GLY A 14 2.95 -14.32 -5.36
N LYS A 15 3.11 -13.24 -6.12
CA LYS A 15 3.20 -13.33 -7.57
C LYS A 15 4.65 -13.44 -8.02
N ILE A 16 4.88 -14.22 -9.08
CA ILE A 16 6.23 -14.41 -9.60
C ILE A 16 6.47 -13.53 -10.82
N PHE A 17 7.70 -13.03 -10.95
CA PHE A 17 8.06 -12.17 -12.07
C PHE A 17 9.31 -12.69 -12.77
N ARG A 18 9.32 -12.59 -14.10
CA ARG A 18 10.44 -13.05 -14.89
C ARG A 18 11.65 -12.15 -14.70
N ASP A 19 11.40 -10.89 -14.36
CA ASP A 19 12.47 -9.92 -14.16
C ASP A 19 12.21 -9.10 -12.90
N VAL A 20 13.18 -8.26 -12.53
CA VAL A 20 13.06 -7.41 -11.35
C VAL A 20 12.44 -6.06 -11.72
N TYR A 21 12.71 -5.61 -12.93
CA TYR A 21 12.18 -4.32 -13.40
C TYR A 21 10.66 -4.34 -13.41
N HIS A 22 10.08 -5.52 -13.57
CA HIS A 22 8.63 -5.68 -13.59
C HIS A 22 8.06 -5.72 -12.18
N LEU A 23 8.76 -6.42 -11.29
CA LEU A 23 8.32 -6.54 -9.91
C LEU A 23 8.31 -5.18 -9.21
N ASN A 24 9.18 -4.28 -9.68
CA ASN A 24 9.27 -2.94 -9.11
C ASN A 24 7.98 -2.17 -9.33
N ARG A 25 7.56 -2.08 -10.59
CA ARG A 25 6.35 -1.35 -10.95
C ARG A 25 5.15 -1.91 -10.19
N HIS A 26 5.23 -3.19 -9.82
CA HIS A 26 4.14 -3.84 -9.09
C HIS A 26 4.22 -3.51 -7.60
N LYS A 27 5.43 -3.52 -7.06
CA LYS A 27 5.64 -3.22 -5.64
C LYS A 27 5.03 -1.88 -5.28
N LEU A 28 5.09 -0.93 -6.21
CA LEU A 28 4.55 0.40 -5.98
C LEU A 28 3.02 0.36 -5.90
N SER A 29 2.43 -0.65 -6.53
CA SER A 29 0.98 -0.80 -6.53
C SER A 29 0.47 -1.15 -5.13
N HIS A 30 1.34 -1.76 -4.33
CA HIS A 30 0.98 -2.14 -2.98
C HIS A 30 0.97 -0.93 -2.05
N SER A 31 -0.14 -0.18 -2.08
CA SER A 31 -0.27 1.01 -1.26
C SER A 31 -1.62 1.67 -1.47
N GLY A 32 -1.96 2.62 -0.60
CA GLY A 32 -3.24 3.31 -0.72
C GLY A 32 -3.46 3.89 -2.10
N GLU A 33 -4.71 3.91 -2.54
CA GLU A 33 -5.05 4.44 -3.85
C GLU A 33 -4.86 5.95 -3.90
N LYS A 34 -5.34 6.57 -4.97
CA LYS A 34 -5.21 8.01 -5.15
C LYS A 34 -6.54 8.62 -5.60
N PRO A 35 -6.68 9.93 -5.39
CA PRO A 35 -5.66 10.75 -4.75
C PRO A 35 -5.49 10.43 -3.27
N TYR A 36 -6.61 10.37 -2.54
CA TYR A 36 -6.59 10.08 -1.12
C TYR A 36 -7.47 8.87 -0.81
N SER A 37 -6.84 7.71 -0.65
CA SER A 37 -7.55 6.48 -0.35
C SER A 37 -7.21 5.98 1.05
N CYS A 38 -8.11 5.18 1.62
CA CYS A 38 -7.90 4.63 2.97
C CYS A 38 -7.07 3.36 2.90
N PRO A 39 -6.01 3.31 3.73
CA PRO A 39 -5.12 2.15 3.79
C PRO A 39 -5.79 0.93 4.42
N VAL A 40 -6.71 1.17 5.34
CA VAL A 40 -7.42 0.09 6.02
C VAL A 40 -8.54 -0.45 5.13
N CYS A 41 -9.56 0.36 4.90
CA CYS A 41 -10.69 -0.04 4.07
C CYS A 41 -10.25 -0.25 2.62
N GLY A 42 -9.87 0.84 1.96
CA GLY A 42 -9.44 0.77 0.58
C GLY A 42 -10.27 1.63 -0.34
N LEU A 43 -11.07 2.52 0.24
CA LEU A 43 -11.92 3.41 -0.53
C LEU A 43 -11.11 4.57 -1.11
N ARG A 44 -11.69 5.28 -2.07
CA ARG A 44 -11.03 6.42 -2.70
C ARG A 44 -11.79 7.71 -2.43
N PHE A 45 -11.06 8.76 -2.08
CA PHE A 45 -11.66 10.05 -1.80
C PHE A 45 -10.99 11.16 -2.60
N LYS A 46 -11.79 12.02 -3.20
CA LYS A 46 -11.28 13.12 -4.01
C LYS A 46 -11.19 14.40 -3.18
N ARG A 47 -11.08 14.25 -1.87
CA ARG A 47 -10.99 15.39 -0.96
C ARG A 47 -10.23 15.02 0.31
N LYS A 48 -9.44 15.96 0.82
CA LYS A 48 -8.67 15.73 2.03
C LYS A 48 -9.52 15.95 3.27
N ASP A 49 -10.61 16.69 3.12
CA ASP A 49 -11.51 16.96 4.22
C ASP A 49 -12.31 15.72 4.60
N ARG A 50 -12.37 14.76 3.68
CA ARG A 50 -13.10 13.52 3.91
C ARG A 50 -12.16 12.42 4.42
N MET A 51 -11.15 12.10 3.60
CA MET A 51 -10.19 11.07 3.95
C MET A 51 -9.61 11.33 5.34
N SER A 52 -9.45 12.60 5.68
CA SER A 52 -8.90 12.98 6.98
C SER A 52 -9.83 12.56 8.11
N TYR A 53 -11.13 12.61 7.86
CA TYR A 53 -12.12 12.24 8.85
C TYR A 53 -12.44 10.75 8.77
N HIS A 54 -12.14 10.15 7.63
CA HIS A 54 -12.39 8.72 7.41
C HIS A 54 -11.26 7.88 7.99
N VAL A 55 -10.02 8.29 7.73
CA VAL A 55 -8.86 7.57 8.22
C VAL A 55 -8.78 7.64 9.75
N ARG A 56 -8.72 8.85 10.28
CA ARG A 56 -8.64 9.05 11.72
C ARG A 56 -9.79 8.32 12.43
N SER A 57 -10.96 8.32 11.81
CA SER A 57 -12.13 7.67 12.39
C SER A 57 -11.81 6.23 12.77
N HIS A 58 -10.89 5.62 12.03
CA HIS A 58 -10.49 4.24 12.30
C HIS A 58 -9.45 4.17 13.42
N ASP A 59 -8.62 5.21 13.50
CA ASP A 59 -7.58 5.27 14.52
C ASP A 59 -7.61 6.62 15.24
N GLY A 60 -8.18 6.62 16.44
CA GLY A 60 -8.27 7.85 17.21
C GLY A 60 -7.07 8.06 18.10
N SER A 61 -7.30 8.24 19.40
CA SER A 61 -6.23 8.46 20.36
C SER A 61 -6.12 7.29 21.32
N VAL A 62 -4.89 6.97 21.72
CA VAL A 62 -4.66 5.87 22.66
C VAL A 62 -3.64 6.26 23.72
N GLY A 63 -3.81 5.73 24.92
CA GLY A 63 -2.91 6.04 26.02
C GLY A 63 -1.61 5.27 25.92
N LYS A 64 -1.55 4.12 26.60
CA LYS A 64 -0.35 3.29 26.60
C LYS A 64 0.02 2.88 25.17
N PRO A 65 1.28 2.46 24.99
CA PRO A 65 1.78 2.03 23.67
C PRO A 65 1.17 0.70 23.24
N TYR A 66 1.17 -0.27 24.14
CA TYR A 66 0.62 -1.59 23.85
C TYR A 66 -0.69 -1.82 24.60
N ILE A 67 -1.68 -2.36 23.92
CA ILE A 67 -2.97 -2.65 24.53
C ILE A 67 -3.40 -4.09 24.27
N CYS A 68 -4.12 -4.67 25.23
CA CYS A 68 -4.59 -6.04 25.11
C CYS A 68 -5.35 -6.24 23.80
N GLN A 69 -5.45 -7.49 23.37
CA GLN A 69 -6.15 -7.81 22.13
C GLN A 69 -7.62 -8.14 22.41
N SER A 70 -7.98 -8.22 23.69
CA SER A 70 -9.34 -8.53 24.09
C SER A 70 -10.03 -7.30 24.69
N CYS A 71 -9.67 -6.98 25.93
CA CYS A 71 -10.24 -5.84 26.62
C CYS A 71 -9.64 -4.54 26.11
N GLY A 72 -8.50 -4.64 25.43
CA GLY A 72 -7.84 -3.47 24.90
C GLY A 72 -7.70 -2.36 25.93
N LYS A 73 -7.08 -2.68 27.06
CA LYS A 73 -6.89 -1.72 28.13
C LYS A 73 -5.66 -0.85 27.85
N GLY A 74 -4.48 -1.41 28.06
CA GLY A 74 -3.25 -0.68 27.83
C GLY A 74 -2.28 -0.78 29.00
N PHE A 75 -1.03 -1.13 28.70
CA PHE A 75 -0.01 -1.27 29.72
C PHE A 75 1.24 -0.48 29.35
N SER A 76 1.86 0.13 30.36
CA SER A 76 3.07 0.92 30.14
C SER A 76 4.11 0.13 29.36
N ARG A 77 4.50 -1.03 29.91
CA ARG A 77 5.48 -1.89 29.27
C ARG A 77 4.81 -3.05 28.55
N PRO A 78 5.54 -3.66 27.61
CA PRO A 78 5.04 -4.79 26.83
C PRO A 78 4.88 -6.06 27.66
N ASP A 79 5.91 -6.38 28.44
CA ASP A 79 5.88 -7.56 29.30
C ASP A 79 4.66 -7.54 30.21
N HIS A 80 4.32 -6.36 30.70
CA HIS A 80 3.17 -6.21 31.59
C HIS A 80 1.90 -6.72 30.92
N LEU A 81 1.84 -6.60 29.59
CA LEU A 81 0.67 -7.05 28.85
C LEU A 81 0.72 -8.56 28.62
N ASN A 82 1.92 -9.07 28.41
CA ASN A 82 2.11 -10.51 28.18
C ASN A 82 1.53 -11.32 29.33
N GLY A 83 1.59 -10.77 30.54
CA GLY A 83 1.07 -11.45 31.70
C GLY A 83 -0.43 -11.32 31.83
N HIS A 84 -0.94 -10.13 31.53
CA HIS A 84 -2.38 -9.88 31.62
C HIS A 84 -3.16 -10.91 30.83
N ILE A 85 -2.74 -11.14 29.59
CA ILE A 85 -3.41 -12.11 28.72
C ILE A 85 -3.43 -13.50 29.37
N LYS A 86 -2.44 -13.77 30.21
CA LYS A 86 -2.35 -15.06 30.89
C LYS A 86 -3.06 -15.01 32.24
N GLN A 87 -3.35 -13.79 32.71
CA GLN A 87 -4.03 -13.61 33.98
C GLN A 87 -5.53 -13.50 33.79
N VAL A 88 -5.96 -12.41 33.15
CA VAL A 88 -7.38 -12.19 32.89
C VAL A 88 -7.92 -13.17 31.86
N HIS A 89 -7.42 -13.07 30.64
CA HIS A 89 -7.86 -13.96 29.57
C HIS A 89 -7.08 -15.27 29.60
N SER A 90 -7.10 -15.94 30.75
CA SER A 90 -6.39 -17.20 30.90
C SER A 90 -7.30 -18.37 30.56
N GLY A 91 -6.81 -19.59 30.81
CA GLY A 91 -7.59 -20.78 30.53
C GLY A 91 -7.52 -21.80 31.64
N PRO A 92 -8.32 -22.87 31.52
CA PRO A 92 -8.35 -23.95 32.52
C PRO A 92 -7.08 -24.78 32.52
N SER A 93 -6.38 -24.79 33.64
CA SER A 93 -5.15 -25.54 33.77
C SER A 93 -4.91 -25.97 35.22
N SER A 94 -5.13 -27.25 35.49
CA SER A 94 -4.95 -27.80 36.84
C SER A 94 -3.49 -28.15 37.09
N GLY A 95 -3.19 -28.51 38.33
CA GLY A 95 -1.82 -28.87 38.69
C GLY A 95 -1.76 -30.06 39.61
N GLY A 1 12.95 -22.68 -27.25
CA GLY A 1 11.85 -23.61 -27.08
C GLY A 1 11.38 -23.70 -25.65
N SER A 2 12.30 -24.01 -24.75
CA SER A 2 11.98 -24.13 -23.33
C SER A 2 13.16 -23.71 -22.45
N SER A 3 13.28 -22.42 -22.22
CA SER A 3 14.36 -21.88 -21.41
C SER A 3 14.31 -22.43 -20.00
N GLY A 4 15.15 -21.89 -19.12
CA GLY A 4 15.18 -22.35 -17.74
C GLY A 4 14.19 -21.60 -16.86
N SER A 5 14.45 -21.59 -15.56
CA SER A 5 13.56 -20.91 -14.62
C SER A 5 14.34 -19.91 -13.78
N SER A 6 13.85 -18.67 -13.74
CA SER A 6 14.49 -17.62 -12.98
C SER A 6 13.56 -16.41 -12.82
N GLY A 7 13.53 -15.85 -11.63
CA GLY A 7 12.67 -14.70 -11.37
C GLY A 7 12.60 -14.36 -9.90
N VAL A 8 11.68 -13.46 -9.55
CA VAL A 8 11.51 -13.05 -8.16
C VAL A 8 10.05 -13.19 -7.72
N ALA A 9 9.86 -13.65 -6.48
CA ALA A 9 8.52 -13.83 -5.94
C ALA A 9 8.12 -12.67 -5.04
N CYS A 10 7.07 -11.96 -5.41
CA CYS A 10 6.59 -10.83 -4.64
C CYS A 10 6.38 -11.21 -3.18
N GLU A 11 6.86 -10.36 -2.27
CA GLU A 11 6.73 -10.62 -0.85
C GLU A 11 5.53 -9.88 -0.26
N ILE A 12 4.54 -9.63 -1.11
CA ILE A 12 3.33 -8.92 -0.68
C ILE A 12 2.08 -9.71 -1.04
N CYS A 13 2.10 -10.34 -2.21
CA CYS A 13 0.97 -11.12 -2.67
C CYS A 13 1.36 -12.58 -2.91
N GLY A 14 2.59 -12.78 -3.38
CA GLY A 14 3.08 -14.11 -3.63
C GLY A 14 3.06 -14.46 -5.11
N LYS A 15 3.25 -13.46 -5.97
CA LYS A 15 3.25 -13.67 -7.40
C LYS A 15 4.68 -13.68 -7.96
N ILE A 16 4.93 -14.58 -8.89
CA ILE A 16 6.25 -14.69 -9.50
C ILE A 16 6.40 -13.76 -10.70
N PHE A 17 7.57 -13.17 -10.85
CA PHE A 17 7.83 -12.26 -11.96
C PHE A 17 9.05 -12.68 -12.75
N ARG A 18 8.93 -12.71 -14.07
CA ARG A 18 10.03 -13.12 -14.93
C ARG A 18 11.26 -12.22 -14.71
N ASP A 19 11.01 -10.94 -14.42
CA ASP A 19 12.07 -9.98 -14.18
C ASP A 19 11.79 -9.15 -12.94
N VAL A 20 12.84 -8.64 -12.31
CA VAL A 20 12.71 -7.83 -11.12
C VAL A 20 12.37 -6.38 -11.48
N TYR A 21 12.90 -5.92 -12.60
CA TYR A 21 12.66 -4.56 -13.06
C TYR A 21 11.15 -4.26 -13.12
N HIS A 22 10.37 -5.28 -13.42
CA HIS A 22 8.91 -5.13 -13.50
C HIS A 22 8.28 -5.19 -12.12
N LEU A 23 8.82 -6.06 -11.26
CA LEU A 23 8.30 -6.21 -9.91
C LEU A 23 8.26 -4.86 -9.19
N ASN A 24 9.26 -4.03 -9.44
CA ASN A 24 9.34 -2.72 -8.81
C ASN A 24 8.05 -1.94 -9.04
N ARG A 25 7.60 -1.89 -10.29
CA ARG A 25 6.38 -1.18 -10.63
C ARG A 25 5.17 -1.84 -9.99
N HIS A 26 5.27 -3.14 -9.73
CA HIS A 26 4.18 -3.88 -9.11
C HIS A 26 4.08 -3.57 -7.63
N LYS A 27 5.16 -3.84 -6.89
CA LYS A 27 5.19 -3.58 -5.47
C LYS A 27 4.83 -2.13 -5.15
N LEU A 28 5.13 -1.25 -6.10
CA LEU A 28 4.84 0.18 -5.93
C LEU A 28 3.34 0.43 -5.95
N SER A 29 2.61 -0.44 -6.63
CA SER A 29 1.17 -0.30 -6.74
C SER A 29 0.47 -0.92 -5.52
N HIS A 30 1.14 -1.89 -4.90
CA HIS A 30 0.59 -2.56 -3.73
C HIS A 30 0.18 -1.54 -2.67
N SER A 31 0.92 -0.45 -2.60
CA SER A 31 0.64 0.61 -1.62
C SER A 31 -0.80 1.12 -1.78
N GLY A 32 -1.25 1.21 -3.02
CA GLY A 32 -2.60 1.70 -3.28
C GLY A 32 -2.69 3.21 -3.27
N GLU A 33 -3.60 3.74 -2.46
CA GLU A 33 -3.78 5.18 -2.35
C GLU A 33 -4.12 5.78 -3.72
N LYS A 34 -5.34 5.55 -4.17
CA LYS A 34 -5.79 6.08 -5.46
C LYS A 34 -7.27 5.75 -5.69
N PRO A 35 -7.90 6.51 -6.60
CA PRO A 35 -7.24 7.59 -7.33
C PRO A 35 -6.90 8.77 -6.43
N TYR A 36 -7.82 9.11 -5.53
CA TYR A 36 -7.62 10.22 -4.61
C TYR A 36 -7.74 9.76 -3.16
N SER A 37 -6.60 9.58 -2.51
CA SER A 37 -6.58 9.14 -1.12
C SER A 37 -6.08 10.25 -0.20
N CYS A 38 -6.51 10.22 1.06
CA CYS A 38 -6.10 11.23 2.03
C CYS A 38 -4.73 10.88 2.63
N PRO A 39 -3.81 11.86 2.61
CA PRO A 39 -2.46 11.69 3.14
C PRO A 39 -2.44 11.57 4.66
N VAL A 40 -3.54 11.97 5.29
CA VAL A 40 -3.66 11.92 6.75
C VAL A 40 -4.33 10.62 7.19
N CYS A 41 -5.52 10.38 6.65
CA CYS A 41 -6.28 9.17 6.98
C CYS A 41 -5.77 7.96 6.18
N GLY A 42 -6.02 7.99 4.89
CA GLY A 42 -5.58 6.90 4.03
C GLY A 42 -6.70 6.35 3.17
N LEU A 43 -7.93 6.78 3.46
CA LEU A 43 -9.09 6.32 2.70
C LEU A 43 -8.91 6.59 1.21
N ARG A 44 -9.78 5.98 0.40
CA ARG A 44 -9.72 6.16 -1.04
C ARG A 44 -11.03 6.74 -1.57
N PHE A 45 -10.91 7.79 -2.38
CA PHE A 45 -12.09 8.44 -2.96
C PHE A 45 -12.07 8.35 -4.48
N LYS A 46 -13.24 8.51 -5.09
CA LYS A 46 -13.35 8.43 -6.54
C LYS A 46 -13.82 9.78 -7.11
N ARG A 47 -13.59 10.85 -6.35
CA ARG A 47 -13.99 12.18 -6.77
C ARG A 47 -13.06 13.24 -6.18
N LYS A 48 -12.61 14.16 -7.02
CA LYS A 48 -11.73 15.23 -6.58
C LYS A 48 -12.50 16.33 -5.87
N ASP A 49 -13.79 16.42 -6.16
CA ASP A 49 -14.65 17.43 -5.54
C ASP A 49 -14.95 17.07 -4.09
N ARG A 50 -14.81 15.80 -3.75
CA ARG A 50 -15.07 15.33 -2.40
C ARG A 50 -13.80 15.36 -1.56
N MET A 51 -12.80 14.59 -1.98
CA MET A 51 -11.53 14.52 -1.27
C MET A 51 -10.97 15.92 -1.03
N SER A 52 -11.28 16.84 -1.95
CA SER A 52 -10.81 18.22 -1.84
C SER A 52 -11.29 18.86 -0.53
N TYR A 53 -12.48 18.47 -0.10
CA TYR A 53 -13.05 19.01 1.14
C TYR A 53 -12.71 18.12 2.33
N HIS A 54 -12.36 16.87 2.04
CA HIS A 54 -12.01 15.92 3.09
C HIS A 54 -10.56 16.12 3.53
N VAL A 55 -9.73 16.63 2.62
CA VAL A 55 -8.33 16.87 2.92
C VAL A 55 -8.13 18.20 3.63
N ARG A 56 -8.51 19.28 2.96
CA ARG A 56 -8.37 20.62 3.53
C ARG A 56 -9.01 20.69 4.91
N SER A 57 -10.11 19.96 5.09
CA SER A 57 -10.81 19.95 6.37
C SER A 57 -9.86 19.62 7.51
N HIS A 58 -8.82 18.85 7.21
CA HIS A 58 -7.83 18.47 8.22
C HIS A 58 -6.83 19.60 8.45
N ASP A 59 -6.40 20.23 7.36
CA ASP A 59 -5.44 21.32 7.45
C ASP A 59 -6.08 22.55 8.09
N GLY A 60 -5.57 22.94 9.26
CA GLY A 60 -6.10 24.11 9.94
C GLY A 60 -5.11 24.70 10.93
N SER A 61 -3.83 24.68 10.57
CA SER A 61 -2.78 25.22 11.42
C SER A 61 -1.57 25.62 10.60
N VAL A 62 -0.55 26.14 11.29
CA VAL A 62 0.68 26.56 10.62
C VAL A 62 1.89 25.87 11.21
N GLY A 63 2.84 25.52 10.34
CA GLY A 63 4.05 24.84 10.80
C GLY A 63 5.31 25.44 10.20
N LYS A 64 5.57 25.13 8.93
CA LYS A 64 6.74 25.64 8.25
C LYS A 64 6.75 27.18 8.23
N PRO A 65 7.93 27.76 8.00
CA PRO A 65 8.09 29.22 7.95
C PRO A 65 7.43 29.83 6.72
N TYR A 66 7.67 29.22 5.56
CA TYR A 66 7.10 29.71 4.31
C TYR A 66 6.04 28.75 3.78
N ILE A 67 4.93 29.30 3.31
CA ILE A 67 3.84 28.49 2.77
C ILE A 67 3.41 29.00 1.40
N CYS A 68 2.98 28.08 0.54
CA CYS A 68 2.54 28.43 -0.80
C CYS A 68 1.48 29.54 -0.75
N GLN A 69 1.32 30.23 -1.87
CA GLN A 69 0.35 31.32 -1.96
C GLN A 69 -0.99 30.82 -2.49
N SER A 70 -1.02 29.56 -2.89
CA SER A 70 -2.23 28.95 -3.42
C SER A 70 -2.80 27.93 -2.44
N CYS A 71 -2.18 26.76 -2.39
CA CYS A 71 -2.62 25.70 -1.49
C CYS A 71 -2.19 25.99 -0.06
N GLY A 72 -1.24 26.90 0.11
CA GLY A 72 -0.76 27.25 1.43
C GLY A 72 -0.42 26.02 2.26
N LYS A 73 0.50 25.21 1.76
CA LYS A 73 0.92 24.00 2.46
C LYS A 73 2.02 24.32 3.48
N GLY A 74 3.23 24.52 2.98
CA GLY A 74 4.35 24.83 3.86
C GLY A 74 5.58 24.01 3.54
N PHE A 75 6.72 24.67 3.40
CA PHE A 75 7.97 24.00 3.09
C PHE A 75 9.07 24.42 4.06
N SER A 76 9.90 23.47 4.46
CA SER A 76 10.99 23.74 5.40
C SER A 76 11.85 24.90 4.89
N ARG A 77 12.38 24.76 3.68
CA ARG A 77 13.22 25.80 3.10
C ARG A 77 12.44 26.58 2.04
N PRO A 78 12.94 27.79 1.71
CA PRO A 78 12.31 28.66 0.71
C PRO A 78 12.45 28.12 -0.70
N ASP A 79 13.66 27.70 -1.06
CA ASP A 79 13.92 27.16 -2.39
C ASP A 79 12.96 26.02 -2.71
N HIS A 80 12.54 25.30 -1.67
CA HIS A 80 11.62 24.18 -1.83
C HIS A 80 10.25 24.67 -2.31
N LEU A 81 9.82 25.82 -1.80
CA LEU A 81 8.54 26.39 -2.18
C LEU A 81 8.57 26.92 -3.60
N ASN A 82 9.71 27.49 -3.99
CA ASN A 82 9.88 28.03 -5.34
C ASN A 82 9.63 26.96 -6.39
N GLY A 83 10.04 25.74 -6.09
CA GLY A 83 9.85 24.64 -7.03
C GLY A 83 8.41 24.16 -7.08
N HIS A 84 7.74 24.17 -5.94
CA HIS A 84 6.35 23.74 -5.85
C HIS A 84 5.45 24.62 -6.72
N ILE A 85 5.75 25.91 -6.76
CA ILE A 85 4.99 26.86 -7.55
C ILE A 85 5.30 26.71 -9.03
N LYS A 86 6.46 26.17 -9.34
CA LYS A 86 6.89 25.97 -10.72
C LYS A 86 6.47 24.60 -11.23
N GLN A 87 6.20 23.69 -10.30
CA GLN A 87 5.79 22.33 -10.65
C GLN A 87 4.29 22.16 -10.49
N VAL A 88 3.81 22.23 -9.24
CA VAL A 88 2.39 22.08 -8.95
C VAL A 88 1.57 23.14 -9.68
N HIS A 89 1.69 24.39 -9.22
CA HIS A 89 0.96 25.50 -9.82
C HIS A 89 1.68 26.01 -11.07
N SER A 90 1.73 25.18 -12.11
CA SER A 90 2.39 25.54 -13.35
C SER A 90 1.51 25.22 -14.55
N GLY A 91 1.19 26.25 -15.34
CA GLY A 91 0.35 26.04 -16.51
C GLY A 91 0.23 27.30 -17.36
N PRO A 92 -0.73 27.30 -18.29
CA PRO A 92 -0.96 28.44 -19.18
C PRO A 92 -1.55 29.63 -18.44
N SER A 93 -1.01 30.82 -18.72
CA SER A 93 -1.48 32.05 -18.07
C SER A 93 -2.48 32.78 -18.96
N SER A 94 -1.96 33.39 -20.03
CA SER A 94 -2.81 34.13 -20.96
C SER A 94 -3.44 33.19 -21.99
N GLY A 95 -4.30 33.75 -22.84
CA GLY A 95 -4.95 32.95 -23.86
C GLY A 95 -4.87 33.58 -25.24
N GLY A 1 29.00 -20.78 -19.21
CA GLY A 1 28.10 -20.05 -18.34
C GLY A 1 27.13 -20.96 -17.62
N SER A 2 25.96 -21.18 -18.21
CA SER A 2 24.94 -22.03 -17.61
C SER A 2 24.46 -21.44 -16.29
N SER A 3 24.16 -20.14 -16.29
CA SER A 3 23.70 -19.46 -15.10
C SER A 3 22.85 -18.25 -15.46
N GLY A 4 21.80 -18.01 -14.68
CA GLY A 4 20.92 -16.88 -14.94
C GLY A 4 19.64 -16.94 -14.13
N SER A 5 19.56 -16.13 -13.09
CA SER A 5 18.38 -16.10 -12.23
C SER A 5 17.26 -15.29 -12.88
N SER A 6 16.05 -15.82 -12.79
CA SER A 6 14.89 -15.15 -13.38
C SER A 6 13.60 -15.71 -12.80
N GLY A 7 12.88 -14.89 -12.03
CA GLY A 7 11.64 -15.32 -11.43
C GLY A 7 11.57 -15.02 -9.95
N VAL A 8 11.43 -13.75 -9.60
CA VAL A 8 11.36 -13.34 -8.21
C VAL A 8 9.92 -13.33 -7.71
N ALA A 9 9.70 -13.93 -6.54
CA ALA A 9 8.36 -13.99 -5.97
C ALA A 9 8.12 -12.80 -5.04
N CYS A 10 6.92 -12.24 -5.11
CA CYS A 10 6.56 -11.10 -4.28
C CYS A 10 6.43 -11.51 -2.81
N GLU A 11 6.90 -10.65 -1.91
CA GLU A 11 6.84 -10.93 -0.48
C GLU A 11 5.61 -10.26 0.14
N ILE A 12 4.59 -10.05 -0.67
CA ILE A 12 3.35 -9.43 -0.20
C ILE A 12 2.13 -10.21 -0.65
N CYS A 13 2.05 -10.49 -1.95
CA CYS A 13 0.93 -11.25 -2.51
C CYS A 13 1.37 -12.65 -2.91
N GLY A 14 2.66 -12.81 -3.20
CA GLY A 14 3.18 -14.11 -3.60
C GLY A 14 3.11 -14.32 -5.10
N LYS A 15 3.45 -13.30 -5.86
CA LYS A 15 3.42 -13.38 -7.32
C LYS A 15 4.83 -13.35 -7.90
N ILE A 16 5.12 -14.28 -8.80
CA ILE A 16 6.42 -14.37 -9.43
C ILE A 16 6.51 -13.45 -10.64
N PHE A 17 7.69 -12.89 -10.88
CA PHE A 17 7.90 -11.99 -12.01
C PHE A 17 9.12 -12.43 -12.83
N ARG A 18 8.92 -12.58 -14.13
CA ARG A 18 9.98 -13.00 -15.03
C ARG A 18 11.21 -12.10 -14.88
N ASP A 19 10.96 -10.82 -14.57
CA ASP A 19 12.03 -9.86 -14.40
C ASP A 19 11.85 -9.07 -13.11
N VAL A 20 12.94 -8.47 -12.63
CA VAL A 20 12.90 -7.69 -11.40
C VAL A 20 12.29 -6.31 -11.64
N TYR A 21 12.64 -5.71 -12.79
CA TYR A 21 12.13 -4.39 -13.14
C TYR A 21 10.60 -4.36 -13.10
N HIS A 22 9.99 -5.50 -13.43
CA HIS A 22 8.53 -5.60 -13.43
C HIS A 22 8.01 -5.73 -12.01
N LEU A 23 8.84 -6.24 -11.11
CA LEU A 23 8.45 -6.42 -9.71
C LEU A 23 8.50 -5.10 -8.96
N ASN A 24 9.36 -4.19 -9.42
CA ASN A 24 9.49 -2.88 -8.80
C ASN A 24 8.24 -2.05 -8.99
N ARG A 25 7.78 -1.95 -10.23
CA ARG A 25 6.58 -1.19 -10.56
C ARG A 25 5.36 -1.79 -9.89
N HIS A 26 5.42 -3.08 -9.59
CA HIS A 26 4.31 -3.79 -8.96
C HIS A 26 4.19 -3.39 -7.49
N LYS A 27 5.29 -3.51 -6.75
CA LYS A 27 5.31 -3.17 -5.34
C LYS A 27 5.02 -1.68 -5.14
N LEU A 28 5.26 -0.89 -6.19
CA LEU A 28 5.03 0.55 -6.13
C LEU A 28 3.62 0.85 -5.62
N SER A 29 2.62 0.45 -6.40
CA SER A 29 1.23 0.68 -6.03
C SER A 29 0.63 -0.56 -5.37
N HIS A 30 0.95 -1.72 -5.93
CA HIS A 30 0.44 -2.98 -5.40
C HIS A 30 -1.08 -2.94 -5.24
N SER A 31 -1.75 -2.31 -6.20
CA SER A 31 -3.20 -2.19 -6.17
C SER A 31 -3.86 -3.30 -7.00
N GLY A 32 -3.51 -3.35 -8.28
CA GLY A 32 -4.08 -4.36 -9.15
C GLY A 32 -5.37 -3.92 -9.80
N GLU A 33 -5.27 -3.20 -10.91
CA GLU A 33 -6.44 -2.71 -11.63
C GLU A 33 -6.25 -2.84 -13.13
N LYS A 34 -6.36 -4.07 -13.64
CA LYS A 34 -6.20 -4.32 -15.07
C LYS A 34 -6.53 -5.78 -15.39
N PRO A 35 -6.83 -6.05 -16.67
CA PRO A 35 -6.87 -5.01 -17.71
C PRO A 35 -8.03 -4.05 -17.52
N TYR A 36 -9.22 -4.61 -17.27
CA TYR A 36 -10.41 -3.80 -17.08
C TYR A 36 -11.05 -4.09 -15.72
N SER A 37 -10.77 -3.23 -14.75
CA SER A 37 -11.30 -3.39 -13.41
C SER A 37 -12.27 -2.26 -13.06
N CYS A 38 -13.18 -2.51 -12.14
CA CYS A 38 -14.16 -1.52 -11.72
C CYS A 38 -13.56 -0.58 -10.69
N PRO A 39 -13.71 0.73 -10.92
CA PRO A 39 -13.19 1.76 -10.02
C PRO A 39 -13.96 1.83 -8.71
N VAL A 40 -15.24 1.48 -8.76
CA VAL A 40 -16.09 1.49 -7.57
C VAL A 40 -15.86 0.24 -6.72
N CYS A 41 -16.22 -0.92 -7.28
CA CYS A 41 -16.06 -2.18 -6.58
C CYS A 41 -14.57 -2.54 -6.42
N GLY A 42 -13.94 -2.83 -7.55
CA GLY A 42 -12.52 -3.19 -7.53
C GLY A 42 -12.24 -4.49 -8.26
N LEU A 43 -13.30 -5.21 -8.59
CA LEU A 43 -13.16 -6.48 -9.30
C LEU A 43 -12.29 -6.33 -10.54
N ARG A 44 -11.91 -7.45 -11.14
CA ARG A 44 -11.08 -7.44 -12.34
C ARG A 44 -11.73 -8.23 -13.46
N PHE A 45 -11.75 -7.66 -14.66
CA PHE A 45 -12.35 -8.31 -15.82
C PHE A 45 -11.35 -8.39 -16.96
N LYS A 46 -11.29 -9.54 -17.62
CA LYS A 46 -10.38 -9.75 -18.73
C LYS A 46 -11.10 -9.51 -20.06
N ARG A 47 -12.17 -8.72 -20.02
CA ARG A 47 -12.93 -8.40 -21.21
C ARG A 47 -13.63 -7.06 -21.08
N LYS A 48 -13.85 -6.40 -22.21
CA LYS A 48 -14.51 -5.10 -22.21
C LYS A 48 -16.02 -5.25 -22.33
N ASP A 49 -16.47 -6.46 -22.63
CA ASP A 49 -17.90 -6.75 -22.76
C ASP A 49 -18.54 -6.92 -21.40
N ARG A 50 -17.73 -7.28 -20.41
CA ARG A 50 -18.23 -7.48 -19.04
C ARG A 50 -18.12 -6.20 -18.23
N MET A 51 -16.90 -5.67 -18.15
CA MET A 51 -16.65 -4.44 -17.39
C MET A 51 -17.59 -3.32 -17.86
N SER A 52 -17.88 -3.30 -19.16
CA SER A 52 -18.75 -2.28 -19.72
C SER A 52 -20.17 -2.42 -19.19
N TYR A 53 -20.54 -3.65 -18.82
CA TYR A 53 -21.87 -3.93 -18.29
C TYR A 53 -21.87 -3.88 -16.76
N HIS A 54 -20.70 -4.05 -16.16
CA HIS A 54 -20.56 -4.03 -14.71
C HIS A 54 -20.42 -2.61 -14.20
N VAL A 55 -19.56 -1.83 -14.86
CA VAL A 55 -19.33 -0.44 -14.46
C VAL A 55 -20.61 0.39 -14.61
N ARG A 56 -21.22 0.32 -15.79
CA ARG A 56 -22.45 1.07 -16.05
C ARG A 56 -23.59 0.55 -15.17
N SER A 57 -23.56 -0.74 -14.86
CA SER A 57 -24.59 -1.35 -14.03
C SER A 57 -24.79 -0.57 -12.74
N HIS A 58 -23.71 0.06 -12.27
CA HIS A 58 -23.76 0.84 -11.03
C HIS A 58 -24.35 2.22 -11.29
N ASP A 59 -24.04 2.79 -12.46
CA ASP A 59 -24.54 4.10 -12.83
C ASP A 59 -26.04 4.06 -13.11
N GLY A 60 -26.81 4.82 -12.35
CA GLY A 60 -28.25 4.85 -12.54
C GLY A 60 -28.83 6.24 -12.33
N SER A 61 -28.24 7.22 -13.00
CA SER A 61 -28.71 8.60 -12.89
C SER A 61 -28.12 9.46 -14.00
N VAL A 62 -28.99 10.03 -14.83
CA VAL A 62 -28.55 10.88 -15.94
C VAL A 62 -27.81 12.10 -15.43
N GLY A 63 -28.47 12.88 -14.59
CA GLY A 63 -27.84 14.08 -14.05
C GLY A 63 -28.17 15.33 -14.84
N LYS A 64 -27.36 15.60 -15.87
CA LYS A 64 -27.57 16.77 -16.71
C LYS A 64 -28.06 16.35 -18.10
N PRO A 65 -28.76 17.27 -18.77
CA PRO A 65 -29.30 17.03 -20.12
C PRO A 65 -28.20 16.94 -21.17
N TYR A 66 -27.28 17.90 -21.14
CA TYR A 66 -26.19 17.93 -22.10
C TYR A 66 -24.88 17.45 -21.45
N ILE A 67 -24.21 16.52 -22.10
CA ILE A 67 -22.96 15.98 -21.59
C ILE A 67 -21.85 16.10 -22.64
N CYS A 68 -20.62 16.30 -22.16
CA CYS A 68 -19.47 16.43 -23.05
C CYS A 68 -19.40 15.26 -24.03
N GLN A 69 -18.70 15.45 -25.14
CA GLN A 69 -18.56 14.42 -26.15
C GLN A 69 -17.32 13.58 -25.91
N SER A 70 -16.50 14.00 -24.94
CA SER A 70 -15.27 13.30 -24.61
C SER A 70 -15.39 12.60 -23.26
N CYS A 71 -15.30 13.39 -22.19
CA CYS A 71 -15.40 12.84 -20.84
C CYS A 71 -16.85 12.52 -20.48
N GLY A 72 -17.78 13.07 -21.26
CA GLY A 72 -19.19 12.83 -21.00
C GLY A 72 -19.57 13.02 -19.55
N LYS A 73 -19.33 14.23 -19.03
CA LYS A 73 -19.65 14.55 -17.65
C LYS A 73 -21.10 14.99 -17.51
N GLY A 74 -21.38 16.22 -17.91
CA GLY A 74 -22.72 16.75 -17.83
C GLY A 74 -22.78 18.14 -17.21
N PHE A 75 -23.52 19.04 -17.84
CA PHE A 75 -23.64 20.41 -17.36
C PHE A 75 -25.09 20.88 -17.39
N SER A 76 -25.47 21.66 -16.40
CA SER A 76 -26.84 22.17 -16.32
C SER A 76 -27.25 22.84 -17.62
N ARG A 77 -26.52 23.90 -17.98
CA ARG A 77 -26.81 24.64 -19.21
C ARG A 77 -25.87 24.22 -20.32
N PRO A 78 -26.27 24.51 -21.58
CA PRO A 78 -25.47 24.16 -22.76
C PRO A 78 -24.20 24.99 -22.87
N ASP A 79 -24.34 26.30 -22.67
CA ASP A 79 -23.21 27.21 -22.75
C ASP A 79 -22.10 26.77 -21.80
N HIS A 80 -22.48 26.16 -20.68
CA HIS A 80 -21.51 25.69 -19.69
C HIS A 80 -20.67 24.55 -20.26
N LEU A 81 -21.25 23.79 -21.18
CA LEU A 81 -20.54 22.67 -21.80
C LEU A 81 -19.65 23.16 -22.94
N ASN A 82 -20.09 24.22 -23.61
CA ASN A 82 -19.32 24.78 -24.72
C ASN A 82 -17.94 25.23 -24.26
N GLY A 83 -17.88 25.83 -23.07
CA GLY A 83 -16.62 26.30 -22.54
C GLY A 83 -15.71 25.17 -22.10
N HIS A 84 -16.30 24.16 -21.46
CA HIS A 84 -15.55 23.01 -20.99
C HIS A 84 -14.71 22.41 -22.10
N ILE A 85 -15.31 22.22 -23.26
CA ILE A 85 -14.63 21.66 -24.42
C ILE A 85 -13.33 22.42 -24.69
N LYS A 86 -13.33 23.71 -24.41
CA LYS A 86 -12.16 24.55 -24.62
C LYS A 86 -11.29 24.61 -23.38
N GLN A 87 -11.90 24.35 -22.22
CA GLN A 87 -11.19 24.37 -20.96
C GLN A 87 -10.34 23.11 -20.79
N VAL A 88 -11.01 21.97 -20.65
CA VAL A 88 -10.33 20.69 -20.49
C VAL A 88 -9.78 20.18 -21.80
N HIS A 89 -10.68 19.93 -22.75
CA HIS A 89 -10.28 19.44 -24.07
C HIS A 89 -9.84 20.60 -24.97
N SER A 90 -9.62 20.30 -26.25
CA SER A 90 -9.20 21.30 -27.21
C SER A 90 -7.85 21.89 -26.82
N GLY A 91 -6.78 21.19 -27.15
CA GLY A 91 -5.44 21.65 -26.83
C GLY A 91 -4.36 20.71 -27.30
N PRO A 92 -3.10 21.07 -27.04
CA PRO A 92 -1.94 20.25 -27.44
C PRO A 92 -1.85 18.96 -26.66
N SER A 93 -2.36 18.97 -25.43
CA SER A 93 -2.33 17.79 -24.57
C SER A 93 -3.24 16.70 -25.11
N SER A 94 -2.65 15.70 -25.76
CA SER A 94 -3.42 14.60 -26.33
C SER A 94 -2.54 13.37 -26.54
N GLY A 95 -2.69 12.39 -25.66
CA GLY A 95 -1.90 11.18 -25.77
C GLY A 95 -2.41 10.08 -24.87
N GLY A 1 6.02 -35.16 -13.09
CA GLY A 1 7.32 -34.82 -13.66
C GLY A 1 8.15 -33.98 -12.72
N SER A 2 9.35 -33.60 -13.16
CA SER A 2 10.25 -32.79 -12.35
C SER A 2 10.79 -31.61 -13.15
N SER A 3 10.39 -30.40 -12.75
CA SER A 3 10.83 -29.20 -13.43
C SER A 3 11.09 -28.07 -12.42
N GLY A 4 11.64 -26.97 -12.92
CA GLY A 4 11.93 -25.84 -12.05
C GLY A 4 11.52 -24.51 -12.67
N SER A 5 11.21 -23.53 -11.82
CA SER A 5 10.80 -22.22 -12.29
C SER A 5 11.76 -21.14 -11.80
N SER A 6 11.79 -20.02 -12.51
CA SER A 6 12.67 -18.91 -12.14
C SER A 6 11.90 -17.60 -12.10
N GLY A 7 12.42 -16.64 -11.34
CA GLY A 7 11.77 -15.35 -11.22
C GLY A 7 11.69 -14.87 -9.77
N VAL A 8 11.28 -13.62 -9.60
CA VAL A 8 11.17 -13.04 -8.27
C VAL A 8 9.78 -13.26 -7.68
N ALA A 9 9.73 -13.80 -6.47
CA ALA A 9 8.46 -14.04 -5.80
C ALA A 9 8.11 -12.93 -4.82
N CYS A 10 7.02 -12.23 -5.09
CA CYS A 10 6.58 -11.13 -4.23
C CYS A 10 6.36 -11.61 -2.80
N GLU A 11 6.87 -10.85 -1.84
CA GLU A 11 6.73 -11.20 -0.43
C GLU A 11 5.54 -10.47 0.19
N ILE A 12 4.55 -10.14 -0.64
CA ILE A 12 3.36 -9.45 -0.17
C ILE A 12 2.09 -10.16 -0.64
N CYS A 13 2.11 -10.65 -1.86
CA CYS A 13 0.96 -11.35 -2.43
C CYS A 13 1.34 -12.78 -2.81
N GLY A 14 2.53 -12.95 -3.37
CA GLY A 14 2.98 -14.27 -3.78
C GLY A 14 3.00 -14.45 -5.28
N LYS A 15 3.14 -13.34 -6.00
CA LYS A 15 3.18 -13.37 -7.46
C LYS A 15 4.62 -13.49 -7.96
N ILE A 16 4.81 -14.28 -9.01
CA ILE A 16 6.14 -14.48 -9.59
C ILE A 16 6.36 -13.53 -10.77
N PHE A 17 7.60 -13.05 -10.90
CA PHE A 17 7.94 -12.14 -11.98
C PHE A 17 9.14 -12.66 -12.77
N ARG A 18 9.09 -12.51 -14.09
CA ARG A 18 10.17 -12.97 -14.95
C ARG A 18 11.42 -12.10 -14.78
N ASP A 19 11.21 -10.85 -14.36
CA ASP A 19 12.31 -9.92 -14.16
C ASP A 19 12.07 -9.08 -12.90
N VAL A 20 13.12 -8.38 -12.46
CA VAL A 20 13.03 -7.54 -11.27
C VAL A 20 12.46 -6.17 -11.62
N TYR A 21 12.86 -5.65 -12.77
CA TYR A 21 12.39 -4.33 -13.21
C TYR A 21 10.87 -4.27 -13.23
N HIS A 22 10.24 -5.42 -13.43
CA HIS A 22 8.78 -5.50 -13.47
C HIS A 22 8.21 -5.48 -12.05
N LEU A 23 8.82 -6.24 -11.15
CA LEU A 23 8.36 -6.32 -9.77
C LEU A 23 8.31 -4.92 -9.15
N ASN A 24 9.21 -4.04 -9.58
CA ASN A 24 9.26 -2.68 -9.07
C ASN A 24 7.93 -1.97 -9.28
N ARG A 25 7.49 -1.90 -10.54
CA ARG A 25 6.24 -1.25 -10.88
C ARG A 25 5.08 -1.83 -10.06
N HIS A 26 5.20 -3.11 -9.71
CA HIS A 26 4.17 -3.78 -8.93
C HIS A 26 4.22 -3.33 -7.47
N LYS A 27 5.41 -3.36 -6.89
CA LYS A 27 5.58 -2.96 -5.50
C LYS A 27 5.05 -1.55 -5.26
N LEU A 28 5.21 -0.68 -6.26
CA LEU A 28 4.74 0.69 -6.16
C LEU A 28 3.22 0.76 -6.25
N SER A 29 2.63 -0.24 -6.90
CA SER A 29 1.17 -0.29 -7.05
C SER A 29 0.53 -0.96 -5.85
N HIS A 30 1.28 -1.83 -5.18
CA HIS A 30 0.79 -2.53 -4.01
C HIS A 30 0.19 -1.57 -2.99
N SER A 31 0.78 -0.37 -2.91
CA SER A 31 0.31 0.65 -1.98
C SER A 31 0.52 2.05 -2.55
N GLY A 32 -0.13 3.03 -1.94
CA GLY A 32 -0.01 4.40 -2.40
C GLY A 32 -1.29 4.93 -3.02
N GLU A 33 -2.42 4.32 -2.65
CA GLU A 33 -3.71 4.73 -3.16
C GLU A 33 -4.83 4.39 -2.17
N LYS A 34 -5.16 5.35 -1.31
CA LYS A 34 -6.20 5.15 -0.32
C LYS A 34 -6.40 6.41 0.53
N PRO A 35 -7.56 6.52 1.17
CA PRO A 35 -8.62 5.50 1.07
C PRO A 35 -9.26 5.46 -0.31
N TYR A 36 -9.55 6.65 -0.85
CA TYR A 36 -10.17 6.75 -2.17
C TYR A 36 -9.30 7.55 -3.12
N SER A 37 -8.54 6.84 -3.95
CA SER A 37 -7.66 7.48 -4.92
C SER A 37 -8.13 7.23 -6.35
N CYS A 38 -7.72 8.10 -7.26
CA CYS A 38 -8.11 7.98 -8.66
C CYS A 38 -7.19 7.00 -9.39
N PRO A 39 -7.80 6.04 -10.10
CA PRO A 39 -7.07 5.02 -10.86
C PRO A 39 -6.36 5.60 -12.07
N VAL A 40 -6.81 6.77 -12.52
CA VAL A 40 -6.21 7.44 -13.67
C VAL A 40 -5.10 8.38 -13.24
N CYS A 41 -5.47 9.42 -12.49
CA CYS A 41 -4.50 10.40 -12.02
C CYS A 41 -3.58 9.79 -10.97
N GLY A 42 -4.13 9.49 -9.79
CA GLY A 42 -3.34 8.91 -8.73
C GLY A 42 -3.50 9.65 -7.42
N LEU A 43 -4.14 10.81 -7.48
CA LEU A 43 -4.36 11.63 -6.28
C LEU A 43 -5.09 10.82 -5.20
N ARG A 44 -5.07 11.34 -3.98
CA ARG A 44 -5.73 10.67 -2.86
C ARG A 44 -6.84 11.55 -2.29
N PHE A 45 -7.99 10.93 -2.01
CA PHE A 45 -9.14 11.66 -1.45
C PHE A 45 -9.66 10.96 -0.20
N LYS A 46 -9.92 11.75 0.84
CA LYS A 46 -10.43 11.21 2.09
C LYS A 46 -11.95 11.32 2.16
N ARG A 47 -12.58 11.35 0.99
CA ARG A 47 -14.03 11.45 0.91
C ARG A 47 -14.55 10.78 -0.36
N LYS A 48 -15.71 10.13 -0.23
CA LYS A 48 -16.32 9.44 -1.37
C LYS A 48 -17.16 10.41 -2.20
N ASP A 49 -17.55 11.52 -1.58
CA ASP A 49 -18.37 12.53 -2.26
C ASP A 49 -17.53 13.31 -3.27
N ARG A 50 -16.21 13.23 -3.12
CA ARG A 50 -15.30 13.93 -4.01
C ARG A 50 -14.78 13.00 -5.11
N MET A 51 -14.12 11.93 -4.70
CA MET A 51 -13.57 10.96 -5.64
C MET A 51 -14.64 10.48 -6.62
N SER A 52 -15.88 10.40 -6.13
CA SER A 52 -16.99 9.96 -6.97
C SER A 52 -17.23 10.94 -8.12
N TYR A 53 -17.01 12.22 -7.85
CA TYR A 53 -17.20 13.26 -8.86
C TYR A 53 -15.92 13.50 -9.65
N HIS A 54 -14.79 13.10 -9.06
CA HIS A 54 -13.50 13.26 -9.71
C HIS A 54 -13.25 12.14 -10.73
N VAL A 55 -13.57 10.92 -10.34
CA VAL A 55 -13.38 9.76 -11.21
C VAL A 55 -14.29 9.84 -12.43
N ARG A 56 -15.58 10.03 -12.18
CA ARG A 56 -16.56 10.13 -13.26
C ARG A 56 -16.24 11.31 -14.17
N SER A 57 -15.73 12.39 -13.60
CA SER A 57 -15.39 13.59 -14.35
C SER A 57 -14.51 13.23 -15.55
N HIS A 58 -13.71 12.18 -15.40
CA HIS A 58 -12.82 11.74 -16.47
C HIS A 58 -13.56 10.88 -17.48
N ASP A 59 -14.42 9.99 -16.98
CA ASP A 59 -15.20 9.10 -17.83
C ASP A 59 -16.05 9.91 -18.81
N GLY A 60 -15.94 9.59 -20.09
CA GLY A 60 -16.71 10.29 -21.10
C GLY A 60 -16.97 9.43 -22.32
N SER A 61 -15.96 8.67 -22.75
CA SER A 61 -16.10 7.81 -23.91
C SER A 61 -16.96 6.59 -23.60
N VAL A 62 -16.42 5.69 -22.79
CA VAL A 62 -17.16 4.48 -22.40
C VAL A 62 -16.80 4.05 -20.97
N GLY A 63 -15.59 3.57 -20.79
CA GLY A 63 -15.15 3.14 -19.47
C GLY A 63 -15.25 1.64 -19.29
N LYS A 64 -16.41 1.19 -18.79
CA LYS A 64 -16.64 -0.23 -18.56
C LYS A 64 -17.01 -0.94 -19.86
N PRO A 65 -16.71 -2.24 -19.93
CA PRO A 65 -17.00 -3.06 -21.11
C PRO A 65 -18.50 -3.28 -21.31
N TYR A 66 -19.18 -3.66 -20.24
CA TYR A 66 -20.62 -3.90 -20.30
C TYR A 66 -21.41 -2.68 -19.84
N ILE A 67 -22.40 -2.29 -20.63
CA ILE A 67 -23.23 -1.13 -20.30
C ILE A 67 -24.71 -1.47 -20.40
N CYS A 68 -25.51 -0.84 -19.55
CA CYS A 68 -26.95 -1.06 -19.55
C CYS A 68 -27.53 -0.90 -20.95
N GLN A 69 -28.70 -1.49 -21.17
CA GLN A 69 -29.36 -1.41 -22.47
C GLN A 69 -30.33 -0.23 -22.52
N SER A 70 -30.52 0.42 -21.38
CA SER A 70 -31.42 1.56 -21.28
C SER A 70 -30.64 2.86 -21.09
N CYS A 71 -30.15 3.07 -19.88
CA CYS A 71 -29.39 4.27 -19.56
C CYS A 71 -27.96 4.17 -20.12
N GLY A 72 -27.54 2.96 -20.47
CA GLY A 72 -26.22 2.75 -21.00
C GLY A 72 -25.15 3.42 -20.16
N LYS A 73 -25.13 3.11 -18.87
CA LYS A 73 -24.15 3.68 -17.96
C LYS A 73 -22.82 2.95 -18.06
N GLY A 74 -22.76 1.76 -17.48
CA GLY A 74 -21.54 0.97 -17.51
C GLY A 74 -21.12 0.49 -16.14
N PHE A 75 -20.91 -0.82 -16.02
CA PHE A 75 -20.50 -1.40 -14.74
C PHE A 75 -19.23 -2.24 -14.91
N SER A 76 -18.38 -2.22 -13.89
CA SER A 76 -17.12 -2.97 -13.93
C SER A 76 -17.38 -4.42 -14.28
N ARG A 77 -18.22 -5.08 -13.49
CA ARG A 77 -18.54 -6.49 -13.72
C ARG A 77 -19.91 -6.63 -14.40
N PRO A 78 -20.15 -7.80 -15.01
CA PRO A 78 -21.40 -8.08 -15.70
C PRO A 78 -22.57 -8.25 -14.73
N ASP A 79 -22.35 -9.05 -13.69
CA ASP A 79 -23.39 -9.29 -12.68
C ASP A 79 -23.92 -7.98 -12.11
N HIS A 80 -23.01 -7.02 -11.92
CA HIS A 80 -23.37 -5.72 -11.37
C HIS A 80 -24.39 -5.03 -12.27
N LEU A 81 -24.36 -5.35 -13.55
CA LEU A 81 -25.29 -4.76 -14.52
C LEU A 81 -26.65 -5.45 -14.45
N ASN A 82 -26.64 -6.75 -14.20
CA ASN A 82 -27.88 -7.51 -14.11
C ASN A 82 -28.78 -6.97 -13.01
N GLY A 83 -28.19 -6.69 -11.85
CA GLY A 83 -28.96 -6.17 -10.73
C GLY A 83 -29.52 -4.79 -11.02
N HIS A 84 -28.77 -3.99 -11.76
CA HIS A 84 -29.21 -2.64 -12.11
C HIS A 84 -30.48 -2.67 -12.94
N ILE A 85 -30.61 -3.69 -13.78
CA ILE A 85 -31.78 -3.84 -14.63
C ILE A 85 -33.00 -4.25 -13.82
N LYS A 86 -32.76 -4.95 -12.72
CA LYS A 86 -33.85 -5.41 -11.86
C LYS A 86 -34.13 -4.38 -10.76
N GLN A 87 -33.18 -3.48 -10.54
CA GLN A 87 -33.33 -2.45 -9.51
C GLN A 87 -33.87 -1.15 -10.13
N VAL A 88 -33.07 -0.53 -10.99
CA VAL A 88 -33.46 0.71 -11.64
C VAL A 88 -34.60 0.47 -12.62
N HIS A 89 -34.31 -0.26 -13.69
CA HIS A 89 -35.32 -0.55 -14.70
C HIS A 89 -36.17 -1.75 -14.29
N SER A 90 -36.77 -1.66 -13.11
CA SER A 90 -37.61 -2.74 -12.60
C SER A 90 -39.08 -2.50 -12.95
N GLY A 91 -39.50 -1.24 -12.90
CA GLY A 91 -40.87 -0.90 -13.22
C GLY A 91 -41.05 0.58 -13.49
N PRO A 92 -42.31 1.02 -13.51
CA PRO A 92 -42.64 2.43 -13.76
C PRO A 92 -42.23 3.35 -12.63
N SER A 93 -41.13 4.08 -12.83
CA SER A 93 -40.63 4.99 -11.81
C SER A 93 -39.67 6.00 -12.43
N SER A 94 -40.22 6.98 -13.14
CA SER A 94 -39.41 8.01 -13.79
C SER A 94 -40.30 9.08 -14.42
N GLY A 95 -39.77 10.29 -14.54
CA GLY A 95 -40.52 11.38 -15.14
C GLY A 95 -39.87 12.73 -14.91
N GLY A 1 23.69 -33.49 -15.40
CA GLY A 1 23.95 -32.32 -16.22
C GLY A 1 23.88 -31.03 -15.42
N SER A 2 23.64 -29.92 -16.10
CA SER A 2 23.55 -28.62 -15.45
C SER A 2 22.20 -27.97 -15.71
N SER A 3 21.74 -27.16 -14.76
CA SER A 3 20.45 -26.48 -14.88
C SER A 3 20.61 -24.98 -14.68
N GLY A 4 19.57 -24.23 -15.03
CA GLY A 4 19.62 -22.79 -14.88
C GLY A 4 18.25 -22.16 -14.87
N SER A 5 17.97 -21.33 -13.87
CA SER A 5 16.68 -20.67 -13.74
C SER A 5 16.82 -19.33 -13.05
N SER A 6 15.75 -18.54 -13.08
CA SER A 6 15.75 -17.22 -12.44
C SER A 6 14.35 -16.65 -12.37
N GLY A 7 13.99 -16.11 -11.21
CA GLY A 7 12.67 -15.53 -11.03
C GLY A 7 12.47 -14.99 -9.62
N VAL A 8 11.81 -13.84 -9.53
CA VAL A 8 11.55 -13.22 -8.24
C VAL A 8 10.11 -13.44 -7.80
N ALA A 9 9.90 -13.55 -6.50
CA ALA A 9 8.56 -13.76 -5.96
C ALA A 9 8.13 -12.60 -5.07
N CYS A 10 7.02 -11.97 -5.43
CA CYS A 10 6.50 -10.83 -4.67
C CYS A 10 6.37 -11.19 -3.19
N GLU A 11 6.87 -10.32 -2.32
CA GLU A 11 6.80 -10.55 -0.88
C GLU A 11 5.60 -9.83 -0.27
N ILE A 12 4.57 -9.61 -1.09
CA ILE A 12 3.37 -8.93 -0.63
C ILE A 12 2.12 -9.76 -0.95
N CYS A 13 2.11 -10.37 -2.12
CA CYS A 13 0.97 -11.20 -2.54
C CYS A 13 1.41 -12.63 -2.80
N GLY A 14 2.59 -12.78 -3.38
CA GLY A 14 3.11 -14.11 -3.67
C GLY A 14 3.10 -14.43 -5.16
N LYS A 15 3.18 -13.39 -5.99
CA LYS A 15 3.18 -13.55 -7.43
C LYS A 15 4.60 -13.61 -7.97
N ILE A 16 4.84 -14.52 -8.91
CA ILE A 16 6.15 -14.67 -9.51
C ILE A 16 6.31 -13.76 -10.73
N PHE A 17 7.51 -13.20 -10.89
CA PHE A 17 7.78 -12.31 -12.02
C PHE A 17 9.02 -12.78 -12.78
N ARG A 18 8.98 -12.62 -14.10
CA ARG A 18 10.10 -13.03 -14.95
C ARG A 18 11.31 -12.13 -14.71
N ASP A 19 11.06 -10.86 -14.41
CA ASP A 19 12.13 -9.91 -14.16
C ASP A 19 11.84 -9.09 -12.90
N VAL A 20 12.91 -8.69 -12.22
CA VAL A 20 12.78 -7.90 -11.00
C VAL A 20 12.48 -6.43 -11.31
N TYR A 21 13.00 -5.97 -12.45
CA TYR A 21 12.78 -4.59 -12.86
C TYR A 21 11.30 -4.28 -13.00
N HIS A 22 10.53 -5.30 -13.37
CA HIS A 22 9.08 -5.13 -13.54
C HIS A 22 8.37 -5.20 -12.19
N LEU A 23 8.84 -6.07 -11.32
CA LEU A 23 8.25 -6.23 -9.98
C LEU A 23 8.17 -4.88 -9.27
N ASN A 24 9.18 -4.04 -9.47
CA ASN A 24 9.22 -2.73 -8.85
C ASN A 24 7.93 -1.95 -9.11
N ARG A 25 7.49 -1.96 -10.37
CA ARG A 25 6.28 -1.26 -10.75
C ARG A 25 5.06 -1.90 -10.10
N HIS A 26 5.15 -3.19 -9.80
CA HIS A 26 4.05 -3.91 -9.16
C HIS A 26 3.95 -3.57 -7.69
N LYS A 27 5.04 -3.81 -6.95
CA LYS A 27 5.08 -3.53 -5.52
C LYS A 27 4.78 -2.05 -5.25
N LEU A 28 5.07 -1.21 -6.23
CA LEU A 28 4.83 0.23 -6.09
C LEU A 28 3.34 0.51 -5.98
N SER A 29 2.52 -0.35 -6.59
CA SER A 29 1.07 -0.18 -6.56
C SER A 29 0.48 -0.85 -5.32
N HIS A 30 1.17 -1.87 -4.81
CA HIS A 30 0.71 -2.59 -3.63
C HIS A 30 0.40 -1.62 -2.49
N SER A 31 -0.87 -1.62 -2.06
CA SER A 31 -1.29 -0.74 -0.97
C SER A 31 -2.77 -0.96 -0.66
N GLY A 32 -3.05 -1.83 0.30
CA GLY A 32 -4.42 -2.10 0.68
C GLY A 32 -4.62 -2.10 2.18
N GLU A 33 -5.25 -1.05 2.69
CA GLU A 33 -5.50 -0.93 4.12
C GLU A 33 -6.26 0.36 4.43
N LYS A 34 -7.14 0.76 3.53
CA LYS A 34 -7.93 1.97 3.70
C LYS A 34 -9.25 1.88 2.93
N PRO A 35 -10.21 2.73 3.32
CA PRO A 35 -10.04 3.70 4.41
C PRO A 35 -9.95 3.02 5.77
N TYR A 36 -10.90 2.12 6.04
CA TYR A 36 -10.93 1.40 7.31
C TYR A 36 -10.65 -0.08 7.12
N SER A 37 -9.42 -0.48 7.42
CA SER A 37 -9.00 -1.87 7.27
C SER A 37 -8.83 -2.54 8.63
N CYS A 38 -9.06 -3.85 8.67
CA CYS A 38 -8.93 -4.60 9.91
C CYS A 38 -7.48 -4.98 10.17
N PRO A 39 -6.99 -4.66 11.39
CA PRO A 39 -5.61 -4.96 11.78
C PRO A 39 -5.36 -6.45 11.97
N VAL A 40 -6.43 -7.23 11.91
CA VAL A 40 -6.34 -8.68 12.06
C VAL A 40 -6.52 -9.39 10.72
N CYS A 41 -7.71 -9.26 10.14
CA CYS A 41 -8.00 -9.90 8.86
C CYS A 41 -7.20 -9.24 7.74
N GLY A 42 -7.56 -8.00 7.42
CA GLY A 42 -6.86 -7.28 6.36
C GLY A 42 -7.82 -6.64 5.37
N LEU A 43 -9.09 -7.05 5.43
CA LEU A 43 -10.11 -6.51 4.52
C LEU A 43 -10.27 -5.00 4.73
N ARG A 44 -10.96 -4.36 3.79
CA ARG A 44 -11.19 -2.92 3.88
C ARG A 44 -12.68 -2.61 3.82
N PHE A 45 -13.10 -1.63 4.63
CA PHE A 45 -14.51 -1.24 4.68
C PHE A 45 -14.65 0.25 4.39
N LYS A 46 -15.78 0.62 3.78
CA LYS A 46 -16.05 2.01 3.45
C LYS A 46 -17.01 2.63 4.46
N ARG A 47 -17.03 2.08 5.68
CA ARG A 47 -17.90 2.59 6.73
C ARG A 47 -17.31 2.29 8.10
N LYS A 48 -17.48 3.24 9.03
CA LYS A 48 -16.97 3.09 10.38
C LYS A 48 -17.96 2.36 11.27
N ASP A 49 -19.16 2.13 10.74
CA ASP A 49 -20.21 1.44 11.48
C ASP A 49 -20.05 -0.07 11.35
N ARG A 50 -19.42 -0.51 10.27
CA ARG A 50 -19.21 -1.94 10.03
C ARG A 50 -17.89 -2.39 10.62
N MET A 51 -16.81 -1.75 10.21
CA MET A 51 -15.47 -2.09 10.71
C MET A 51 -15.45 -2.12 12.23
N SER A 52 -16.28 -1.29 12.85
CA SER A 52 -16.36 -1.21 14.31
C SER A 52 -16.88 -2.52 14.89
N TYR A 53 -17.82 -3.14 14.18
CA TYR A 53 -18.40 -4.40 14.63
C TYR A 53 -17.63 -5.59 14.07
N HIS A 54 -16.75 -5.32 13.11
CA HIS A 54 -15.95 -6.38 12.50
C HIS A 54 -14.62 -6.53 13.22
N VAL A 55 -14.06 -5.41 13.67
CA VAL A 55 -12.78 -5.43 14.38
C VAL A 55 -12.97 -5.89 15.82
N ARG A 56 -13.90 -5.28 16.53
CA ARG A 56 -14.18 -5.62 17.92
C ARG A 56 -14.71 -7.05 18.02
N SER A 57 -15.37 -7.51 16.96
CA SER A 57 -15.94 -8.85 16.93
C SER A 57 -14.87 -9.90 17.22
N HIS A 58 -13.62 -9.56 16.92
CA HIS A 58 -12.50 -10.47 17.14
C HIS A 58 -12.13 -10.52 18.63
N ASP A 59 -12.43 -9.44 19.35
CA ASP A 59 -12.14 -9.38 20.78
C ASP A 59 -12.69 -10.59 21.51
N GLY A 60 -13.80 -11.13 20.98
CA GLY A 60 -14.42 -12.28 21.60
C GLY A 60 -15.30 -13.05 20.65
N SER A 61 -14.73 -14.07 20.00
CA SER A 61 -15.47 -14.88 19.04
C SER A 61 -15.36 -16.36 19.39
N VAL A 62 -14.17 -16.78 19.83
CA VAL A 62 -13.94 -18.16 20.20
C VAL A 62 -13.03 -18.26 21.41
N GLY A 63 -13.23 -19.30 22.22
CA GLY A 63 -12.42 -19.50 23.41
C GLY A 63 -10.94 -19.51 23.10
N LYS A 64 -10.41 -20.67 22.79
CA LYS A 64 -8.98 -20.81 22.47
C LYS A 64 -8.74 -20.64 20.98
N PRO A 65 -7.48 -20.33 20.61
CA PRO A 65 -7.09 -20.14 19.22
C PRO A 65 -7.12 -21.45 18.42
N TYR A 66 -6.54 -22.49 18.98
CA TYR A 66 -6.49 -23.80 18.33
C TYR A 66 -7.41 -24.79 19.03
N ILE A 67 -8.15 -25.56 18.24
CA ILE A 67 -9.08 -26.55 18.78
C ILE A 67 -8.89 -27.90 18.10
N CYS A 68 -9.09 -28.97 18.85
CA CYS A 68 -8.95 -30.32 18.32
C CYS A 68 -9.78 -30.49 17.06
N GLN A 69 -9.41 -31.50 16.25
CA GLN A 69 -10.12 -31.77 15.01
C GLN A 69 -11.22 -32.81 15.22
N SER A 70 -11.26 -33.39 16.42
CA SER A 70 -12.24 -34.40 16.75
C SER A 70 -13.27 -33.87 17.74
N CYS A 71 -12.86 -33.75 19.00
CA CYS A 71 -13.74 -33.25 20.05
C CYS A 71 -13.84 -31.73 19.99
N GLY A 72 -12.92 -31.12 19.26
CA GLY A 72 -12.93 -29.67 19.14
C GLY A 72 -13.04 -28.97 20.48
N LYS A 73 -12.16 -29.33 21.41
CA LYS A 73 -12.17 -28.74 22.74
C LYS A 73 -11.58 -27.33 22.71
N GLY A 74 -10.26 -27.23 22.60
CA GLY A 74 -9.61 -25.94 22.57
C GLY A 74 -8.51 -25.81 23.60
N PHE A 75 -7.28 -25.65 23.14
CA PHE A 75 -6.14 -25.53 24.05
C PHE A 75 -5.51 -24.14 23.92
N SER A 76 -5.05 -23.60 25.04
CA SER A 76 -4.41 -22.29 25.06
C SER A 76 -3.25 -22.23 24.07
N ARG A 77 -2.31 -23.15 24.24
CA ARG A 77 -1.14 -23.21 23.37
C ARG A 77 -1.29 -24.32 22.32
N PRO A 78 -0.50 -24.21 21.23
CA PRO A 78 -0.53 -25.20 20.15
C PRO A 78 0.07 -26.53 20.57
N ASP A 79 1.17 -26.49 21.31
CA ASP A 79 1.83 -27.70 21.78
C ASP A 79 0.92 -28.50 22.71
N HIS A 80 -0.12 -27.84 23.21
CA HIS A 80 -1.07 -28.50 24.10
C HIS A 80 -2.17 -29.21 23.32
N LEU A 81 -2.20 -28.97 22.01
CA LEU A 81 -3.20 -29.58 21.14
C LEU A 81 -2.67 -30.86 20.53
N ASN A 82 -1.40 -30.84 20.12
CA ASN A 82 -0.77 -32.01 19.51
C ASN A 82 -0.67 -33.16 20.52
N GLY A 83 -0.43 -32.81 21.78
CA GLY A 83 -0.32 -33.82 22.81
C GLY A 83 -1.64 -34.48 23.13
N HIS A 84 -2.74 -33.75 22.90
CA HIS A 84 -4.07 -34.27 23.17
C HIS A 84 -4.49 -35.27 22.09
N ILE A 85 -4.23 -34.91 20.83
CA ILE A 85 -4.57 -35.77 19.70
C ILE A 85 -4.05 -37.19 19.91
N LYS A 86 -2.92 -37.29 20.60
CA LYS A 86 -2.31 -38.60 20.87
C LYS A 86 -2.80 -39.16 22.20
N GLN A 87 -3.07 -38.27 23.16
CA GLN A 87 -3.54 -38.69 24.47
C GLN A 87 -4.92 -39.32 24.37
N VAL A 88 -5.92 -38.52 24.01
CA VAL A 88 -7.29 -39.01 23.89
C VAL A 88 -7.47 -39.82 22.60
N HIS A 89 -7.27 -39.15 21.46
CA HIS A 89 -7.41 -39.80 20.17
C HIS A 89 -6.11 -40.51 19.77
N SER A 90 -6.10 -41.08 18.57
CA SER A 90 -4.92 -41.79 18.08
C SER A 90 -5.17 -42.35 16.68
N GLY A 91 -4.08 -42.57 15.94
CA GLY A 91 -4.21 -43.10 14.59
C GLY A 91 -3.33 -42.36 13.61
N PRO A 92 -3.27 -42.86 12.36
CA PRO A 92 -2.46 -42.24 11.30
C PRO A 92 -3.04 -40.91 10.84
N SER A 93 -2.77 -39.86 11.60
CA SER A 93 -3.26 -38.52 11.28
C SER A 93 -2.36 -37.86 10.23
N SER A 94 -2.77 -36.68 9.78
CA SER A 94 -2.01 -35.94 8.77
C SER A 94 -0.96 -35.05 9.43
N GLY A 95 0.29 -35.48 9.38
CA GLY A 95 1.38 -34.72 9.97
C GLY A 95 2.26 -34.07 8.94
N GLY A 1 13.95 -32.15 -8.12
CA GLY A 1 14.36 -30.77 -8.32
C GLY A 1 13.53 -30.07 -9.38
N SER A 2 14.15 -29.85 -10.55
CA SER A 2 13.46 -29.19 -11.65
C SER A 2 13.03 -27.79 -11.26
N SER A 3 12.23 -27.16 -12.11
CA SER A 3 11.74 -25.81 -11.86
C SER A 3 12.90 -24.82 -11.78
N GLY A 4 12.58 -23.52 -11.82
CA GLY A 4 13.61 -22.50 -11.75
C GLY A 4 13.86 -21.84 -13.09
N SER A 5 13.30 -20.65 -13.28
CA SER A 5 13.47 -19.91 -14.53
C SER A 5 13.85 -18.46 -14.26
N SER A 6 14.66 -18.26 -13.22
CA SER A 6 15.10 -16.92 -12.85
C SER A 6 13.92 -15.97 -12.71
N GLY A 7 13.30 -15.98 -11.53
CA GLY A 7 12.16 -15.12 -11.28
C GLY A 7 12.08 -14.67 -9.84
N VAL A 8 11.43 -13.53 -9.61
CA VAL A 8 11.27 -12.99 -8.26
C VAL A 8 9.88 -13.28 -7.71
N ALA A 9 9.83 -13.67 -6.44
CA ALA A 9 8.56 -13.98 -5.79
C ALA A 9 8.16 -12.86 -4.82
N CYS A 10 7.08 -12.16 -5.17
CA CYS A 10 6.58 -11.07 -4.32
C CYS A 10 6.36 -11.54 -2.89
N GLU A 11 6.84 -10.75 -1.94
CA GLU A 11 6.69 -11.08 -0.52
C GLU A 11 5.48 -10.37 0.08
N ILE A 12 4.48 -10.12 -0.75
CA ILE A 12 3.26 -9.43 -0.30
C ILE A 12 2.02 -10.16 -0.79
N CYS A 13 2.03 -10.57 -2.05
CA CYS A 13 0.90 -11.28 -2.64
C CYS A 13 1.29 -12.70 -3.01
N GLY A 14 2.54 -12.87 -3.41
CA GLY A 14 3.02 -14.19 -3.80
C GLY A 14 3.03 -14.39 -5.30
N LYS A 15 3.28 -13.32 -6.04
CA LYS A 15 3.31 -13.38 -7.50
C LYS A 15 4.74 -13.54 -8.01
N ILE A 16 4.89 -14.33 -9.06
CA ILE A 16 6.21 -14.56 -9.65
C ILE A 16 6.45 -13.65 -10.85
N PHE A 17 7.61 -12.99 -10.87
CA PHE A 17 7.96 -12.10 -11.96
C PHE A 17 9.19 -12.60 -12.71
N ARG A 18 9.09 -12.62 -14.04
CA ARG A 18 10.20 -13.09 -14.87
C ARG A 18 11.44 -12.22 -14.67
N ASP A 19 11.21 -10.96 -14.28
CA ASP A 19 12.31 -10.03 -14.04
C ASP A 19 12.04 -9.17 -12.82
N VAL A 20 13.05 -8.40 -12.41
CA VAL A 20 12.92 -7.53 -11.25
C VAL A 20 12.33 -6.18 -11.63
N TYR A 21 12.69 -5.69 -12.81
CA TYR A 21 12.20 -4.41 -13.30
C TYR A 21 10.67 -4.40 -13.33
N HIS A 22 10.08 -5.58 -13.50
CA HIS A 22 8.63 -5.70 -13.55
C HIS A 22 8.03 -5.76 -12.15
N LEU A 23 8.83 -6.22 -11.19
CA LEU A 23 8.38 -6.32 -9.80
C LEU A 23 8.43 -4.96 -9.12
N ASN A 24 9.30 -4.09 -9.60
CA ASN A 24 9.44 -2.75 -9.03
C ASN A 24 8.15 -1.95 -9.21
N ARG A 25 7.65 -1.91 -10.45
CA ARG A 25 6.42 -1.18 -10.75
C ARG A 25 5.23 -1.78 -10.00
N HIS A 26 5.33 -3.07 -9.69
CA HIS A 26 4.25 -3.75 -8.98
C HIS A 26 4.19 -3.30 -7.53
N LYS A 27 5.30 -3.40 -6.82
CA LYS A 27 5.37 -3.00 -5.42
C LYS A 27 4.88 -1.57 -5.24
N LEU A 28 5.11 -0.74 -6.26
CA LEU A 28 4.70 0.66 -6.22
C LEU A 28 3.18 0.78 -6.18
N SER A 29 2.50 -0.19 -6.79
CA SER A 29 1.04 -0.20 -6.82
C SER A 29 0.47 -0.87 -5.58
N HIS A 30 1.25 -1.78 -4.99
CA HIS A 30 0.83 -2.49 -3.79
C HIS A 30 0.36 -1.52 -2.72
N SER A 31 1.29 -0.74 -2.18
CA SER A 31 0.98 0.23 -1.14
C SER A 31 1.65 1.57 -1.42
N GLY A 32 0.83 2.58 -1.71
CA GLY A 32 1.36 3.91 -2.00
C GLY A 32 0.40 5.01 -1.62
N GLU A 33 -0.62 5.21 -2.45
CA GLU A 33 -1.62 6.24 -2.20
C GLU A 33 -3.01 5.64 -2.07
N LYS A 34 -3.32 5.13 -0.88
CA LYS A 34 -4.62 4.51 -0.63
C LYS A 34 -4.84 4.31 0.87
N PRO A 35 -6.10 4.17 1.27
CA PRO A 35 -7.24 4.21 0.33
C PRO A 35 -7.48 5.59 -0.23
N TYR A 36 -7.45 6.60 0.64
CA TYR A 36 -7.66 7.98 0.23
C TYR A 36 -6.45 8.84 0.54
N SER A 37 -5.60 9.06 -0.45
CA SER A 37 -4.40 9.87 -0.27
C SER A 37 -4.49 11.17 -1.07
N CYS A 38 -3.72 12.17 -0.65
CA CYS A 38 -3.71 13.45 -1.32
C CYS A 38 -2.80 13.43 -2.54
N PRO A 39 -3.33 13.88 -3.68
CA PRO A 39 -2.58 13.92 -4.95
C PRO A 39 -1.47 14.97 -4.93
N VAL A 40 -1.63 15.97 -4.06
CA VAL A 40 -0.64 17.04 -3.94
C VAL A 40 0.43 16.70 -2.91
N CYS A 41 0.03 16.64 -1.64
CA CYS A 41 0.95 16.33 -0.56
C CYS A 41 1.51 14.91 -0.72
N GLY A 42 0.64 13.92 -0.52
CA GLY A 42 1.06 12.54 -0.64
C GLY A 42 0.64 11.69 0.55
N LEU A 43 0.20 12.35 1.61
CA LEU A 43 -0.24 11.66 2.81
C LEU A 43 -1.30 10.61 2.49
N ARG A 44 -1.59 9.77 3.47
CA ARG A 44 -2.60 8.72 3.28
C ARG A 44 -3.65 8.76 4.39
N PHE A 45 -4.92 8.71 3.99
CA PHE A 45 -6.02 8.75 4.95
C PHE A 45 -6.88 7.50 4.84
N LYS A 46 -7.36 7.02 5.98
CA LYS A 46 -8.20 5.82 6.01
C LYS A 46 -9.68 6.20 6.09
N ARG A 47 -10.01 7.39 5.60
CA ARG A 47 -11.38 7.87 5.61
C ARG A 47 -11.62 8.85 4.46
N LYS A 48 -12.89 9.02 4.09
CA LYS A 48 -13.25 9.92 3.01
C LYS A 48 -13.52 11.33 3.55
N ASP A 49 -13.85 11.41 4.83
CA ASP A 49 -14.13 12.68 5.47
C ASP A 49 -12.87 13.52 5.60
N ARG A 50 -11.84 12.93 6.21
CA ARG A 50 -10.56 13.62 6.39
C ARG A 50 -10.00 14.09 5.05
N MET A 51 -9.75 13.15 4.15
CA MET A 51 -9.21 13.47 2.83
C MET A 51 -10.05 14.54 2.15
N SER A 52 -11.35 14.51 2.39
CA SER A 52 -12.26 15.47 1.80
C SER A 52 -11.97 16.89 2.30
N TYR A 53 -11.56 16.98 3.56
CA TYR A 53 -11.24 18.27 4.16
C TYR A 53 -9.78 18.64 3.94
N HIS A 54 -8.96 17.63 3.64
CA HIS A 54 -7.54 17.85 3.40
C HIS A 54 -7.30 18.29 1.97
N VAL A 55 -7.91 17.59 1.02
CA VAL A 55 -7.77 17.91 -0.39
C VAL A 55 -8.30 19.31 -0.69
N ARG A 56 -9.55 19.56 -0.31
CA ARG A 56 -10.17 20.85 -0.54
C ARG A 56 -9.42 21.96 0.21
N SER A 57 -8.85 21.61 1.36
CA SER A 57 -8.12 22.57 2.16
C SER A 57 -7.03 23.26 1.33
N HIS A 58 -6.54 22.56 0.32
CA HIS A 58 -5.50 23.10 -0.56
C HIS A 58 -6.12 23.88 -1.72
N ASP A 59 -7.26 23.39 -2.21
CA ASP A 59 -7.95 24.04 -3.32
C ASP A 59 -8.21 25.51 -3.01
N GLY A 60 -7.84 26.38 -3.97
CA GLY A 60 -8.04 27.80 -3.78
C GLY A 60 -7.71 28.61 -5.02
N SER A 61 -8.08 28.07 -6.18
CA SER A 61 -7.80 28.74 -7.45
C SER A 61 -8.56 28.06 -8.59
N VAL A 62 -8.28 28.49 -9.81
CA VAL A 62 -8.92 27.93 -10.99
C VAL A 62 -8.34 26.57 -11.35
N GLY A 63 -8.44 25.62 -10.42
CA GLY A 63 -7.92 24.29 -10.66
C GLY A 63 -8.40 23.70 -11.96
N LYS A 64 -9.59 24.12 -12.40
CA LYS A 64 -10.17 23.63 -13.65
C LYS A 64 -10.16 24.71 -14.72
N PRO A 65 -10.27 24.29 -15.98
CA PRO A 65 -10.28 25.21 -17.12
C PRO A 65 -11.56 26.05 -17.18
N TYR A 66 -12.70 25.41 -16.96
CA TYR A 66 -13.98 26.09 -17.00
C TYR A 66 -14.63 26.10 -15.61
N ILE A 67 -15.18 27.24 -15.23
CA ILE A 67 -15.84 27.38 -13.94
C ILE A 67 -17.22 28.01 -14.09
N CYS A 68 -18.15 27.58 -13.24
CA CYS A 68 -19.50 28.11 -13.26
C CYS A 68 -19.51 29.63 -13.21
N GLN A 69 -20.61 30.23 -13.66
CA GLN A 69 -20.74 31.69 -13.66
C GLN A 69 -21.39 32.18 -12.37
N SER A 70 -21.85 31.24 -11.54
CA SER A 70 -22.49 31.58 -10.28
C SER A 70 -21.63 31.18 -9.10
N CYS A 71 -21.58 29.88 -8.81
CA CYS A 71 -20.79 29.36 -7.70
C CYS A 71 -19.31 29.34 -8.06
N GLY A 72 -19.01 29.45 -9.35
CA GLY A 72 -17.64 29.45 -9.80
C GLY A 72 -16.84 28.30 -9.20
N LYS A 73 -17.42 27.10 -9.22
CA LYS A 73 -16.76 25.93 -8.68
C LYS A 73 -15.60 25.49 -9.57
N GLY A 74 -15.93 24.86 -10.70
CA GLY A 74 -14.90 24.41 -11.62
C GLY A 74 -15.05 22.94 -11.97
N PHE A 75 -15.22 22.67 -13.27
CA PHE A 75 -15.37 21.29 -13.73
C PHE A 75 -14.29 20.94 -14.76
N SER A 76 -13.81 19.71 -14.69
CA SER A 76 -12.77 19.26 -15.61
C SER A 76 -13.18 19.50 -17.06
N ARG A 77 -14.32 18.95 -17.44
CA ARG A 77 -14.83 19.11 -18.81
C ARG A 77 -15.87 20.23 -18.87
N PRO A 78 -16.11 20.74 -20.09
CA PRO A 78 -17.08 21.82 -20.32
C PRO A 78 -18.51 21.36 -20.12
N ASP A 79 -18.86 20.23 -20.72
CA ASP A 79 -20.20 19.68 -20.62
C ASP A 79 -20.61 19.54 -19.15
N HIS A 80 -19.65 19.16 -18.31
CA HIS A 80 -19.92 18.99 -16.89
C HIS A 80 -20.48 20.27 -16.28
N LEU A 81 -20.12 21.41 -16.86
CA LEU A 81 -20.58 22.70 -16.37
C LEU A 81 -21.92 23.06 -17.00
N ASN A 82 -22.10 22.70 -18.27
CA ASN A 82 -23.33 22.99 -18.98
C ASN A 82 -24.54 22.53 -18.19
N GLY A 83 -24.59 21.22 -17.91
CA GLY A 83 -25.70 20.67 -17.15
C GLY A 83 -25.80 21.24 -15.75
N HIS A 84 -24.64 21.45 -15.11
CA HIS A 84 -24.60 21.99 -13.76
C HIS A 84 -25.41 23.27 -13.68
N ILE A 85 -25.29 24.12 -14.70
CA ILE A 85 -26.02 25.39 -14.74
C ILE A 85 -27.51 25.18 -14.54
N LYS A 86 -28.04 24.14 -15.18
CA LYS A 86 -29.47 23.83 -15.08
C LYS A 86 -29.73 22.88 -13.91
N GLN A 87 -28.66 22.36 -13.32
CA GLN A 87 -28.77 21.44 -12.20
C GLN A 87 -29.21 22.18 -10.94
N VAL A 88 -28.51 23.27 -10.63
CA VAL A 88 -28.84 24.08 -9.45
C VAL A 88 -29.33 25.46 -9.85
N HIS A 89 -28.59 26.13 -10.71
CA HIS A 89 -28.96 27.47 -11.18
C HIS A 89 -30.03 27.38 -12.26
N SER A 90 -31.16 26.78 -11.91
CA SER A 90 -32.27 26.63 -12.85
C SER A 90 -33.39 27.62 -12.54
N GLY A 91 -33.50 28.00 -11.26
CA GLY A 91 -34.53 28.94 -10.86
C GLY A 91 -35.89 28.29 -10.72
N PRO A 92 -36.93 29.11 -10.55
CA PRO A 92 -38.31 28.63 -10.41
C PRO A 92 -38.86 28.07 -11.71
N SER A 93 -39.78 27.11 -11.59
CA SER A 93 -40.38 26.48 -12.76
C SER A 93 -41.76 27.05 -13.03
N SER A 94 -42.49 27.34 -11.96
CA SER A 94 -43.85 27.89 -12.08
C SER A 94 -43.92 29.26 -11.43
N GLY A 95 -43.39 29.37 -10.22
CA GLY A 95 -43.42 30.64 -9.51
C GLY A 95 -42.55 30.63 -8.27
N GLY A 1 25.76 -19.38 -23.08
CA GLY A 1 24.52 -19.28 -22.32
C GLY A 1 23.55 -20.37 -22.69
N SER A 2 23.01 -21.05 -21.68
CA SER A 2 22.05 -22.13 -21.89
C SER A 2 21.23 -22.39 -20.63
N SER A 3 19.98 -21.94 -20.65
CA SER A 3 19.08 -22.11 -19.52
C SER A 3 19.62 -21.38 -18.29
N GLY A 4 19.30 -20.10 -18.17
CA GLY A 4 19.76 -19.32 -17.04
C GLY A 4 18.67 -18.43 -16.47
N SER A 5 18.95 -17.13 -16.39
CA SER A 5 17.99 -16.18 -15.86
C SER A 5 17.54 -16.58 -14.46
N SER A 6 16.53 -15.87 -13.95
CA SER A 6 16.01 -16.16 -12.61
C SER A 6 14.61 -15.59 -12.45
N GLY A 7 13.97 -15.91 -11.33
CA GLY A 7 12.63 -15.42 -11.07
C GLY A 7 12.45 -14.96 -9.63
N VAL A 8 11.78 -13.83 -9.46
CA VAL A 8 11.53 -13.28 -8.13
C VAL A 8 10.08 -13.48 -7.71
N ALA A 9 9.86 -13.64 -6.41
CA ALA A 9 8.52 -13.84 -5.88
C ALA A 9 8.14 -12.71 -4.92
N CYS A 10 6.99 -12.09 -5.16
CA CYS A 10 6.51 -11.00 -4.33
C CYS A 10 6.32 -11.46 -2.89
N GLU A 11 6.78 -10.65 -1.94
CA GLU A 11 6.67 -10.98 -0.53
C GLU A 11 5.44 -10.31 0.08
N ILE A 12 4.42 -10.08 -0.74
CA ILE A 12 3.20 -9.44 -0.28
C ILE A 12 1.96 -10.21 -0.76
N CYS A 13 1.96 -10.57 -2.03
CA CYS A 13 0.85 -11.31 -2.63
C CYS A 13 1.28 -12.72 -3.01
N GLY A 14 2.54 -12.86 -3.42
CA GLY A 14 3.05 -14.16 -3.81
C GLY A 14 3.04 -14.36 -5.31
N LYS A 15 3.25 -13.27 -6.05
CA LYS A 15 3.26 -13.33 -7.50
C LYS A 15 4.69 -13.39 -8.02
N ILE A 16 4.93 -14.28 -8.98
CA ILE A 16 6.25 -14.44 -9.57
C ILE A 16 6.45 -13.49 -10.74
N PHE A 17 7.69 -13.01 -10.91
CA PHE A 17 8.01 -12.08 -11.99
C PHE A 17 9.23 -12.56 -12.76
N ARG A 18 9.13 -12.58 -14.09
CA ARG A 18 10.23 -13.00 -14.94
C ARG A 18 11.44 -12.11 -14.75
N ASP A 19 11.20 -10.85 -14.41
CA ASP A 19 12.28 -9.89 -14.20
C ASP A 19 12.02 -9.04 -12.97
N VAL A 20 13.06 -8.38 -12.47
CA VAL A 20 12.94 -7.52 -11.29
C VAL A 20 12.32 -6.18 -11.65
N TYR A 21 12.59 -5.72 -12.86
CA TYR A 21 12.07 -4.44 -13.33
C TYR A 21 10.54 -4.44 -13.32
N HIS A 22 9.95 -5.61 -13.49
CA HIS A 22 8.50 -5.74 -13.50
C HIS A 22 7.96 -5.85 -12.08
N LEU A 23 8.79 -6.32 -11.16
CA LEU A 23 8.40 -6.46 -9.76
C LEU A 23 8.43 -5.12 -9.05
N ASN A 24 9.26 -4.21 -9.55
CA ASN A 24 9.39 -2.88 -8.95
C ASN A 24 8.11 -2.08 -9.15
N ARG A 25 7.67 -1.97 -10.41
CA ARG A 25 6.46 -1.21 -10.73
C ARG A 25 5.25 -1.80 -10.01
N HIS A 26 5.33 -3.08 -9.67
CA HIS A 26 4.24 -3.75 -8.98
C HIS A 26 4.17 -3.32 -7.52
N LYS A 27 5.29 -3.43 -6.81
CA LYS A 27 5.36 -3.04 -5.42
C LYS A 27 4.85 -1.62 -5.22
N LEU A 28 5.20 -0.74 -6.15
CA LEU A 28 4.77 0.65 -6.08
C LEU A 28 3.25 0.76 -6.11
N SER A 29 2.61 -0.18 -6.79
CA SER A 29 1.16 -0.20 -6.90
C SER A 29 0.53 -0.86 -5.67
N HIS A 30 1.28 -1.77 -5.06
CA HIS A 30 0.79 -2.49 -3.88
C HIS A 30 0.32 -1.51 -2.80
N SER A 31 0.93 -0.33 -2.79
CA SER A 31 0.57 0.70 -1.80
C SER A 31 -0.17 1.85 -2.47
N GLY A 32 -1.37 2.14 -1.97
CA GLY A 32 -2.17 3.22 -2.51
C GLY A 32 -1.54 4.58 -2.29
N GLU A 33 -2.35 5.63 -2.41
CA GLU A 33 -1.86 6.99 -2.22
C GLU A 33 -3.00 8.00 -2.36
N LYS A 34 -2.67 9.27 -2.15
CA LYS A 34 -3.67 10.34 -2.24
C LYS A 34 -4.74 10.18 -1.17
N PRO A 35 -5.39 11.29 -0.82
CA PRO A 35 -5.11 12.60 -1.41
C PRO A 35 -3.74 13.14 -0.97
N TYR A 36 -3.43 12.99 0.31
CA TYR A 36 -2.16 13.45 0.84
C TYR A 36 -1.39 12.31 1.51
N SER A 37 -0.44 11.74 0.77
CA SER A 37 0.36 10.64 1.29
C SER A 37 1.81 11.07 1.49
N CYS A 38 2.52 10.36 2.36
CA CYS A 38 3.92 10.66 2.63
C CYS A 38 4.83 10.05 1.57
N PRO A 39 5.72 10.88 1.00
CA PRO A 39 6.67 10.43 -0.02
C PRO A 39 7.74 9.49 0.53
N VAL A 40 7.87 9.47 1.85
CA VAL A 40 8.85 8.62 2.50
C VAL A 40 8.21 7.33 3.00
N CYS A 41 7.33 7.46 3.98
CA CYS A 41 6.65 6.30 4.55
C CYS A 41 5.75 5.62 3.50
N GLY A 42 4.68 6.30 3.14
CA GLY A 42 3.76 5.76 2.15
C GLY A 42 2.31 5.82 2.60
N LEU A 43 2.11 6.10 3.89
CA LEU A 43 0.77 6.18 4.44
C LEU A 43 -0.09 7.17 3.66
N ARG A 44 -1.38 7.21 3.96
CA ARG A 44 -2.31 8.10 3.29
C ARG A 44 -3.11 8.91 4.29
N PHE A 45 -3.25 10.21 4.04
CA PHE A 45 -4.00 11.09 4.92
C PHE A 45 -5.11 11.82 4.15
N LYS A 46 -6.20 12.10 4.85
CA LYS A 46 -7.34 12.78 4.24
C LYS A 46 -7.40 14.24 4.70
N ARG A 47 -6.26 14.77 5.13
CA ARG A 47 -6.19 16.15 5.59
C ARG A 47 -4.79 16.72 5.38
N LYS A 48 -4.70 18.04 5.27
CA LYS A 48 -3.43 18.71 5.07
C LYS A 48 -2.78 19.05 6.40
N ASP A 49 -3.58 19.07 7.47
CA ASP A 49 -3.08 19.38 8.80
C ASP A 49 -2.28 18.20 9.36
N ARG A 50 -2.58 17.01 8.87
CA ARG A 50 -1.89 15.80 9.32
C ARG A 50 -0.64 15.54 8.50
N MET A 51 -0.83 15.36 7.20
CA MET A 51 0.29 15.10 6.29
C MET A 51 1.39 16.16 6.47
N SER A 52 0.99 17.37 6.80
CA SER A 52 1.93 18.46 6.99
C SER A 52 2.84 18.19 8.19
N TYR A 53 2.23 17.80 9.31
CA TYR A 53 2.98 17.51 10.53
C TYR A 53 3.66 16.14 10.43
N HIS A 54 3.17 15.30 9.52
CA HIS A 54 3.72 13.98 9.34
C HIS A 54 4.98 14.04 8.46
N VAL A 55 4.90 14.73 7.33
CA VAL A 55 6.03 14.86 6.43
C VAL A 55 7.16 15.65 7.08
N ARG A 56 6.87 16.88 7.48
CA ARG A 56 7.88 17.73 8.12
C ARG A 56 8.53 17.00 9.29
N SER A 57 7.74 16.22 10.02
CA SER A 57 8.24 15.49 11.17
C SER A 57 9.46 14.65 10.79
N HIS A 58 9.51 14.23 9.53
CA HIS A 58 10.61 13.42 9.04
C HIS A 58 11.80 14.31 8.65
N ASP A 59 11.50 15.52 8.21
CA ASP A 59 12.55 16.46 7.81
C ASP A 59 13.60 16.61 8.90
N GLY A 60 14.75 15.98 8.69
CA GLY A 60 15.82 16.06 9.66
C GLY A 60 16.42 14.69 9.99
N SER A 61 16.93 14.54 11.20
CA SER A 61 17.54 13.29 11.62
C SER A 61 16.66 12.58 12.64
N VAL A 62 16.08 13.36 13.56
CA VAL A 62 15.23 12.80 14.59
C VAL A 62 15.98 11.84 15.49
N GLY A 63 16.89 12.39 16.31
CA GLY A 63 17.67 11.56 17.21
C GLY A 63 17.11 11.54 18.62
N LYS A 64 16.61 12.69 19.06
CA LYS A 64 16.03 12.81 20.41
C LYS A 64 14.51 12.76 20.35
N PRO A 65 13.89 12.45 21.50
CA PRO A 65 12.43 12.36 21.62
C PRO A 65 11.77 13.72 21.50
N TYR A 66 12.30 14.70 22.21
CA TYR A 66 11.75 16.06 22.19
C TYR A 66 12.69 17.02 21.48
N ILE A 67 12.14 17.83 20.58
CA ILE A 67 12.93 18.79 19.82
C ILE A 67 12.34 20.19 19.95
N CYS A 68 13.21 21.19 19.93
CA CYS A 68 12.78 22.58 20.04
C CYS A 68 11.70 22.90 19.01
N GLN A 69 10.94 23.95 19.28
CA GLN A 69 9.87 24.36 18.38
C GLN A 69 10.36 25.40 17.37
N SER A 70 11.60 25.86 17.56
CA SER A 70 12.19 26.86 16.68
C SER A 70 13.29 26.24 15.82
N CYS A 71 14.44 26.00 16.43
CA CYS A 71 15.58 25.41 15.72
C CYS A 71 15.38 23.91 15.53
N GLY A 72 14.46 23.34 16.29
CA GLY A 72 14.19 21.92 16.19
C GLY A 72 15.45 21.08 16.24
N LYS A 73 16.22 21.23 17.32
CA LYS A 73 17.46 20.49 17.49
C LYS A 73 17.19 19.10 18.06
N GLY A 74 16.92 19.05 19.36
CA GLY A 74 16.65 17.78 20.00
C GLY A 74 17.43 17.61 21.29
N PHE A 75 16.73 17.27 22.37
CA PHE A 75 17.37 17.08 23.67
C PHE A 75 16.98 15.73 24.28
N SER A 76 17.94 15.06 24.90
CA SER A 76 17.69 13.77 25.52
C SER A 76 16.50 13.83 26.46
N ARG A 77 16.55 14.76 27.40
CA ARG A 77 15.48 14.93 28.38
C ARG A 77 14.62 16.15 28.03
N PRO A 78 13.40 16.19 28.58
CA PRO A 78 12.46 17.29 28.35
C PRO A 78 12.90 18.58 29.02
N ASP A 79 13.27 18.48 30.29
CA ASP A 79 13.72 19.65 31.04
C ASP A 79 14.85 20.37 30.31
N HIS A 80 15.69 19.60 29.63
CA HIS A 80 16.82 20.16 28.89
C HIS A 80 16.32 21.11 27.79
N LEU A 81 15.15 20.80 27.24
CA LEU A 81 14.57 21.61 26.18
C LEU A 81 13.94 22.88 26.76
N ASN A 82 13.43 22.78 27.98
CA ASN A 82 12.80 23.92 28.64
C ASN A 82 13.81 25.04 28.85
N GLY A 83 15.04 24.67 29.19
CA GLY A 83 16.08 25.65 29.42
C GLY A 83 16.57 26.29 28.13
N HIS A 84 16.61 25.50 27.06
CA HIS A 84 17.07 25.99 25.77
C HIS A 84 16.14 27.10 25.24
N ILE A 85 14.85 26.94 25.49
CA ILE A 85 13.86 27.91 25.04
C ILE A 85 13.94 29.20 25.86
N LYS A 86 14.44 29.07 27.10
CA LYS A 86 14.57 30.21 27.99
C LYS A 86 15.95 30.86 27.84
N GLN A 87 16.90 30.10 27.31
CA GLN A 87 18.26 30.59 27.12
C GLN A 87 18.45 31.09 25.69
N VAL A 88 18.37 30.17 24.73
CA VAL A 88 18.53 30.51 23.32
C VAL A 88 17.41 31.42 22.84
N HIS A 89 16.19 30.87 22.77
CA HIS A 89 15.04 31.63 22.32
C HIS A 89 14.40 32.38 23.49
N SER A 90 15.21 33.19 24.18
CA SER A 90 14.73 33.96 25.32
C SER A 90 14.12 35.29 24.86
N GLY A 91 14.68 35.83 23.78
CA GLY A 91 14.18 37.10 23.27
C GLY A 91 15.15 37.73 22.28
N PRO A 92 15.20 37.17 21.06
CA PRO A 92 16.09 37.68 20.01
C PRO A 92 15.65 39.04 19.48
N SER A 93 16.57 39.75 18.84
CA SER A 93 16.28 41.07 18.29
C SER A 93 15.38 40.96 17.06
N SER A 94 15.84 40.20 16.07
CA SER A 94 15.08 40.01 14.84
C SER A 94 15.24 38.59 14.32
N GLY A 95 14.17 38.07 13.73
CA GLY A 95 14.21 36.71 13.20
C GLY A 95 13.05 36.42 12.25
N GLY A 1 17.76 -31.90 -22.88
CA GLY A 1 17.22 -30.60 -22.59
C GLY A 1 16.78 -30.46 -21.14
N SER A 2 17.39 -29.51 -20.43
CA SER A 2 17.07 -29.29 -19.03
C SER A 2 17.13 -27.80 -18.69
N SER A 3 16.18 -27.36 -17.85
CA SER A 3 16.13 -25.97 -17.45
C SER A 3 15.40 -25.81 -16.12
N GLY A 4 15.84 -24.87 -15.31
CA GLY A 4 15.23 -24.64 -14.02
C GLY A 4 14.18 -23.54 -14.06
N SER A 5 13.91 -22.93 -12.91
CA SER A 5 12.93 -21.86 -12.82
C SER A 5 13.48 -20.67 -12.04
N SER A 6 13.90 -19.64 -12.75
CA SER A 6 14.45 -18.45 -12.12
C SER A 6 13.40 -17.34 -12.05
N GLY A 7 13.66 -16.34 -11.21
CA GLY A 7 12.74 -15.23 -11.08
C GLY A 7 12.58 -14.79 -9.63
N VAL A 8 11.88 -13.68 -9.43
CA VAL A 8 11.65 -13.16 -8.09
C VAL A 8 10.19 -13.33 -7.67
N ALA A 9 9.97 -13.66 -6.40
CA ALA A 9 8.63 -13.85 -5.88
C ALA A 9 8.25 -12.73 -4.93
N CYS A 10 7.05 -12.18 -5.12
CA CYS A 10 6.56 -11.09 -4.28
C CYS A 10 6.26 -11.58 -2.87
N GLU A 11 6.72 -10.83 -1.87
CA GLU A 11 6.49 -11.20 -0.48
C GLU A 11 5.27 -10.47 0.08
N ILE A 12 4.35 -10.12 -0.80
CA ILE A 12 3.13 -9.42 -0.39
C ILE A 12 1.88 -10.13 -0.93
N CYS A 13 1.99 -10.62 -2.16
CA CYS A 13 0.87 -11.32 -2.79
C CYS A 13 1.26 -12.73 -3.19
N GLY A 14 2.51 -12.89 -3.63
CA GLY A 14 3.00 -14.20 -4.03
C GLY A 14 3.27 -14.29 -5.52
N LYS A 15 2.71 -13.35 -6.27
CA LYS A 15 2.89 -13.32 -7.72
C LYS A 15 4.37 -13.38 -8.07
N ILE A 16 4.72 -14.26 -9.02
CA ILE A 16 6.10 -14.41 -9.45
C ILE A 16 6.41 -13.49 -10.63
N PHE A 17 7.65 -13.04 -10.69
CA PHE A 17 8.08 -12.14 -11.77
C PHE A 17 9.39 -12.62 -12.38
N ARG A 18 9.39 -12.82 -13.70
CA ARG A 18 10.57 -13.28 -14.41
C ARG A 18 11.71 -12.27 -14.29
N ASP A 19 11.35 -10.98 -14.26
CA ASP A 19 12.33 -9.91 -14.15
C ASP A 19 12.07 -9.06 -12.91
N VAL A 20 13.13 -8.41 -12.43
CA VAL A 20 13.01 -7.56 -11.24
C VAL A 20 12.45 -6.19 -11.60
N TYR A 21 12.68 -5.78 -12.83
CA TYR A 21 12.21 -4.47 -13.31
C TYR A 21 10.68 -4.42 -13.29
N HIS A 22 10.04 -5.48 -13.75
CA HIS A 22 8.59 -5.55 -13.78
C HIS A 22 8.02 -5.57 -12.36
N LEU A 23 8.73 -6.20 -11.45
CA LEU A 23 8.29 -6.29 -10.06
C LEU A 23 8.29 -4.91 -9.40
N ASN A 24 9.19 -4.03 -9.85
CA ASN A 24 9.28 -2.69 -9.31
C ASN A 24 7.95 -1.95 -9.45
N ARG A 25 7.47 -1.84 -10.70
CA ARG A 25 6.21 -1.17 -10.98
C ARG A 25 5.07 -1.80 -10.18
N HIS A 26 5.18 -3.09 -9.91
CA HIS A 26 4.16 -3.81 -9.17
C HIS A 26 4.15 -3.37 -7.70
N LYS A 27 5.30 -3.49 -7.04
CA LYS A 27 5.42 -3.11 -5.64
C LYS A 27 4.91 -1.69 -5.42
N LEU A 28 5.08 -0.84 -6.43
CA LEU A 28 4.64 0.55 -6.35
C LEU A 28 3.14 0.62 -6.05
N SER A 29 2.40 -0.36 -6.55
CA SER A 29 0.96 -0.40 -6.35
C SER A 29 0.61 -0.78 -4.91
N HIS A 30 1.39 -1.71 -4.36
CA HIS A 30 1.18 -2.17 -2.99
C HIS A 30 1.15 -0.99 -2.02
N SER A 31 2.26 -0.27 -1.95
CA SER A 31 2.36 0.89 -1.05
C SER A 31 1.93 2.16 -1.77
N GLY A 32 1.75 3.23 -1.01
CA GLY A 32 1.35 4.50 -1.59
C GLY A 32 0.18 5.12 -0.85
N GLU A 33 -0.54 4.31 -0.09
CA GLU A 33 -1.69 4.78 0.67
C GLU A 33 -1.34 4.99 2.14
N LYS A 34 -0.74 6.13 2.44
CA LYS A 34 -0.34 6.45 3.81
C LYS A 34 0.09 7.90 3.92
N PRO A 35 0.07 8.44 5.16
CA PRO A 35 -0.35 7.67 6.34
C PRO A 35 -1.83 7.36 6.34
N TYR A 36 -2.64 8.35 5.98
CA TYR A 36 -4.09 8.18 5.93
C TYR A 36 -4.63 8.45 4.53
N SER A 37 -4.88 7.37 3.79
CA SER A 37 -5.40 7.50 2.43
C SER A 37 -6.80 6.90 2.33
N CYS A 38 -7.57 7.38 1.35
CA CYS A 38 -8.93 6.90 1.15
C CYS A 38 -8.93 5.61 0.34
N PRO A 39 -9.64 4.59 0.85
CA PRO A 39 -9.75 3.28 0.19
C PRO A 39 -10.57 3.34 -1.09
N VAL A 40 -11.51 4.27 -1.14
CA VAL A 40 -12.36 4.44 -2.32
C VAL A 40 -11.69 5.31 -3.37
N CYS A 41 -11.62 6.62 -3.09
CA CYS A 41 -11.01 7.56 -4.01
C CYS A 41 -9.57 7.16 -4.32
N GLY A 42 -8.70 7.25 -3.31
CA GLY A 42 -7.31 6.89 -3.49
C GLY A 42 -6.37 8.05 -3.22
N LEU A 43 -6.87 9.06 -2.50
CA LEU A 43 -6.07 10.23 -2.17
C LEU A 43 -5.22 9.97 -0.92
N ARG A 44 -4.31 10.90 -0.64
CA ARG A 44 -3.44 10.78 0.52
C ARG A 44 -3.60 11.98 1.45
N PHE A 45 -3.74 11.71 2.75
CA PHE A 45 -3.90 12.77 3.74
C PHE A 45 -2.90 12.61 4.88
N LYS A 46 -2.34 13.72 5.33
CA LYS A 46 -1.37 13.71 6.42
C LYS A 46 -2.01 14.11 7.74
N ARG A 47 -3.32 13.87 7.85
CA ARG A 47 -4.06 14.21 9.05
C ARG A 47 -5.26 13.29 9.23
N LYS A 48 -5.66 13.06 10.47
CA LYS A 48 -6.79 12.20 10.77
C LYS A 48 -8.09 13.00 10.80
N ASP A 49 -7.97 14.32 10.89
CA ASP A 49 -9.14 15.20 10.91
C ASP A 49 -9.73 15.36 9.51
N ARG A 50 -8.90 15.13 8.50
CA ARG A 50 -9.35 15.25 7.12
C ARG A 50 -9.86 13.91 6.60
N MET A 51 -9.00 12.90 6.60
CA MET A 51 -9.37 11.57 6.14
C MET A 51 -10.65 11.09 6.81
N SER A 52 -10.85 11.51 8.06
CA SER A 52 -12.03 11.12 8.82
C SER A 52 -13.29 11.68 8.18
N TYR A 53 -13.25 12.97 7.82
CA TYR A 53 -14.39 13.63 7.20
C TYR A 53 -14.49 13.27 5.72
N HIS A 54 -13.38 12.81 5.15
CA HIS A 54 -13.33 12.43 3.75
C HIS A 54 -13.93 11.04 3.54
N VAL A 55 -13.46 10.08 4.35
CA VAL A 55 -13.95 8.71 4.26
C VAL A 55 -15.43 8.62 4.58
N ARG A 56 -15.80 9.06 5.77
CA ARG A 56 -17.18 9.04 6.21
C ARG A 56 -18.09 9.70 5.17
N SER A 57 -17.60 10.78 4.58
CA SER A 57 -18.35 11.51 3.57
C SER A 57 -18.85 10.59 2.46
N HIS A 58 -18.09 9.50 2.24
CA HIS A 58 -18.44 8.54 1.21
C HIS A 58 -19.35 7.45 1.78
N ASP A 59 -18.92 6.85 2.88
CA ASP A 59 -19.69 5.79 3.53
C ASP A 59 -19.63 4.50 2.72
N GLY A 60 -20.26 4.52 1.56
CA GLY A 60 -20.27 3.34 0.71
C GLY A 60 -21.61 2.64 0.69
N SER A 61 -22.68 3.40 0.93
CA SER A 61 -24.02 2.84 0.94
C SER A 61 -24.65 2.89 -0.44
N VAL A 62 -24.14 2.06 -1.35
CA VAL A 62 -24.65 2.01 -2.71
C VAL A 62 -25.93 1.18 -2.78
N GLY A 63 -26.09 0.26 -1.84
CA GLY A 63 -27.27 -0.59 -1.82
C GLY A 63 -27.00 -1.94 -1.19
N LYS A 64 -27.21 -3.00 -1.97
CA LYS A 64 -26.99 -4.36 -1.49
C LYS A 64 -25.50 -4.67 -1.40
N PRO A 65 -25.15 -5.70 -0.61
CA PRO A 65 -23.76 -6.13 -0.43
C PRO A 65 -23.18 -6.76 -1.69
N TYR A 66 -23.94 -7.68 -2.27
CA TYR A 66 -23.50 -8.37 -3.49
C TYR A 66 -24.29 -7.91 -4.70
N ILE A 67 -23.59 -7.66 -5.81
CA ILE A 67 -24.23 -7.21 -7.04
C ILE A 67 -23.80 -8.05 -8.22
N CYS A 68 -24.71 -8.25 -9.17
CA CYS A 68 -24.43 -9.04 -10.36
C CYS A 68 -23.15 -8.57 -11.03
N GLN A 69 -22.56 -9.43 -11.85
CA GLN A 69 -21.32 -9.10 -12.56
C GLN A 69 -21.63 -8.55 -13.95
N SER A 70 -22.91 -8.59 -14.33
CA SER A 70 -23.33 -8.11 -15.64
C SER A 70 -24.12 -6.80 -15.50
N CYS A 71 -25.36 -6.91 -15.06
CA CYS A 71 -26.23 -5.75 -14.88
C CYS A 71 -25.87 -5.00 -13.60
N GLY A 72 -25.14 -5.67 -12.71
CA GLY A 72 -24.75 -5.05 -11.46
C GLY A 72 -25.92 -4.40 -10.74
N LYS A 73 -26.94 -5.19 -10.44
CA LYS A 73 -28.12 -4.69 -9.75
C LYS A 73 -27.91 -4.69 -8.24
N GLY A 74 -27.98 -5.86 -7.63
CA GLY A 74 -27.79 -5.97 -6.20
C GLY A 74 -28.87 -6.82 -5.53
N PHE A 75 -28.44 -7.79 -4.74
CA PHE A 75 -29.37 -8.68 -4.04
C PHE A 75 -29.06 -8.74 -2.55
N SER A 76 -30.09 -8.73 -1.74
CA SER A 76 -29.93 -8.79 -0.28
C SER A 76 -29.03 -9.95 0.11
N ARG A 77 -29.41 -11.16 -0.31
CA ARG A 77 -28.64 -12.35 -0.01
C ARG A 77 -27.83 -12.81 -1.21
N PRO A 78 -26.80 -13.63 -0.96
CA PRO A 78 -25.92 -14.15 -2.01
C PRO A 78 -26.63 -15.17 -2.90
N ASP A 79 -27.33 -16.11 -2.28
CA ASP A 79 -28.05 -17.13 -3.02
C ASP A 79 -29.00 -16.50 -4.03
N HIS A 80 -29.54 -15.34 -3.69
CA HIS A 80 -30.48 -14.64 -4.57
C HIS A 80 -29.79 -14.25 -5.87
N LEU A 81 -28.51 -13.88 -5.78
CA LEU A 81 -27.75 -13.48 -6.95
C LEU A 81 -27.43 -14.69 -7.83
N ASN A 82 -27.30 -15.85 -7.21
CA ASN A 82 -27.01 -17.08 -7.93
C ASN A 82 -28.13 -17.42 -8.91
N GLY A 83 -29.36 -17.30 -8.45
CA GLY A 83 -30.51 -17.61 -9.30
C GLY A 83 -30.65 -16.63 -10.45
N HIS A 84 -30.31 -15.37 -10.21
CA HIS A 84 -30.39 -14.34 -11.23
C HIS A 84 -29.44 -14.64 -12.38
N ILE A 85 -28.29 -15.22 -12.06
CA ILE A 85 -27.30 -15.56 -13.07
C ILE A 85 -27.73 -16.79 -13.87
N LYS A 86 -28.55 -17.63 -13.25
CA LYS A 86 -29.03 -18.84 -13.91
C LYS A 86 -30.36 -18.58 -14.62
N GLN A 87 -31.01 -17.49 -14.25
CA GLN A 87 -32.29 -17.12 -14.86
C GLN A 87 -32.10 -16.04 -15.93
N VAL A 88 -31.65 -14.87 -15.49
CA VAL A 88 -31.42 -13.75 -16.40
C VAL A 88 -30.25 -14.04 -17.34
N HIS A 89 -29.04 -14.11 -16.77
CA HIS A 89 -27.85 -14.38 -17.56
C HIS A 89 -27.60 -15.88 -17.67
N SER A 90 -28.62 -16.63 -18.05
CA SER A 90 -28.51 -18.07 -18.18
C SER A 90 -27.76 -18.44 -19.45
N GLY A 91 -26.82 -19.39 -19.33
CA GLY A 91 -26.05 -19.82 -20.48
C GLY A 91 -26.50 -21.16 -21.01
N PRO A 92 -25.89 -21.60 -22.13
CA PRO A 92 -26.21 -22.89 -22.75
C PRO A 92 -25.75 -24.07 -21.92
N SER A 93 -26.23 -25.26 -22.28
CA SER A 93 -25.85 -26.47 -21.55
C SER A 93 -25.13 -27.46 -22.47
N SER A 94 -25.65 -27.62 -23.68
CA SER A 94 -25.07 -28.53 -24.66
C SER A 94 -24.89 -29.93 -24.07
N GLY A 95 -26.01 -30.64 -23.93
CA GLY A 95 -25.95 -31.98 -23.37
C GLY A 95 -25.97 -33.05 -24.44
N GLY A 1 24.41 -15.45 -25.96
CA GLY A 1 23.77 -16.67 -25.48
C GLY A 1 23.15 -16.50 -24.11
N SER A 2 22.63 -17.60 -23.57
CA SER A 2 22.00 -17.57 -22.25
C SER A 2 21.61 -18.97 -21.80
N SER A 3 21.56 -19.18 -20.49
CA SER A 3 21.21 -20.48 -19.93
C SER A 3 20.88 -20.36 -18.45
N GLY A 4 19.85 -21.08 -18.02
CA GLY A 4 19.44 -21.04 -16.63
C GLY A 4 18.15 -20.26 -16.43
N SER A 5 17.40 -20.64 -15.41
CA SER A 5 16.13 -19.97 -15.11
C SER A 5 16.33 -18.88 -14.05
N SER A 6 15.29 -18.07 -13.85
CA SER A 6 15.35 -16.98 -12.88
C SER A 6 13.98 -16.34 -12.70
N GLY A 7 13.72 -15.83 -11.50
CA GLY A 7 12.45 -15.19 -11.22
C GLY A 7 12.34 -14.70 -9.79
N VAL A 8 11.58 -13.64 -9.59
CA VAL A 8 11.39 -13.07 -8.26
C VAL A 8 9.95 -13.20 -7.80
N ALA A 9 9.76 -13.59 -6.54
CA ALA A 9 8.43 -13.75 -5.97
C ALA A 9 8.11 -12.63 -5.00
N CYS A 10 6.96 -12.00 -5.20
CA CYS A 10 6.52 -10.90 -4.34
C CYS A 10 6.34 -11.37 -2.90
N GLU A 11 6.86 -10.59 -1.96
CA GLU A 11 6.76 -10.93 -0.54
C GLU A 11 5.57 -10.23 0.10
N ILE A 12 4.56 -9.91 -0.70
CA ILE A 12 3.37 -9.24 -0.22
C ILE A 12 2.10 -9.99 -0.62
N CYS A 13 2.11 -10.51 -1.84
CA CYS A 13 0.96 -11.26 -2.36
C CYS A 13 1.36 -12.67 -2.75
N GLY A 14 2.55 -12.80 -3.34
CA GLY A 14 3.04 -14.10 -3.76
C GLY A 14 3.02 -14.28 -5.26
N LYS A 15 3.19 -13.18 -5.98
CA LYS A 15 3.20 -13.20 -7.44
C LYS A 15 4.62 -13.32 -7.98
N ILE A 16 4.79 -14.17 -8.98
CA ILE A 16 6.10 -14.37 -9.59
C ILE A 16 6.30 -13.43 -10.78
N PHE A 17 7.56 -13.03 -11.00
CA PHE A 17 7.88 -12.14 -12.10
C PHE A 17 9.10 -12.64 -12.86
N ARG A 18 9.02 -12.60 -14.19
CA ARG A 18 10.12 -13.06 -15.04
C ARG A 18 11.35 -12.17 -14.88
N ASP A 19 11.11 -10.91 -14.49
CA ASP A 19 12.19 -9.95 -14.30
C ASP A 19 11.97 -9.14 -13.03
N VAL A 20 13.05 -8.57 -12.50
CA VAL A 20 12.98 -7.76 -11.29
C VAL A 20 12.55 -6.33 -11.62
N TYR A 21 12.84 -5.90 -12.84
CA TYR A 21 12.50 -4.55 -13.27
C TYR A 21 10.98 -4.34 -13.23
N HIS A 22 10.24 -5.39 -13.52
CA HIS A 22 8.78 -5.33 -13.52
C HIS A 22 8.24 -5.38 -12.10
N LEU A 23 8.90 -6.13 -11.24
CA LEU A 23 8.49 -6.27 -9.85
C LEU A 23 8.50 -4.92 -9.14
N ASN A 24 9.47 -4.08 -9.50
CA ASN A 24 9.60 -2.75 -8.91
C ASN A 24 8.29 -1.96 -9.06
N ARG A 25 7.69 -2.05 -10.24
CA ARG A 25 6.45 -1.35 -10.51
C ARG A 25 5.30 -1.91 -9.66
N HIS A 26 5.20 -3.23 -9.63
CA HIS A 26 4.15 -3.90 -8.86
C HIS A 26 4.28 -3.57 -7.38
N LYS A 27 5.50 -3.61 -6.88
CA LYS A 27 5.76 -3.30 -5.48
C LYS A 27 5.13 -1.98 -5.07
N LEU A 28 5.05 -1.06 -6.02
CA LEU A 28 4.45 0.26 -5.77
C LEU A 28 2.95 0.24 -6.03
N SER A 29 2.53 -0.66 -6.91
CA SER A 29 1.11 -0.78 -7.26
C SER A 29 0.28 -1.16 -6.05
N HIS A 30 0.92 -1.82 -5.08
CA HIS A 30 0.24 -2.23 -3.86
C HIS A 30 -0.38 -1.05 -3.14
N SER A 31 -1.02 -1.31 -2.01
CA SER A 31 -1.67 -0.26 -1.23
C SER A 31 -2.78 0.41 -2.03
N GLY A 32 -4.00 -0.09 -1.87
CA GLY A 32 -5.14 0.45 -2.58
C GLY A 32 -5.96 -0.60 -3.28
N GLU A 33 -6.54 -0.24 -4.42
CA GLU A 33 -7.35 -1.17 -5.19
C GLU A 33 -6.84 -1.29 -6.61
N LYS A 34 -7.63 -1.94 -7.47
CA LYS A 34 -7.25 -2.12 -8.87
C LYS A 34 -8.46 -1.88 -9.79
N PRO A 35 -8.17 -1.59 -11.07
CA PRO A 35 -6.80 -1.51 -11.57
C PRO A 35 -6.05 -0.30 -11.04
N TYR A 36 -6.68 0.86 -11.13
CA TYR A 36 -6.07 2.10 -10.65
C TYR A 36 -6.96 2.79 -9.62
N SER A 37 -6.64 2.60 -8.35
CA SER A 37 -7.40 3.21 -7.26
C SER A 37 -6.59 4.27 -6.54
N CYS A 38 -7.28 5.19 -5.87
CA CYS A 38 -6.63 6.25 -5.14
C CYS A 38 -6.20 5.79 -3.75
N PRO A 39 -4.93 6.02 -3.39
CA PRO A 39 -4.39 5.63 -2.10
C PRO A 39 -4.95 6.47 -0.95
N VAL A 40 -5.41 7.67 -1.28
CA VAL A 40 -5.98 8.56 -0.28
C VAL A 40 -7.47 8.28 -0.07
N CYS A 41 -8.26 8.52 -1.11
CA CYS A 41 -9.69 8.29 -1.04
C CYS A 41 -10.00 6.80 -0.96
N GLY A 42 -9.76 6.08 -2.06
CA GLY A 42 -10.01 4.66 -2.08
C GLY A 42 -10.81 4.24 -3.31
N LEU A 43 -11.35 5.21 -4.02
CA LEU A 43 -12.14 4.94 -5.21
C LEU A 43 -11.38 4.04 -6.18
N ARG A 44 -12.10 3.50 -7.16
CA ARG A 44 -11.49 2.63 -8.16
C ARG A 44 -11.74 3.14 -9.57
N PHE A 45 -10.67 3.40 -10.30
CA PHE A 45 -10.77 3.90 -11.67
C PHE A 45 -10.31 2.85 -12.67
N LYS A 46 -11.06 2.69 -13.75
CA LYS A 46 -10.73 1.73 -14.79
C LYS A 46 -9.94 2.38 -15.91
N ARG A 47 -9.26 3.48 -15.59
CA ARG A 47 -8.47 4.20 -16.58
C ARG A 47 -7.32 4.95 -15.91
N LYS A 48 -6.24 5.16 -16.67
CA LYS A 48 -5.08 5.87 -16.15
C LYS A 48 -5.21 7.37 -16.37
N ASP A 49 -6.08 7.76 -17.30
CA ASP A 49 -6.31 9.17 -17.60
C ASP A 49 -7.09 9.85 -16.49
N ARG A 50 -7.88 9.06 -15.77
CA ARG A 50 -8.69 9.58 -14.67
C ARG A 50 -7.90 9.59 -13.36
N MET A 51 -7.46 8.42 -12.94
CA MET A 51 -6.69 8.28 -11.70
C MET A 51 -5.53 9.27 -11.68
N SER A 52 -4.96 9.53 -12.85
CA SER A 52 -3.82 10.44 -12.98
C SER A 52 -4.24 11.86 -12.60
N TYR A 53 -5.47 12.22 -12.95
CA TYR A 53 -5.98 13.56 -12.65
C TYR A 53 -6.64 13.59 -11.27
N HIS A 54 -7.02 12.42 -10.77
CA HIS A 54 -7.65 12.31 -9.46
C HIS A 54 -6.60 12.32 -8.35
N VAL A 55 -5.56 11.52 -8.52
CA VAL A 55 -4.49 11.43 -7.53
C VAL A 55 -3.77 12.77 -7.38
N ARG A 56 -3.32 13.32 -8.50
CA ARG A 56 -2.62 14.60 -8.49
C ARG A 56 -3.53 15.72 -7.98
N SER A 57 -4.82 15.59 -8.25
CA SER A 57 -5.80 16.59 -7.83
C SER A 57 -5.73 16.80 -6.32
N HIS A 58 -5.26 15.79 -5.60
CA HIS A 58 -5.15 15.87 -4.14
C HIS A 58 -3.84 16.55 -3.74
N ASP A 59 -2.85 16.47 -4.62
CA ASP A 59 -1.55 17.07 -4.36
C ASP A 59 -1.70 18.55 -3.95
N GLY A 60 -0.79 19.01 -3.10
CA GLY A 60 -0.85 20.39 -2.65
C GLY A 60 -0.77 21.38 -3.79
N SER A 61 -0.63 22.66 -3.46
CA SER A 61 -0.54 23.71 -4.46
C SER A 61 0.69 23.52 -5.34
N VAL A 62 0.74 24.26 -6.45
CA VAL A 62 1.86 24.18 -7.37
C VAL A 62 2.69 25.46 -7.36
N GLY A 63 2.05 26.57 -6.98
CA GLY A 63 2.73 27.84 -6.93
C GLY A 63 3.12 28.35 -8.30
N LYS A 64 4.33 28.03 -8.74
CA LYS A 64 4.82 28.46 -10.04
C LYS A 64 4.53 27.40 -11.10
N PRO A 65 4.55 27.82 -12.38
CA PRO A 65 4.29 26.93 -13.51
C PRO A 65 5.42 25.91 -13.71
N TYR A 66 6.66 26.36 -13.52
CA TYR A 66 7.82 25.50 -13.69
C TYR A 66 8.61 25.41 -12.40
N ILE A 67 9.04 24.20 -12.06
CA ILE A 67 9.82 23.96 -10.85
C ILE A 67 11.06 23.14 -11.13
N CYS A 68 12.14 23.43 -10.41
CA CYS A 68 13.39 22.70 -10.59
C CYS A 68 13.17 21.19 -10.49
N GLN A 69 14.10 20.43 -11.04
CA GLN A 69 14.01 18.97 -11.02
C GLN A 69 14.74 18.40 -9.80
N SER A 70 15.43 19.28 -9.06
CA SER A 70 16.17 18.85 -7.88
C SER A 70 15.52 19.41 -6.61
N CYS A 71 15.73 20.70 -6.37
CA CYS A 71 15.17 21.35 -5.19
C CYS A 71 13.67 21.60 -5.37
N GLY A 72 13.20 21.51 -6.61
CA GLY A 72 11.79 21.71 -6.89
C GLY A 72 11.26 22.98 -6.25
N LYS A 73 12.02 24.06 -6.33
CA LYS A 73 11.62 25.33 -5.76
C LYS A 73 10.44 25.92 -6.51
N GLY A 74 10.70 26.47 -7.69
CA GLY A 74 9.64 27.06 -8.49
C GLY A 74 9.94 28.49 -8.89
N PHE A 75 9.98 28.73 -10.19
CA PHE A 75 10.26 30.07 -10.71
C PHE A 75 9.11 30.56 -11.59
N SER A 76 8.83 31.87 -11.50
CA SER A 76 7.76 32.47 -12.28
C SER A 76 7.91 32.13 -13.76
N ARG A 77 9.09 32.43 -14.30
CA ARG A 77 9.38 32.17 -15.71
C ARG A 77 10.21 30.92 -15.88
N PRO A 78 10.21 30.34 -17.09
CA PRO A 78 10.97 29.13 -17.41
C PRO A 78 12.47 29.38 -17.42
N ASP A 79 12.89 30.43 -18.11
CA ASP A 79 14.30 30.77 -18.21
C ASP A 79 14.92 30.88 -16.83
N HIS A 80 14.17 31.42 -15.88
CA HIS A 80 14.64 31.58 -14.52
C HIS A 80 15.09 30.24 -13.93
N LEU A 81 14.51 29.16 -14.43
CA LEU A 81 14.85 27.82 -13.97
C LEU A 81 16.01 27.24 -14.76
N ASN A 82 16.07 27.57 -16.05
CA ASN A 82 17.14 27.08 -16.91
C ASN A 82 18.51 27.36 -16.30
N GLY A 83 18.79 28.65 -16.06
CA GLY A 83 20.06 29.03 -15.48
C GLY A 83 20.26 28.46 -14.08
N HIS A 84 19.18 28.46 -13.30
CA HIS A 84 19.24 27.95 -11.93
C HIS A 84 19.84 26.55 -11.91
N ILE A 85 19.45 25.73 -12.87
CA ILE A 85 19.96 24.36 -12.95
C ILE A 85 21.48 24.33 -12.97
N LYS A 86 22.08 25.26 -13.71
CA LYS A 86 23.52 25.34 -13.81
C LYS A 86 24.09 26.25 -12.73
N GLN A 87 23.21 26.94 -12.02
CA GLN A 87 23.62 27.84 -10.95
C GLN A 87 24.12 27.06 -9.74
N VAL A 88 23.29 26.12 -9.27
CA VAL A 88 23.63 25.31 -8.12
C VAL A 88 23.88 23.85 -8.52
N HIS A 89 22.92 23.29 -9.25
CA HIS A 89 23.02 21.91 -9.70
C HIS A 89 23.95 21.80 -10.91
N SER A 90 25.19 22.21 -10.73
CA SER A 90 26.18 22.17 -11.80
C SER A 90 27.04 20.91 -11.70
N GLY A 91 27.05 20.11 -12.75
CA GLY A 91 27.83 18.89 -12.76
C GLY A 91 27.49 17.99 -13.93
N PRO A 92 28.25 16.89 -14.07
CA PRO A 92 28.04 15.92 -15.15
C PRO A 92 26.76 15.13 -14.98
N SER A 93 26.45 14.75 -13.74
CA SER A 93 25.25 13.98 -13.45
C SER A 93 25.02 13.89 -11.94
N SER A 94 23.88 14.40 -11.49
CA SER A 94 23.54 14.38 -10.07
C SER A 94 22.03 14.26 -9.88
N GLY A 95 21.37 13.57 -10.81
CA GLY A 95 19.94 13.39 -10.73
C GLY A 95 19.25 13.51 -12.08
N GLY A 1 22.81 -26.82 -22.69
CA GLY A 1 24.13 -26.28 -22.41
C GLY A 1 24.12 -25.36 -21.20
N SER A 2 24.16 -24.06 -21.45
CA SER A 2 24.17 -23.08 -20.36
C SER A 2 22.75 -22.71 -19.95
N SER A 3 22.50 -22.73 -18.64
CA SER A 3 21.19 -22.41 -18.10
C SER A 3 21.19 -21.04 -17.44
N GLY A 4 20.00 -20.49 -17.23
CA GLY A 4 19.88 -19.19 -16.60
C GLY A 4 18.44 -18.80 -16.33
N SER A 5 17.64 -19.77 -15.89
CA SER A 5 16.24 -19.51 -15.60
C SER A 5 16.03 -19.25 -14.12
N SER A 6 15.55 -18.04 -13.80
CA SER A 6 15.31 -17.66 -12.41
C SER A 6 14.33 -16.49 -12.33
N GLY A 7 13.53 -16.46 -11.28
CA GLY A 7 12.56 -15.40 -11.10
C GLY A 7 12.38 -15.01 -9.65
N VAL A 8 11.78 -13.84 -9.42
CA VAL A 8 11.55 -13.36 -8.06
C VAL A 8 10.12 -13.65 -7.63
N ALA A 9 9.89 -13.61 -6.31
CA ALA A 9 8.56 -13.86 -5.76
C ALA A 9 8.14 -12.74 -4.81
N CYS A 10 7.06 -12.04 -5.16
CA CYS A 10 6.55 -10.95 -4.34
C CYS A 10 6.27 -11.42 -2.92
N GLU A 11 6.73 -10.64 -1.95
CA GLU A 11 6.53 -10.98 -0.55
C GLU A 11 5.30 -10.26 0.02
N ILE A 12 4.36 -9.95 -0.86
CA ILE A 12 3.13 -9.27 -0.45
C ILE A 12 1.89 -10.00 -0.95
N CYS A 13 1.98 -10.53 -2.17
CA CYS A 13 0.88 -11.27 -2.77
C CYS A 13 1.28 -12.70 -3.09
N GLY A 14 2.49 -12.87 -3.60
CA GLY A 14 2.98 -14.19 -3.94
C GLY A 14 3.06 -14.41 -5.44
N LYS A 15 3.15 -13.32 -6.19
CA LYS A 15 3.23 -13.41 -7.65
C LYS A 15 4.68 -13.48 -8.11
N ILE A 16 4.94 -14.35 -9.08
CA ILE A 16 6.28 -14.52 -9.61
C ILE A 16 6.53 -13.61 -10.80
N PHE A 17 7.71 -13.01 -10.86
CA PHE A 17 8.06 -12.11 -11.95
C PHE A 17 9.33 -12.59 -12.66
N ARG A 18 9.25 -12.70 -13.98
CA ARG A 18 10.39 -13.15 -14.78
C ARG A 18 11.59 -12.24 -14.57
N ASP A 19 11.33 -10.97 -14.28
CA ASP A 19 12.38 -10.00 -14.06
C ASP A 19 12.08 -9.14 -12.83
N VAL A 20 13.06 -8.34 -12.43
CA VAL A 20 12.91 -7.46 -11.27
C VAL A 20 12.24 -6.15 -11.65
N TYR A 21 12.58 -5.65 -12.84
CA TYR A 21 12.01 -4.39 -13.33
C TYR A 21 10.49 -4.41 -13.26
N HIS A 22 9.90 -5.55 -13.64
CA HIS A 22 8.45 -5.70 -13.62
C HIS A 22 7.94 -5.79 -12.19
N LEU A 23 8.79 -6.26 -11.28
CA LEU A 23 8.42 -6.39 -9.88
C LEU A 23 8.45 -5.03 -9.17
N ASN A 24 9.26 -4.12 -9.69
CA ASN A 24 9.37 -2.78 -9.12
C ASN A 24 8.08 -2.00 -9.30
N ARG A 25 7.62 -1.91 -10.55
CA ARG A 25 6.39 -1.19 -10.85
C ARG A 25 5.20 -1.80 -10.13
N HIS A 26 5.30 -3.09 -9.82
CA HIS A 26 4.23 -3.80 -9.12
C HIS A 26 4.16 -3.38 -7.66
N LYS A 27 5.28 -3.50 -6.96
CA LYS A 27 5.35 -3.12 -5.55
C LYS A 27 4.85 -1.70 -5.34
N LEU A 28 5.12 -0.83 -6.31
CA LEU A 28 4.69 0.56 -6.23
C LEU A 28 3.18 0.67 -6.07
N SER A 29 2.47 -0.33 -6.59
CA SER A 29 1.01 -0.36 -6.50
C SER A 29 0.56 -0.78 -5.11
N HIS A 30 1.28 -1.73 -4.52
CA HIS A 30 0.96 -2.24 -3.19
C HIS A 30 0.82 -1.09 -2.20
N SER A 31 1.83 -0.22 -2.16
CA SER A 31 1.83 0.92 -1.25
C SER A 31 1.69 2.23 -2.02
N GLY A 32 0.66 3.00 -1.68
CA GLY A 32 0.44 4.27 -2.35
C GLY A 32 1.36 5.37 -1.84
N GLU A 33 0.82 6.58 -1.72
CA GLU A 33 1.60 7.71 -1.24
C GLU A 33 0.74 8.97 -1.19
N LYS A 34 1.30 10.04 -0.62
CA LYS A 34 0.58 11.31 -0.51
C LYS A 34 -0.64 11.17 0.39
N PRO A 35 -1.07 12.29 0.99
CA PRO A 35 -0.41 13.59 0.79
C PRO A 35 0.96 13.65 1.45
N TYR A 36 1.05 13.11 2.65
CA TYR A 36 2.31 13.11 3.39
C TYR A 36 2.70 11.68 3.80
N SER A 37 3.58 11.08 3.02
CA SER A 37 4.04 9.72 3.30
C SER A 37 5.51 9.71 3.70
N CYS A 38 5.91 8.67 4.42
CA CYS A 38 7.29 8.54 4.88
C CYS A 38 8.18 7.96 3.78
N PRO A 39 9.31 8.64 3.50
CA PRO A 39 10.25 8.20 2.48
C PRO A 39 10.99 6.93 2.87
N VAL A 40 10.96 6.60 4.16
CA VAL A 40 11.63 5.42 4.67
C VAL A 40 10.66 4.24 4.75
N CYS A 41 9.66 4.37 5.62
CA CYS A 41 8.67 3.31 5.80
C CYS A 41 7.80 3.17 4.55
N GLY A 42 6.97 4.16 4.29
CA GLY A 42 6.10 4.13 3.14
C GLY A 42 4.66 4.45 3.48
N LEU A 43 4.35 4.46 4.77
CA LEU A 43 3.00 4.76 5.23
C LEU A 43 2.51 6.10 4.67
N ARG A 44 1.22 6.35 4.82
CA ARG A 44 0.62 7.58 4.34
C ARG A 44 -0.14 8.31 5.45
N PHE A 45 0.06 9.61 5.55
CA PHE A 45 -0.61 10.40 6.58
C PHE A 45 -1.41 11.55 5.94
N LYS A 46 -2.55 11.86 6.53
CA LYS A 46 -3.41 12.93 6.03
C LYS A 46 -3.22 14.20 6.84
N ARG A 47 -2.07 14.33 7.48
CA ARG A 47 -1.77 15.50 8.30
C ARG A 47 -0.26 15.75 8.37
N LYS A 48 0.12 16.98 8.63
CA LYS A 48 1.53 17.35 8.71
C LYS A 48 2.04 17.19 10.14
N ASP A 49 1.12 17.18 11.10
CA ASP A 49 1.48 17.02 12.51
C ASP A 49 1.91 15.59 12.81
N ARG A 50 1.44 14.65 11.99
CA ARG A 50 1.78 13.25 12.16
C ARG A 50 3.05 12.89 11.41
N MET A 51 3.02 13.08 10.10
CA MET A 51 4.18 12.78 9.26
C MET A 51 5.44 13.45 9.81
N SER A 52 5.27 14.63 10.40
CA SER A 52 6.39 15.36 10.96
C SER A 52 7.01 14.61 12.13
N TYR A 53 6.16 14.11 13.02
CA TYR A 53 6.63 13.36 14.19
C TYR A 53 7.02 11.95 13.81
N HIS A 54 6.52 11.49 12.66
CA HIS A 54 6.81 10.14 12.17
C HIS A 54 8.17 10.10 11.48
N VAL A 55 8.39 11.02 10.54
CA VAL A 55 9.63 11.09 9.81
C VAL A 55 10.80 11.36 10.74
N ARG A 56 10.70 12.44 11.52
CA ARG A 56 11.76 12.80 12.45
C ARG A 56 12.02 11.67 13.45
N SER A 57 10.95 10.98 13.84
CA SER A 57 11.06 9.88 14.79
C SER A 57 12.13 8.88 14.34
N HIS A 58 12.31 8.77 13.04
CA HIS A 58 13.30 7.85 12.48
C HIS A 58 14.68 8.51 12.41
N ASP A 59 14.72 9.73 11.88
CA ASP A 59 15.96 10.47 11.75
C ASP A 59 16.63 10.65 13.11
N GLY A 60 15.91 11.29 14.03
CA GLY A 60 16.45 11.52 15.36
C GLY A 60 17.58 12.52 15.36
N SER A 61 18.38 12.50 16.42
CA SER A 61 19.52 13.42 16.54
C SER A 61 20.73 12.88 15.77
N VAL A 62 21.10 13.59 14.71
CA VAL A 62 22.24 13.19 13.89
C VAL A 62 23.48 13.99 14.26
N GLY A 63 24.50 13.31 14.77
CA GLY A 63 25.73 13.98 15.14
C GLY A 63 26.88 13.67 14.20
N LYS A 64 27.34 12.43 14.23
CA LYS A 64 28.45 12.01 13.38
C LYS A 64 27.92 11.46 12.05
N PRO A 65 28.78 11.47 11.02
CA PRO A 65 28.43 10.98 9.69
C PRO A 65 28.27 9.46 9.66
N TYR A 66 29.24 8.75 10.23
CA TYR A 66 29.20 7.30 10.26
C TYR A 66 29.17 6.79 11.69
N ILE A 67 28.35 5.77 11.95
CA ILE A 67 28.23 5.20 13.28
C ILE A 67 28.44 3.69 13.24
N CYS A 68 29.02 3.15 14.31
CA CYS A 68 29.28 1.72 14.39
C CYS A 68 28.02 0.91 14.12
N GLN A 69 28.19 -0.35 13.74
CA GLN A 69 27.07 -1.22 13.44
C GLN A 69 26.64 -2.00 14.67
N SER A 70 27.41 -1.88 15.75
CA SER A 70 27.11 -2.58 16.99
C SER A 70 26.64 -1.60 18.07
N CYS A 71 27.60 -0.85 18.63
CA CYS A 71 27.28 0.12 19.67
C CYS A 71 26.66 1.38 19.07
N GLY A 72 26.82 1.55 17.77
CA GLY A 72 26.27 2.70 17.08
C GLY A 72 26.60 4.00 17.80
N LYS A 73 27.90 4.30 17.90
CA LYS A 73 28.34 5.53 18.56
C LYS A 73 28.42 6.68 17.58
N GLY A 74 29.46 6.69 16.75
CA GLY A 74 29.63 7.73 15.77
C GLY A 74 31.06 8.22 15.68
N PHE A 75 31.57 8.36 14.46
CA PHE A 75 32.94 8.81 14.25
C PHE A 75 33.01 9.83 13.11
N SER A 76 33.78 10.89 13.33
CA SER A 76 33.92 11.94 12.32
C SER A 76 34.33 11.35 10.97
N ARG A 77 35.44 10.62 10.97
CA ARG A 77 35.94 10.00 9.74
C ARG A 77 35.60 8.51 9.70
N PRO A 78 35.63 7.93 8.50
CA PRO A 78 35.33 6.51 8.29
C PRO A 78 36.41 5.60 8.87
N ASP A 79 37.66 5.91 8.56
CA ASP A 79 38.78 5.12 9.06
C ASP A 79 38.73 4.97 10.57
N HIS A 80 38.25 6.02 11.24
CA HIS A 80 38.14 6.02 12.69
C HIS A 80 37.19 4.92 13.17
N LEU A 81 36.20 4.61 12.34
CA LEU A 81 35.21 3.59 12.67
C LEU A 81 35.77 2.19 12.40
N ASN A 82 36.60 2.09 11.36
CA ASN A 82 37.21 0.81 10.99
C ASN A 82 38.06 0.27 12.13
N GLY A 83 38.83 1.16 12.77
CA GLY A 83 39.69 0.74 13.86
C GLY A 83 38.90 0.33 15.09
N HIS A 84 37.78 1.00 15.33
CA HIS A 84 36.94 0.70 16.48
C HIS A 84 36.38 -0.72 16.38
N ILE A 85 35.87 -1.07 15.20
CA ILE A 85 35.30 -2.39 14.98
C ILE A 85 36.27 -3.48 15.42
N LYS A 86 37.56 -3.23 15.22
CA LYS A 86 38.59 -4.19 15.59
C LYS A 86 39.09 -3.94 17.01
N GLN A 87 38.88 -2.72 17.49
CA GLN A 87 39.30 -2.34 18.83
C GLN A 87 38.41 -3.00 19.89
N VAL A 88 37.15 -2.58 19.93
CA VAL A 88 36.19 -3.12 20.90
C VAL A 88 35.58 -4.42 20.37
N HIS A 89 34.93 -4.34 19.23
CA HIS A 89 34.28 -5.51 18.62
C HIS A 89 35.32 -6.39 17.94
N SER A 90 34.84 -7.40 17.22
CA SER A 90 35.72 -8.32 16.51
C SER A 90 36.76 -8.92 17.46
N GLY A 91 36.33 -9.88 18.27
CA GLY A 91 37.24 -10.51 19.21
C GLY A 91 38.25 -11.41 18.52
N PRO A 92 38.94 -12.23 19.32
CA PRO A 92 39.97 -13.15 18.80
C PRO A 92 39.35 -14.29 18.00
N SER A 93 39.83 -14.46 16.76
CA SER A 93 39.33 -15.51 15.88
C SER A 93 39.46 -16.88 16.54
N SER A 94 40.70 -17.32 16.74
CA SER A 94 40.96 -18.61 17.36
C SER A 94 41.90 -18.47 18.54
N GLY A 95 42.29 -19.60 19.13
CA GLY A 95 43.19 -19.59 20.26
C GLY A 95 44.61 -19.21 19.87
N GLY A 1 19.77 -35.58 -17.61
CA GLY A 1 18.74 -34.86 -16.87
C GLY A 1 19.21 -33.51 -16.38
N SER A 2 18.48 -32.46 -16.74
CA SER A 2 18.84 -31.11 -16.33
C SER A 2 17.61 -30.19 -16.37
N SER A 3 17.45 -29.41 -15.31
CA SER A 3 16.31 -28.48 -15.21
C SER A 3 16.77 -27.12 -14.71
N GLY A 4 15.93 -26.11 -14.92
CA GLY A 4 16.26 -24.77 -14.49
C GLY A 4 15.05 -23.84 -14.49
N SER A 5 15.16 -22.72 -13.79
CA SER A 5 14.08 -21.76 -13.71
C SER A 5 14.58 -20.42 -13.17
N SER A 6 13.67 -19.45 -13.08
CA SER A 6 14.02 -18.12 -12.59
C SER A 6 12.76 -17.30 -12.33
N GLY A 7 12.89 -16.28 -11.48
CA GLY A 7 11.76 -15.42 -11.17
C GLY A 7 11.67 -15.10 -9.69
N VAL A 8 11.47 -13.83 -9.37
CA VAL A 8 11.37 -13.40 -7.98
C VAL A 8 9.92 -13.42 -7.51
N ALA A 9 9.68 -14.12 -6.39
CA ALA A 9 8.33 -14.22 -5.83
C ALA A 9 8.03 -13.04 -4.92
N CYS A 10 6.94 -12.33 -5.23
CA CYS A 10 6.54 -11.18 -4.43
C CYS A 10 6.33 -11.55 -2.97
N GLU A 11 6.84 -10.73 -2.08
CA GLU A 11 6.70 -10.98 -0.64
C GLU A 11 5.52 -10.21 -0.06
N ILE A 12 4.49 -10.00 -0.88
CA ILE A 12 3.31 -9.28 -0.45
C ILE A 12 2.04 -10.01 -0.87
N CYS A 13 2.05 -10.53 -2.10
CA CYS A 13 0.89 -11.25 -2.63
C CYS A 13 1.27 -12.69 -3.00
N GLY A 14 2.52 -12.86 -3.45
CA GLY A 14 2.99 -14.18 -3.83
C GLY A 14 3.05 -14.36 -5.34
N LYS A 15 3.19 -13.26 -6.06
CA LYS A 15 3.26 -13.30 -7.52
C LYS A 15 4.71 -13.27 -7.99
N ILE A 16 5.06 -14.21 -8.87
CA ILE A 16 6.41 -14.29 -9.39
C ILE A 16 6.58 -13.42 -10.63
N PHE A 17 7.79 -12.89 -10.82
CA PHE A 17 8.07 -12.04 -11.96
C PHE A 17 9.31 -12.52 -12.70
N ARG A 18 9.22 -12.61 -14.02
CA ARG A 18 10.32 -13.06 -14.85
C ARG A 18 11.55 -12.17 -14.65
N ASP A 19 11.31 -10.92 -14.27
CA ASP A 19 12.38 -9.96 -14.05
C ASP A 19 12.13 -9.14 -12.79
N VAL A 20 13.09 -8.30 -12.43
CA VAL A 20 12.98 -7.45 -11.25
C VAL A 20 12.33 -6.11 -11.60
N TYR A 21 12.52 -5.69 -12.84
CA TYR A 21 11.96 -4.41 -13.30
C TYR A 21 10.44 -4.44 -13.23
N HIS A 22 9.84 -5.53 -13.68
CA HIS A 22 8.39 -5.67 -13.66
C HIS A 22 7.86 -5.72 -12.23
N LEU A 23 8.71 -6.15 -11.30
CA LEU A 23 8.32 -6.23 -9.91
C LEU A 23 8.42 -4.87 -9.22
N ASN A 24 9.28 -4.02 -9.76
CA ASN A 24 9.47 -2.68 -9.21
C ASN A 24 8.20 -1.84 -9.34
N ARG A 25 7.57 -1.91 -10.52
CA ARG A 25 6.35 -1.17 -10.77
C ARG A 25 5.18 -1.76 -10.01
N HIS A 26 5.27 -3.06 -9.71
CA HIS A 26 4.22 -3.76 -8.98
C HIS A 26 4.28 -3.41 -7.49
N LYS A 27 5.48 -3.51 -6.91
CA LYS A 27 5.66 -3.21 -5.51
C LYS A 27 5.09 -1.85 -5.15
N LEU A 28 5.20 -0.90 -6.07
CA LEU A 28 4.70 0.45 -5.87
C LEU A 28 3.17 0.48 -5.94
N SER A 29 2.61 -0.41 -6.77
CA SER A 29 1.17 -0.49 -6.94
C SER A 29 0.49 -0.90 -5.63
N HIS A 30 1.16 -1.75 -4.87
CA HIS A 30 0.63 -2.22 -3.59
C HIS A 30 0.20 -1.05 -2.71
N SER A 31 -1.06 -1.05 -2.32
CA SER A 31 -1.60 0.03 -1.47
C SER A 31 -3.04 -0.28 -1.05
N GLY A 32 -3.46 0.30 0.06
CA GLY A 32 -4.81 0.09 0.55
C GLY A 32 -4.86 -0.04 2.06
N GLU A 33 -5.91 -0.69 2.56
CA GLU A 33 -6.08 -0.88 3.99
C GLU A 33 -6.23 0.47 4.70
N LYS A 34 -6.42 0.42 6.02
CA LYS A 34 -6.57 1.63 6.82
C LYS A 34 -7.83 2.39 6.42
N PRO A 35 -8.36 3.18 7.35
CA PRO A 35 -7.78 3.34 8.69
C PRO A 35 -7.95 2.09 9.53
N TYR A 36 -9.13 1.50 9.49
CA TYR A 36 -9.41 0.29 10.27
C TYR A 36 -9.83 -0.85 9.35
N SER A 37 -8.89 -1.78 9.09
CA SER A 37 -9.16 -2.91 8.22
C SER A 37 -9.11 -4.22 9.03
N CYS A 38 -9.84 -5.22 8.54
CA CYS A 38 -9.89 -6.52 9.20
C CYS A 38 -8.68 -7.37 8.82
N PRO A 39 -7.99 -7.91 9.84
CA PRO A 39 -6.81 -8.76 9.62
C PRO A 39 -7.15 -10.10 9.01
N VAL A 40 -8.42 -10.50 9.14
CA VAL A 40 -8.88 -11.77 8.59
C VAL A 40 -9.45 -11.60 7.20
N CYS A 41 -10.61 -10.94 7.11
CA CYS A 41 -11.26 -10.70 5.84
C CYS A 41 -10.37 -9.89 4.91
N GLY A 42 -10.14 -8.62 5.26
CA GLY A 42 -9.31 -7.75 4.46
C GLY A 42 -10.04 -6.53 3.96
N LEU A 43 -11.16 -6.21 4.61
CA LEU A 43 -11.96 -5.05 4.23
C LEU A 43 -11.45 -3.79 4.91
N ARG A 44 -12.00 -2.65 4.52
CA ARG A 44 -11.60 -1.37 5.09
C ARG A 44 -12.80 -0.62 5.66
N PHE A 45 -12.63 -0.07 6.86
CA PHE A 45 -13.70 0.66 7.52
C PHE A 45 -13.22 2.05 7.96
N LYS A 46 -14.07 3.06 7.76
CA LYS A 46 -13.74 4.42 8.13
C LYS A 46 -14.29 4.76 9.51
N ARG A 47 -14.47 3.73 10.33
CA ARG A 47 -14.99 3.92 11.69
C ARG A 47 -14.51 2.82 12.62
N LYS A 48 -14.41 3.14 13.90
CA LYS A 48 -13.95 2.18 14.90
C LYS A 48 -15.12 1.39 15.47
N ASP A 49 -16.34 1.87 15.21
CA ASP A 49 -17.54 1.20 15.70
C ASP A 49 -17.87 -0.01 14.82
N ARG A 50 -17.56 0.09 13.53
CA ARG A 50 -17.84 -0.99 12.60
C ARG A 50 -16.77 -2.06 12.69
N MET A 51 -15.52 -1.67 12.46
CA MET A 51 -14.40 -2.60 12.51
C MET A 51 -14.41 -3.39 13.83
N SER A 52 -14.87 -2.75 14.90
CA SER A 52 -14.94 -3.39 16.20
C SER A 52 -15.93 -4.55 16.20
N TYR A 53 -17.13 -4.28 15.68
CA TYR A 53 -18.18 -5.30 15.62
C TYR A 53 -17.90 -6.30 14.50
N HIS A 54 -17.03 -5.91 13.57
CA HIS A 54 -16.69 -6.77 12.45
C HIS A 54 -15.59 -7.75 12.85
N VAL A 55 -14.51 -7.24 13.42
CA VAL A 55 -13.39 -8.07 13.85
C VAL A 55 -13.82 -9.04 14.95
N ARG A 56 -14.31 -8.49 16.05
CA ARG A 56 -14.76 -9.31 17.18
C ARG A 56 -15.77 -10.36 16.72
N SER A 57 -16.55 -10.01 15.70
CA SER A 57 -17.57 -10.93 15.17
C SER A 57 -16.92 -12.22 14.69
N HIS A 58 -15.64 -12.15 14.32
CA HIS A 58 -14.92 -13.32 13.84
C HIS A 58 -14.27 -14.07 15.00
N ASP A 59 -14.61 -13.68 16.22
CA ASP A 59 -14.07 -14.31 17.41
C ASP A 59 -14.27 -15.82 17.38
N GLY A 60 -15.54 -16.24 17.29
CA GLY A 60 -15.85 -17.65 17.24
C GLY A 60 -15.45 -18.37 18.52
N SER A 61 -14.68 -19.45 18.37
CA SER A 61 -14.25 -20.24 19.52
C SER A 61 -12.76 -20.56 19.42
N VAL A 62 -12.37 -21.14 18.28
CA VAL A 62 -10.97 -21.51 18.06
C VAL A 62 -10.42 -22.32 19.22
N GLY A 63 -10.62 -23.64 19.16
CA GLY A 63 -10.13 -24.51 20.22
C GLY A 63 -8.70 -24.95 19.99
N LYS A 64 -8.38 -26.16 20.44
CA LYS A 64 -7.04 -26.70 20.28
C LYS A 64 -6.59 -26.64 18.82
N PRO A 65 -5.26 -26.65 18.61
CA PRO A 65 -4.68 -26.60 17.27
C PRO A 65 -4.92 -27.89 16.49
N TYR A 66 -4.64 -29.02 17.11
CA TYR A 66 -4.83 -30.32 16.47
C TYR A 66 -5.87 -31.14 17.20
N ILE A 67 -6.77 -31.78 16.45
CA ILE A 67 -7.82 -32.60 17.03
C ILE A 67 -7.80 -34.01 16.43
N CYS A 68 -8.15 -34.99 17.25
CA CYS A 68 -8.18 -36.38 16.81
C CYS A 68 -9.01 -36.53 15.54
N GLN A 69 -8.76 -37.61 14.80
CA GLN A 69 -9.49 -37.87 13.56
C GLN A 69 -10.72 -38.74 13.82
N SER A 70 -10.86 -39.20 15.05
CA SER A 70 -11.99 -40.05 15.42
C SER A 70 -12.95 -39.30 16.34
N CYS A 71 -12.56 -39.14 17.60
CA CYS A 71 -13.38 -38.44 18.58
C CYS A 71 -13.29 -36.93 18.39
N GLY A 72 -12.27 -36.50 17.66
CA GLY A 72 -12.09 -35.07 17.42
C GLY A 72 -12.18 -34.25 18.67
N LYS A 73 -11.27 -34.50 19.62
CA LYS A 73 -11.25 -33.77 20.88
C LYS A 73 -10.40 -32.51 20.77
N GLY A 74 -9.08 -32.69 20.78
CA GLY A 74 -8.19 -31.56 20.68
C GLY A 74 -7.03 -31.64 21.65
N PHE A 75 -5.83 -31.34 21.18
CA PHE A 75 -4.64 -31.39 22.01
C PHE A 75 -3.71 -30.22 21.72
N SER A 76 -3.20 -29.59 22.79
CA SER A 76 -2.31 -28.45 22.64
C SER A 76 -1.17 -28.77 21.69
N ARG A 77 -0.41 -29.81 22.00
CA ARG A 77 0.72 -30.23 21.17
C ARG A 77 0.33 -31.39 20.27
N PRO A 78 1.12 -31.60 19.19
CA PRO A 78 0.87 -32.67 18.23
C PRO A 78 1.15 -34.05 18.82
N ASP A 79 2.30 -34.19 19.47
CA ASP A 79 2.68 -35.46 20.08
C ASP A 79 1.58 -35.96 21.02
N HIS A 80 0.88 -35.03 21.65
CA HIS A 80 -0.19 -35.38 22.58
C HIS A 80 -1.30 -36.14 21.86
N LEU A 81 -1.47 -35.85 20.58
CA LEU A 81 -2.50 -36.51 19.78
C LEU A 81 -2.03 -37.89 19.32
N ASN A 82 -0.75 -37.99 19.01
CA ASN A 82 -0.17 -39.25 18.55
C ASN A 82 -0.35 -40.34 19.61
N GLY A 83 -0.19 -39.96 20.87
CA GLY A 83 -0.33 -40.92 21.96
C GLY A 83 -1.78 -41.34 22.16
N HIS A 84 -2.70 -40.41 21.95
CA HIS A 84 -4.12 -40.69 22.12
C HIS A 84 -4.60 -41.71 21.09
N ILE A 85 -4.27 -41.46 19.83
CA ILE A 85 -4.67 -42.35 18.74
C ILE A 85 -4.28 -43.79 19.05
N LYS A 86 -3.18 -43.96 19.77
CA LYS A 86 -2.71 -45.29 20.13
C LYS A 86 -3.27 -45.72 21.49
N GLN A 87 -3.61 -44.73 22.32
CA GLN A 87 -4.16 -45.01 23.64
C GLN A 87 -5.63 -45.43 23.54
N VAL A 88 -6.48 -44.49 23.14
CA VAL A 88 -7.91 -44.76 23.00
C VAL A 88 -8.19 -45.60 21.76
N HIS A 89 -7.89 -45.03 20.59
CA HIS A 89 -8.11 -45.73 19.32
C HIS A 89 -6.95 -46.67 19.01
N SER A 90 -6.95 -47.21 17.79
CA SER A 90 -5.90 -48.12 17.36
C SER A 90 -5.91 -49.39 18.22
N GLY A 91 -5.00 -50.31 17.91
CA GLY A 91 -4.92 -51.55 18.66
C GLY A 91 -3.52 -52.11 18.71
N PRO A 92 -3.36 -53.28 19.36
CA PRO A 92 -2.06 -53.93 19.50
C PRO A 92 -1.56 -54.51 18.17
N SER A 93 -0.32 -54.17 17.82
CA SER A 93 0.27 -54.65 16.57
C SER A 93 1.17 -55.86 16.83
N SER A 94 2.25 -55.62 17.56
CA SER A 94 3.21 -56.69 17.87
C SER A 94 2.62 -57.67 18.87
N GLY A 95 2.38 -58.90 18.42
CA GLY A 95 1.82 -59.91 19.29
C GLY A 95 2.84 -60.99 19.67
N GLY A 1 26.94 -30.74 -13.77
CA GLY A 1 26.43 -29.88 -12.73
C GLY A 1 25.85 -28.59 -13.27
N SER A 2 24.96 -28.70 -14.24
CA SER A 2 24.33 -27.54 -14.86
C SER A 2 23.05 -27.16 -14.11
N SER A 3 22.67 -25.89 -14.22
CA SER A 3 21.47 -25.39 -13.56
C SER A 3 20.97 -24.11 -14.22
N GLY A 4 19.69 -23.82 -14.04
CA GLY A 4 19.11 -22.62 -14.61
C GLY A 4 17.81 -22.23 -13.96
N SER A 5 17.82 -21.11 -13.24
CA SER A 5 16.64 -20.63 -12.54
C SER A 5 16.77 -19.16 -12.19
N SER A 6 15.88 -18.34 -12.73
CA SER A 6 15.91 -16.89 -12.47
C SER A 6 14.49 -16.34 -12.37
N GLY A 7 13.98 -16.25 -11.15
CA GLY A 7 12.64 -15.73 -10.94
C GLY A 7 12.43 -15.23 -9.52
N VAL A 8 11.86 -14.04 -9.40
CA VAL A 8 11.60 -13.45 -8.09
C VAL A 8 10.14 -13.61 -7.69
N ALA A 9 9.91 -13.81 -6.40
CA ALA A 9 8.55 -13.98 -5.90
C ALA A 9 8.18 -12.85 -4.95
N CYS A 10 7.04 -12.21 -5.23
CA CYS A 10 6.57 -11.10 -4.40
C CYS A 10 6.35 -11.55 -2.96
N GLU A 11 6.83 -10.75 -2.02
CA GLU A 11 6.68 -11.06 -0.60
C GLU A 11 5.51 -10.31 0.00
N ILE A 12 4.48 -10.07 -0.81
CA ILE A 12 3.29 -9.35 -0.35
C ILE A 12 2.02 -10.07 -0.80
N CYS A 13 1.99 -10.47 -2.06
CA CYS A 13 0.84 -11.15 -2.63
C CYS A 13 1.18 -12.60 -2.99
N GLY A 14 2.42 -12.81 -3.43
CA GLY A 14 2.87 -14.14 -3.81
C GLY A 14 2.89 -14.33 -5.31
N LYS A 15 3.09 -13.24 -6.05
CA LYS A 15 3.15 -13.29 -7.50
C LYS A 15 4.58 -13.38 -8.00
N ILE A 16 4.84 -14.27 -8.94
CA ILE A 16 6.17 -14.44 -9.50
C ILE A 16 6.41 -13.50 -10.67
N PHE A 17 7.64 -13.06 -10.83
CA PHE A 17 8.00 -12.14 -11.91
C PHE A 17 9.25 -12.63 -12.64
N ARG A 18 9.17 -12.67 -13.96
CA ARG A 18 10.29 -13.12 -14.78
C ARG A 18 11.52 -12.24 -14.55
N ASP A 19 11.28 -10.96 -14.27
CA ASP A 19 12.37 -10.01 -14.03
C ASP A 19 12.07 -9.16 -12.80
N VAL A 20 13.08 -8.39 -12.37
CA VAL A 20 12.92 -7.51 -11.22
C VAL A 20 12.39 -6.15 -11.63
N TYR A 21 12.71 -5.75 -12.85
CA TYR A 21 12.26 -4.45 -13.37
C TYR A 21 10.76 -4.30 -13.26
N HIS A 22 10.04 -5.34 -13.66
CA HIS A 22 8.58 -5.33 -13.61
C HIS A 22 8.08 -5.30 -12.16
N LEU A 23 8.67 -6.16 -11.32
CA LEU A 23 8.30 -6.23 -9.92
C LEU A 23 8.34 -4.85 -9.27
N ASN A 24 9.23 -4.00 -9.77
CA ASN A 24 9.38 -2.65 -9.23
C ASN A 24 8.07 -1.88 -9.34
N ARG A 25 7.51 -1.83 -10.55
CA ARG A 25 6.26 -1.12 -10.79
C ARG A 25 5.13 -1.75 -9.98
N HIS A 26 5.20 -3.06 -9.77
CA HIS A 26 4.18 -3.77 -9.00
C HIS A 26 4.24 -3.40 -7.53
N LYS A 27 5.44 -3.50 -6.95
CA LYS A 27 5.63 -3.17 -5.54
C LYS A 27 5.08 -1.79 -5.22
N LEU A 28 5.12 -0.90 -6.21
CA LEU A 28 4.62 0.46 -6.03
C LEU A 28 3.09 0.48 -5.97
N SER A 29 2.46 -0.36 -6.79
CA SER A 29 1.01 -0.44 -6.83
C SER A 29 0.46 -0.98 -5.53
N HIS A 30 1.24 -1.82 -4.85
CA HIS A 30 0.84 -2.41 -3.58
C HIS A 30 0.50 -1.33 -2.56
N SER A 31 1.39 -0.35 -2.42
CA SER A 31 1.18 0.74 -1.49
C SER A 31 0.93 0.21 -0.07
N GLY A 32 0.55 1.10 0.83
CA GLY A 32 0.29 0.71 2.20
C GLY A 32 0.00 1.88 3.10
N GLU A 33 -1.22 1.95 3.62
CA GLU A 33 -1.62 3.04 4.50
C GLU A 33 -3.06 2.85 4.99
N LYS A 34 -3.45 3.63 5.99
CA LYS A 34 -4.79 3.55 6.54
C LYS A 34 -5.05 2.18 7.18
N PRO A 35 -5.98 2.14 8.13
CA PRO A 35 -6.74 3.32 8.55
C PRO A 35 -5.88 4.31 9.31
N TYR A 36 -5.12 3.82 10.28
CA TYR A 36 -4.24 4.67 11.08
C TYR A 36 -2.78 4.28 10.90
N SER A 37 -2.09 5.02 10.04
CA SER A 37 -0.68 4.76 9.76
C SER A 37 0.20 5.88 10.31
N CYS A 38 1.47 5.57 10.54
CA CYS A 38 2.42 6.55 11.05
C CYS A 38 2.97 7.41 9.93
N PRO A 39 2.91 8.75 10.12
CA PRO A 39 3.40 9.70 9.13
C PRO A 39 4.91 9.70 9.01
N VAL A 40 5.58 9.09 9.99
CA VAL A 40 7.03 9.01 10.00
C VAL A 40 7.51 7.66 9.47
N CYS A 41 7.21 6.60 10.20
CA CYS A 41 7.60 5.25 9.81
C CYS A 41 6.90 4.84 8.52
N GLY A 42 5.58 4.62 8.61
CA GLY A 42 4.81 4.22 7.45
C GLY A 42 3.94 3.01 7.72
N LEU A 43 4.18 2.34 8.85
CA LEU A 43 3.41 1.17 9.22
C LEU A 43 1.91 1.47 9.20
N ARG A 44 1.10 0.42 9.30
CA ARG A 44 -0.35 0.57 9.30
C ARG A 44 -0.97 -0.08 10.53
N PHE A 45 -1.86 0.64 11.19
CA PHE A 45 -2.53 0.13 12.39
C PHE A 45 -4.04 0.19 12.23
N LYS A 46 -4.71 -0.89 12.61
CA LYS A 46 -6.16 -0.97 12.52
C LYS A 46 -6.81 -0.59 13.85
N ARG A 47 -6.10 0.20 14.65
CA ARG A 47 -6.62 0.63 15.95
C ARG A 47 -6.04 1.99 16.33
N LYS A 48 -6.80 2.75 17.12
CA LYS A 48 -6.36 4.07 17.56
C LYS A 48 -5.57 3.97 18.86
N ASP A 49 -5.71 2.84 19.55
CA ASP A 49 -5.00 2.63 20.81
C ASP A 49 -3.53 2.32 20.57
N ARG A 50 -3.22 1.84 19.36
CA ARG A 50 -1.85 1.50 19.00
C ARG A 50 -1.16 2.70 18.35
N MET A 51 -1.71 3.17 17.24
CA MET A 51 -1.15 4.31 16.52
C MET A 51 -0.91 5.48 17.47
N SER A 52 -1.78 5.62 18.45
CA SER A 52 -1.68 6.70 19.42
C SER A 52 -0.41 6.56 20.26
N TYR A 53 -0.04 5.32 20.55
CA TYR A 53 1.14 5.04 21.35
C TYR A 53 2.38 4.93 20.46
N HIS A 54 2.15 4.67 19.18
CA HIS A 54 3.25 4.53 18.22
C HIS A 54 3.71 5.90 17.73
N VAL A 55 2.76 6.77 17.39
CA VAL A 55 3.08 8.11 16.91
C VAL A 55 3.78 8.92 17.99
N ARG A 56 3.14 9.00 19.16
CA ARG A 56 3.70 9.76 20.29
C ARG A 56 5.04 9.17 20.72
N SER A 57 5.18 7.85 20.62
CA SER A 57 6.41 7.18 21.00
C SER A 57 7.61 7.82 20.33
N HIS A 58 7.39 8.36 19.13
CA HIS A 58 8.46 9.00 18.38
C HIS A 58 8.61 10.47 18.79
N ASP A 59 7.49 11.16 18.91
CA ASP A 59 7.50 12.57 19.29
C ASP A 59 8.22 13.41 18.24
N GLY A 60 8.03 14.72 18.31
CA GLY A 60 8.67 15.61 17.36
C GLY A 60 8.23 17.06 17.54
N SER A 61 8.60 17.92 16.58
CA SER A 61 8.24 19.32 16.64
C SER A 61 8.78 19.97 17.91
N VAL A 62 8.36 21.21 18.16
CA VAL A 62 8.79 21.94 19.34
C VAL A 62 7.93 21.60 20.54
N GLY A 63 8.34 20.57 21.28
CA GLY A 63 7.59 20.16 22.46
C GLY A 63 8.12 20.79 23.73
N LYS A 64 9.35 21.28 23.68
CA LYS A 64 9.97 21.90 24.84
C LYS A 64 9.48 23.34 25.01
N PRO A 65 9.59 23.86 26.24
CA PRO A 65 9.17 25.22 26.57
C PRO A 65 10.07 26.28 25.93
N TYR A 66 11.38 26.09 26.09
CA TYR A 66 12.36 27.04 25.54
C TYR A 66 13.27 26.33 24.54
N ILE A 67 13.55 27.01 23.42
CA ILE A 67 14.41 26.45 22.39
C ILE A 67 15.54 27.43 22.04
N CYS A 68 16.70 26.87 21.71
CA CYS A 68 17.86 27.68 21.35
C CYS A 68 17.50 28.71 20.29
N GLN A 69 18.31 29.76 20.19
CA GLN A 69 18.08 30.81 19.22
C GLN A 69 18.84 30.54 17.92
N SER A 70 19.67 29.50 17.94
CA SER A 70 20.46 29.13 16.77
C SER A 70 19.96 27.81 16.17
N CYS A 71 20.28 26.71 16.83
CA CYS A 71 19.87 25.39 16.37
C CYS A 71 18.39 25.15 16.67
N GLY A 72 17.83 25.94 17.57
CA GLY A 72 16.44 25.81 17.92
C GLY A 72 16.06 24.36 18.23
N LYS A 73 16.69 23.79 19.24
CA LYS A 73 16.42 22.41 19.63
C LYS A 73 15.28 22.35 20.65
N GLY A 74 15.59 22.71 21.89
CA GLY A 74 14.59 22.68 22.95
C GLY A 74 15.11 22.08 24.23
N PHE A 75 14.80 22.74 25.35
CA PHE A 75 15.25 22.26 26.65
C PHE A 75 14.12 22.36 27.68
N SER A 76 13.99 21.33 28.51
CA SER A 76 12.96 21.29 29.53
C SER A 76 12.99 22.56 30.38
N ARG A 77 14.18 22.93 30.84
CA ARG A 77 14.34 24.13 31.66
C ARG A 77 15.09 25.21 30.89
N PRO A 78 14.96 26.47 31.35
CA PRO A 78 15.61 27.62 30.73
C PRO A 78 17.12 27.60 30.92
N ASP A 79 17.55 27.38 32.16
CA ASP A 79 18.98 27.35 32.48
C ASP A 79 19.70 26.35 31.58
N HIS A 80 19.05 25.22 31.30
CA HIS A 80 19.64 24.19 30.45
C HIS A 80 19.99 24.75 29.07
N LEU A 81 19.28 25.80 28.68
CA LEU A 81 19.52 26.43 27.37
C LEU A 81 20.60 27.50 27.48
N ASN A 82 20.73 28.08 28.67
CA ASN A 82 21.74 29.13 28.90
C ASN A 82 23.15 28.56 28.74
N GLY A 83 23.35 27.33 29.20
CA GLY A 83 24.65 26.70 29.09
C GLY A 83 24.94 26.19 27.69
N HIS A 84 23.89 25.75 27.00
CA HIS A 84 24.04 25.23 25.65
C HIS A 84 24.59 26.30 24.71
N ILE A 85 24.10 27.52 24.87
CA ILE A 85 24.54 28.64 24.03
C ILE A 85 26.06 28.78 24.08
N LYS A 86 26.63 28.63 25.27
CA LYS A 86 28.07 28.74 25.44
C LYS A 86 28.74 27.38 25.29
N GLN A 87 27.93 26.34 25.22
CA GLN A 87 28.45 24.98 25.07
C GLN A 87 28.86 24.70 23.63
N VAL A 88 27.95 25.02 22.70
CA VAL A 88 28.21 24.80 21.29
C VAL A 88 28.42 26.12 20.56
N HIS A 89 27.48 27.05 20.74
CA HIS A 89 27.56 28.36 20.10
C HIS A 89 28.46 29.29 20.90
N SER A 90 29.70 28.86 21.11
CA SER A 90 30.66 29.66 21.86
C SER A 90 31.83 30.08 20.98
N GLY A 91 32.20 31.35 21.03
CA GLY A 91 33.29 31.85 20.23
C GLY A 91 32.95 33.15 19.52
N PRO A 92 32.11 33.05 18.48
CA PRO A 92 31.69 34.21 17.69
C PRO A 92 30.78 35.14 18.48
N SER A 93 29.93 34.55 19.33
CA SER A 93 29.01 35.33 20.14
C SER A 93 28.45 34.48 21.28
N SER A 94 27.84 35.15 22.26
CA SER A 94 27.27 34.47 23.41
C SER A 94 26.07 35.23 23.95
N GLY A 95 24.91 34.56 23.97
CA GLY A 95 23.70 35.19 24.47
C GLY A 95 23.33 34.72 25.86
N GLY A 1 23.44 -17.00 -26.59
CA GLY A 1 22.54 -16.51 -25.55
C GLY A 1 21.32 -17.39 -25.38
N SER A 2 20.82 -17.48 -24.16
CA SER A 2 19.66 -18.31 -23.86
C SER A 2 19.03 -17.91 -22.53
N SER A 3 17.72 -18.13 -22.41
CA SER A 3 17.00 -17.78 -21.19
C SER A 3 17.00 -18.96 -20.21
N GLY A 4 17.35 -18.68 -18.96
CA GLY A 4 17.39 -19.72 -17.95
C GLY A 4 17.89 -19.21 -16.61
N SER A 5 17.22 -18.20 -16.08
CA SER A 5 17.63 -17.61 -14.80
C SER A 5 16.57 -16.61 -14.31
N SER A 6 16.89 -15.91 -13.22
CA SER A 6 15.97 -14.94 -12.65
C SER A 6 14.67 -15.60 -12.19
N GLY A 7 13.89 -14.89 -11.39
CA GLY A 7 12.64 -15.42 -10.89
C GLY A 7 12.38 -15.03 -9.46
N VAL A 8 11.88 -13.81 -9.25
CA VAL A 8 11.58 -13.32 -7.91
C VAL A 8 10.13 -13.59 -7.53
N ALA A 9 9.84 -13.54 -6.25
CA ALA A 9 8.48 -13.78 -5.75
C ALA A 9 8.03 -12.67 -4.81
N CYS A 10 6.96 -11.98 -5.17
CA CYS A 10 6.43 -10.90 -4.35
C CYS A 10 6.15 -11.37 -2.93
N GLU A 11 6.58 -10.58 -1.96
CA GLU A 11 6.38 -10.92 -0.56
C GLU A 11 5.15 -10.21 0.01
N ILE A 12 4.17 -9.96 -0.86
CA ILE A 12 2.95 -9.28 -0.45
C ILE A 12 1.72 -10.00 -0.99
N CYS A 13 1.81 -10.46 -2.23
CA CYS A 13 0.71 -11.17 -2.86
C CYS A 13 1.10 -12.60 -3.20
N GLY A 14 2.39 -12.81 -3.49
CA GLY A 14 2.87 -14.13 -3.83
C GLY A 14 2.92 -14.36 -5.32
N LYS A 15 3.19 -13.31 -6.08
CA LYS A 15 3.26 -13.40 -7.53
C LYS A 15 4.72 -13.49 -8.00
N ILE A 16 4.96 -14.31 -9.01
CA ILE A 16 6.30 -14.48 -9.55
C ILE A 16 6.54 -13.55 -10.73
N PHE A 17 7.78 -13.04 -10.83
CA PHE A 17 8.13 -12.13 -11.91
C PHE A 17 9.40 -12.60 -12.62
N ARG A 18 9.34 -12.71 -13.94
CA ARG A 18 10.48 -13.16 -14.73
C ARG A 18 11.66 -12.19 -14.58
N ASP A 19 11.34 -10.91 -14.34
CA ASP A 19 12.36 -9.89 -14.17
C ASP A 19 12.02 -8.96 -13.01
N VAL A 20 13.04 -8.34 -12.43
CA VAL A 20 12.85 -7.42 -11.32
C VAL A 20 12.32 -6.08 -11.80
N TYR A 21 12.67 -5.71 -13.02
CA TYR A 21 12.25 -4.44 -13.61
C TYR A 21 10.73 -4.32 -13.58
N HIS A 22 10.05 -5.46 -13.71
CA HIS A 22 8.59 -5.49 -13.70
C HIS A 22 8.06 -5.49 -12.27
N LEU A 23 8.75 -6.21 -11.39
CA LEU A 23 8.34 -6.29 -9.99
C LEU A 23 8.39 -4.92 -9.32
N ASN A 24 9.32 -4.08 -9.77
CA ASN A 24 9.46 -2.74 -9.23
C ASN A 24 8.19 -1.92 -9.44
N ARG A 25 7.59 -2.07 -10.61
CA ARG A 25 6.37 -1.34 -10.95
C ARG A 25 5.17 -1.92 -10.20
N HIS A 26 5.26 -3.21 -9.86
CA HIS A 26 4.18 -3.88 -9.14
C HIS A 26 4.19 -3.50 -7.67
N LYS A 27 5.37 -3.57 -7.05
CA LYS A 27 5.51 -3.22 -5.64
C LYS A 27 4.94 -1.85 -5.35
N LEU A 28 5.03 -0.95 -6.33
CA LEU A 28 4.52 0.40 -6.18
C LEU A 28 3.02 0.40 -5.91
N SER A 29 2.33 -0.57 -6.50
CA SER A 29 0.89 -0.70 -6.32
C SER A 29 0.53 -1.11 -4.90
N HIS A 30 1.47 -1.80 -4.25
CA HIS A 30 1.27 -2.27 -2.89
C HIS A 30 1.44 -1.12 -1.89
N SER A 31 0.37 -0.38 -1.66
CA SER A 31 0.39 0.75 -0.74
C SER A 31 -0.50 0.49 0.47
N GLY A 32 0.11 -0.01 1.55
CA GLY A 32 -0.65 -0.29 2.76
C GLY A 32 0.18 -0.99 3.81
N GLU A 33 -0.48 -1.49 4.84
CA GLU A 33 0.21 -2.19 5.93
C GLU A 33 1.16 -1.25 6.66
N LYS A 34 1.70 -1.72 7.78
CA LYS A 34 2.63 -0.92 8.57
C LYS A 34 1.94 0.32 9.13
N PRO A 35 2.48 0.85 10.23
CA PRO A 35 3.65 0.28 10.90
C PRO A 35 3.35 -1.06 11.56
N TYR A 36 2.26 -1.11 12.32
CA TYR A 36 1.86 -2.33 13.01
C TYR A 36 0.52 -2.82 12.51
N SER A 37 0.56 -3.81 11.60
CA SER A 37 -0.66 -4.37 11.04
C SER A 37 -0.86 -5.81 11.48
N CYS A 38 -2.11 -6.27 11.47
CA CYS A 38 -2.42 -7.64 11.88
C CYS A 38 -2.18 -8.61 10.73
N PRO A 39 -1.44 -9.69 11.00
CA PRO A 39 -1.12 -10.72 10.01
C PRO A 39 -2.34 -11.54 9.62
N VAL A 40 -3.35 -11.53 10.48
CA VAL A 40 -4.58 -12.27 10.23
C VAL A 40 -5.61 -11.41 9.49
N CYS A 41 -6.07 -10.36 10.16
CA CYS A 41 -7.05 -9.46 9.57
C CYS A 41 -6.44 -8.67 8.42
N GLY A 42 -5.54 -7.76 8.75
CA GLY A 42 -4.90 -6.94 7.74
C GLY A 42 -4.93 -5.46 8.08
N LEU A 43 -5.72 -5.11 9.08
CA LEU A 43 -5.83 -3.72 9.50
C LEU A 43 -4.46 -3.12 9.81
N ARG A 44 -4.43 -1.80 9.98
CA ARG A 44 -3.18 -1.11 10.28
C ARG A 44 -3.32 -0.23 11.52
N PHE A 45 -2.34 -0.32 12.41
CA PHE A 45 -2.35 0.46 13.65
C PHE A 45 -1.10 1.32 13.76
N LYS A 46 -1.26 2.51 14.34
CA LYS A 46 -0.14 3.43 14.52
C LYS A 46 0.38 3.39 15.95
N ARG A 47 0.14 2.28 16.63
CA ARG A 47 0.59 2.11 18.01
C ARG A 47 0.82 0.65 18.34
N LYS A 48 1.68 0.40 19.32
CA LYS A 48 1.99 -0.97 19.73
C LYS A 48 1.02 -1.45 20.82
N ASP A 49 0.37 -0.49 21.49
CA ASP A 49 -0.57 -0.80 22.54
C ASP A 49 -1.87 -1.36 21.96
N ARG A 50 -2.16 -1.00 20.71
CA ARG A 50 -3.37 -1.45 20.05
C ARG A 50 -3.13 -2.79 19.34
N MET A 51 -2.18 -2.80 18.40
CA MET A 51 -1.86 -4.01 17.65
C MET A 51 -1.59 -5.17 18.60
N SER A 52 -1.03 -4.87 19.76
CA SER A 52 -0.72 -5.89 20.75
C SER A 52 -2.00 -6.55 21.28
N TYR A 53 -2.97 -5.72 21.63
CA TYR A 53 -4.24 -6.22 22.15
C TYR A 53 -5.11 -6.77 21.03
N HIS A 54 -4.82 -6.34 19.80
CA HIS A 54 -5.58 -6.79 18.64
C HIS A 54 -5.10 -8.16 18.18
N VAL A 55 -3.80 -8.31 17.98
CA VAL A 55 -3.22 -9.58 17.54
C VAL A 55 -3.50 -10.69 18.56
N ARG A 56 -3.10 -10.46 19.80
CA ARG A 56 -3.30 -11.43 20.87
C ARG A 56 -4.77 -11.78 21.00
N SER A 57 -5.64 -10.78 20.82
CA SER A 57 -7.07 -10.99 20.94
C SER A 57 -7.54 -12.15 20.06
N HIS A 58 -6.81 -12.37 18.95
CA HIS A 58 -7.15 -13.46 18.04
C HIS A 58 -6.51 -14.77 18.49
N ASP A 59 -5.29 -14.68 19.01
CA ASP A 59 -4.57 -15.85 19.48
C ASP A 59 -5.06 -16.27 20.86
N GLY A 60 -4.58 -17.42 21.33
CA GLY A 60 -4.98 -17.91 22.64
C GLY A 60 -3.79 -18.34 23.48
N SER A 61 -2.82 -18.98 22.84
CA SER A 61 -1.63 -19.45 23.54
C SER A 61 -0.51 -18.42 23.45
N VAL A 62 -0.03 -17.98 24.62
CA VAL A 62 1.05 -17.01 24.68
C VAL A 62 2.38 -17.66 25.07
N GLY A 63 2.27 -18.77 25.80
CA GLY A 63 3.47 -19.47 26.23
C GLY A 63 3.71 -19.36 27.72
N LYS A 64 4.40 -18.29 28.11
CA LYS A 64 4.70 -18.06 29.52
C LYS A 64 3.51 -17.40 30.24
N PRO A 65 3.41 -17.62 31.55
CA PRO A 65 2.33 -17.06 32.37
C PRO A 65 2.46 -15.54 32.53
N TYR A 66 3.67 -15.09 32.85
CA TYR A 66 3.92 -13.66 33.04
C TYR A 66 4.50 -13.04 31.77
N ILE A 67 3.92 -11.93 31.34
CA ILE A 67 4.37 -11.24 30.15
C ILE A 67 4.56 -9.75 30.41
N CYS A 68 5.53 -9.14 29.74
CA CYS A 68 5.81 -7.73 29.90
C CYS A 68 4.54 -6.90 29.71
N GLN A 69 4.55 -5.68 30.22
CA GLN A 69 3.39 -4.79 30.12
C GLN A 69 3.52 -3.89 28.90
N SER A 70 4.66 -3.96 28.22
CA SER A 70 4.91 -3.15 27.05
C SER A 70 4.95 -4.01 25.78
N CYS A 71 6.05 -4.74 25.61
CA CYS A 71 6.22 -5.60 24.45
C CYS A 71 5.40 -6.89 24.61
N GLY A 72 4.99 -7.17 25.84
CA GLY A 72 4.21 -8.36 26.12
C GLY A 72 4.84 -9.61 25.52
N LYS A 73 6.13 -9.81 25.78
CA LYS A 73 6.84 -10.96 25.27
C LYS A 73 6.48 -12.22 26.06
N GLY A 74 7.05 -12.34 27.26
CA GLY A 74 6.77 -13.50 28.09
C GLY A 74 8.04 -14.17 28.58
N PHE A 75 8.13 -14.36 29.89
CA PHE A 75 9.30 -15.00 30.49
C PHE A 75 8.90 -16.20 31.34
N SER A 76 9.71 -17.25 31.31
CA SER A 76 9.44 -18.45 32.07
C SER A 76 9.16 -18.12 33.54
N ARG A 77 10.10 -17.42 34.16
CA ARG A 77 9.96 -17.04 35.56
C ARG A 77 9.56 -15.57 35.68
N PRO A 78 9.02 -15.21 36.85
CA PRO A 78 8.58 -13.84 37.13
C PRO A 78 9.75 -12.86 37.27
N ASP A 79 10.75 -13.25 38.06
CA ASP A 79 11.93 -12.43 38.27
C ASP A 79 12.56 -12.04 36.93
N HIS A 80 12.52 -12.95 35.98
CA HIS A 80 13.09 -12.69 34.66
C HIS A 80 12.42 -11.49 34.00
N LEU A 81 11.14 -11.30 34.28
CA LEU A 81 10.38 -10.18 33.73
C LEU A 81 10.72 -8.88 34.44
N ASN A 82 10.96 -8.98 35.75
CA ASN A 82 11.29 -7.81 36.55
C ASN A 82 12.59 -7.17 36.07
N GLY A 83 13.47 -7.98 35.48
CA GLY A 83 14.73 -7.48 34.98
C GLY A 83 14.62 -6.89 33.59
N HIS A 84 13.71 -7.45 32.79
CA HIS A 84 13.49 -6.99 31.42
C HIS A 84 12.98 -5.55 31.41
N ILE A 85 11.97 -5.29 32.24
CA ILE A 85 11.38 -3.95 32.33
C ILE A 85 12.45 -2.89 32.54
N LYS A 86 13.49 -3.26 33.30
CA LYS A 86 14.59 -2.35 33.58
C LYS A 86 15.70 -2.48 32.55
N GLN A 87 15.73 -3.61 31.86
CA GLN A 87 16.74 -3.87 30.84
C GLN A 87 16.41 -3.11 29.55
N VAL A 88 15.32 -3.51 28.90
CA VAL A 88 14.90 -2.87 27.66
C VAL A 88 14.17 -1.56 27.94
N HIS A 89 13.06 -1.65 28.67
CA HIS A 89 12.26 -0.46 29.00
C HIS A 89 12.91 0.31 30.14
N SER A 90 12.19 1.29 30.66
CA SER A 90 12.69 2.11 31.75
C SER A 90 13.93 2.90 31.32
N GLY A 91 14.06 3.10 30.01
CA GLY A 91 15.20 3.83 29.49
C GLY A 91 14.90 4.49 28.16
N PRO A 92 15.83 5.34 27.69
CA PRO A 92 15.69 6.05 26.41
C PRO A 92 15.79 5.12 25.22
N SER A 93 14.66 4.51 24.84
CA SER A 93 14.63 3.60 23.71
C SER A 93 13.41 3.86 22.83
N SER A 94 12.95 5.11 22.85
CA SER A 94 11.79 5.51 22.06
C SER A 94 12.00 6.89 21.44
N GLY A 95 12.36 7.86 22.28
CA GLY A 95 12.58 9.21 21.81
C GLY A 95 11.55 10.18 22.32
N GLY A 1 24.14 -17.08 -21.28
CA GLY A 1 23.59 -18.04 -20.35
C GLY A 1 23.11 -19.31 -21.04
N SER A 2 22.32 -20.10 -20.33
CA SER A 2 21.79 -21.34 -20.87
C SER A 2 20.39 -21.64 -20.31
N SER A 3 20.25 -21.44 -19.01
CA SER A 3 18.98 -21.69 -18.34
C SER A 3 17.89 -20.75 -18.87
N GLY A 4 16.63 -21.17 -18.73
CA GLY A 4 15.53 -20.35 -19.19
C GLY A 4 14.33 -20.40 -18.26
N SER A 5 14.61 -20.44 -16.96
CA SER A 5 13.55 -20.49 -15.95
C SER A 5 14.01 -19.87 -14.64
N SER A 6 13.59 -18.64 -14.40
CA SER A 6 13.97 -17.93 -13.17
C SER A 6 13.06 -16.71 -12.95
N GLY A 7 12.43 -16.66 -11.80
CA GLY A 7 11.54 -15.56 -11.47
C GLY A 7 11.57 -15.20 -10.00
N VAL A 8 11.30 -13.93 -9.70
CA VAL A 8 11.29 -13.46 -8.31
C VAL A 8 9.87 -13.40 -7.77
N ALA A 9 9.68 -13.97 -6.58
CA ALA A 9 8.37 -13.98 -5.94
C ALA A 9 8.12 -12.69 -5.16
N CYS A 10 6.90 -12.18 -5.23
CA CYS A 10 6.53 -10.96 -4.53
C CYS A 10 6.39 -11.21 -3.03
N GLU A 11 6.85 -10.24 -2.24
CA GLU A 11 6.78 -10.37 -0.78
C GLU A 11 5.55 -9.65 -0.25
N ILE A 12 4.51 -9.57 -1.06
CA ILE A 12 3.26 -8.92 -0.67
C ILE A 12 2.05 -9.76 -1.05
N CYS A 13 2.05 -10.26 -2.28
CA CYS A 13 0.95 -11.08 -2.77
C CYS A 13 1.41 -12.51 -3.00
N GLY A 14 2.67 -12.68 -3.37
CA GLY A 14 3.20 -14.01 -3.61
C GLY A 14 3.22 -14.36 -5.08
N LYS A 15 3.28 -13.34 -5.93
CA LYS A 15 3.30 -13.55 -7.38
C LYS A 15 4.72 -13.52 -7.92
N ILE A 16 5.05 -14.46 -8.79
CA ILE A 16 6.38 -14.53 -9.37
C ILE A 16 6.48 -13.65 -10.61
N PHE A 17 7.65 -13.07 -10.84
CA PHE A 17 7.87 -12.20 -11.99
C PHE A 17 9.09 -12.67 -12.78
N ARG A 18 9.03 -12.47 -14.10
CA ARG A 18 10.14 -12.87 -14.98
C ARG A 18 11.39 -12.05 -14.68
N ASP A 19 11.20 -10.75 -14.50
CA ASP A 19 12.31 -9.85 -14.20
C ASP A 19 12.09 -9.10 -12.90
N VAL A 20 13.13 -8.41 -12.43
CA VAL A 20 13.03 -7.66 -11.18
C VAL A 20 12.46 -6.27 -11.42
N TYR A 21 12.70 -5.74 -12.62
CA TYR A 21 12.20 -4.41 -12.97
C TYR A 21 10.68 -4.38 -12.98
N HIS A 22 10.08 -5.40 -13.59
CA HIS A 22 8.62 -5.49 -13.67
C HIS A 22 8.01 -5.64 -12.28
N LEU A 23 8.79 -6.19 -11.35
CA LEU A 23 8.34 -6.40 -9.98
C LEU A 23 8.39 -5.11 -9.19
N ASN A 24 9.32 -4.22 -9.58
CA ASN A 24 9.47 -2.94 -8.90
C ASN A 24 8.21 -2.09 -9.03
N ARG A 25 7.72 -1.96 -10.26
CA ARG A 25 6.52 -1.18 -10.52
C ARG A 25 5.30 -1.81 -9.86
N HIS A 26 5.37 -3.12 -9.63
CA HIS A 26 4.27 -3.85 -9.01
C HIS A 26 4.21 -3.55 -7.52
N LYS A 27 5.32 -3.76 -6.82
CA LYS A 27 5.39 -3.51 -5.38
C LYS A 27 4.90 -2.11 -5.05
N LEU A 28 5.09 -1.18 -5.99
CA LEU A 28 4.66 0.20 -5.79
C LEU A 28 3.14 0.32 -5.86
N SER A 29 2.53 -0.47 -6.74
CA SER A 29 1.08 -0.46 -6.90
C SER A 29 0.38 -0.97 -5.64
N HIS A 30 1.04 -1.90 -4.95
CA HIS A 30 0.48 -2.47 -3.73
C HIS A 30 0.08 -1.37 -2.75
N SER A 31 -1.08 -1.55 -2.12
CA SER A 31 -1.59 -0.57 -1.17
C SER A 31 -1.83 -1.22 0.19
N GLY A 32 -0.89 -1.01 1.11
CA GLY A 32 -1.03 -1.58 2.45
C GLY A 32 0.32 -1.80 3.13
N GLU A 33 0.77 -0.79 3.86
CA GLU A 33 2.05 -0.87 4.55
C GLU A 33 2.33 0.40 5.33
N LYS A 34 3.34 0.35 6.19
CA LYS A 34 3.72 1.51 7.00
C LYS A 34 2.59 1.90 7.96
N PRO A 35 2.95 2.57 9.06
CA PRO A 35 4.34 2.93 9.35
C PRO A 35 5.19 1.70 9.70
N TYR A 36 4.68 0.87 10.59
CA TYR A 36 5.39 -0.33 11.02
C TYR A 36 4.62 -1.59 10.60
N SER A 37 5.10 -2.25 9.55
CA SER A 37 4.47 -3.46 9.06
C SER A 37 5.40 -4.66 9.21
N CYS A 38 4.81 -5.85 9.28
CA CYS A 38 5.57 -7.09 9.43
C CYS A 38 6.10 -7.56 8.08
N PRO A 39 7.41 -7.85 8.03
CA PRO A 39 8.07 -8.31 6.81
C PRO A 39 7.65 -9.74 6.45
N VAL A 40 6.95 -10.40 7.36
CA VAL A 40 6.49 -11.77 7.13
C VAL A 40 5.00 -11.79 6.77
N CYS A 41 4.19 -11.25 7.65
CA CYS A 41 2.74 -11.20 7.44
C CYS A 41 2.37 -10.11 6.44
N GLY A 42 2.54 -8.86 6.86
CA GLY A 42 2.22 -7.74 5.99
C GLY A 42 1.32 -6.72 6.66
N LEU A 43 0.76 -7.09 7.81
CA LEU A 43 -0.13 -6.20 8.55
C LEU A 43 0.54 -4.86 8.80
N ARG A 44 -0.23 -3.91 9.32
CA ARG A 44 0.29 -2.57 9.61
C ARG A 44 -0.04 -2.16 11.04
N PHE A 45 0.95 -1.63 11.75
CA PHE A 45 0.76 -1.20 13.12
C PHE A 45 1.16 0.27 13.30
N LYS A 46 0.39 1.00 14.11
CA LYS A 46 0.67 2.40 14.35
C LYS A 46 1.44 2.59 15.66
N ARG A 47 2.14 1.54 16.08
CA ARG A 47 2.92 1.59 17.32
C ARG A 47 4.10 0.63 17.25
N LYS A 48 5.15 0.95 17.99
CA LYS A 48 6.35 0.12 18.03
C LYS A 48 6.24 -0.95 19.11
N ASP A 49 5.28 -0.78 20.00
CA ASP A 49 5.06 -1.73 21.09
C ASP A 49 4.35 -2.98 20.59
N ARG A 50 3.64 -2.84 19.48
CA ARG A 50 2.90 -3.96 18.90
C ARG A 50 3.75 -4.68 17.86
N MET A 51 4.17 -3.96 16.83
CA MET A 51 4.98 -4.52 15.77
C MET A 51 6.19 -5.26 16.34
N SER A 52 6.70 -4.75 17.45
CA SER A 52 7.87 -5.35 18.10
C SER A 52 7.53 -6.75 18.62
N TYR A 53 6.42 -6.85 19.33
CA TYR A 53 5.99 -8.13 19.88
C TYR A 53 5.40 -9.03 18.79
N HIS A 54 5.01 -8.43 17.69
CA HIS A 54 4.43 -9.18 16.57
C HIS A 54 5.54 -9.79 15.71
N VAL A 55 6.53 -8.99 15.34
CA VAL A 55 7.63 -9.45 14.52
C VAL A 55 8.46 -10.49 15.26
N ARG A 56 9.02 -10.09 16.40
CA ARG A 56 9.83 -10.98 17.21
C ARG A 56 9.10 -12.29 17.51
N SER A 57 7.79 -12.19 17.68
CA SER A 57 6.96 -13.36 17.96
C SER A 57 7.19 -14.46 16.92
N HIS A 58 7.55 -14.04 15.71
CA HIS A 58 7.80 -14.99 14.62
C HIS A 58 9.22 -15.54 14.71
N ASP A 59 10.19 -14.66 14.87
CA ASP A 59 11.58 -15.06 14.97
C ASP A 59 11.94 -15.46 16.39
N GLY A 60 13.22 -15.72 16.63
CA GLY A 60 13.67 -16.11 17.95
C GLY A 60 14.19 -17.53 17.99
N SER A 61 13.49 -18.43 17.31
CA SER A 61 13.87 -19.84 17.27
C SER A 61 15.20 -20.01 16.53
N VAL A 62 15.92 -21.07 16.89
CA VAL A 62 17.21 -21.36 16.26
C VAL A 62 17.04 -22.27 15.05
N GLY A 63 16.86 -21.66 13.88
CA GLY A 63 16.69 -22.44 12.67
C GLY A 63 17.83 -22.25 11.70
N LYS A 64 17.78 -21.17 10.92
CA LYS A 64 18.81 -20.88 9.94
C LYS A 64 20.16 -20.64 10.63
N PRO A 65 21.25 -20.82 9.88
CA PRO A 65 22.62 -20.63 10.39
C PRO A 65 22.93 -19.16 10.66
N TYR A 66 22.62 -18.30 9.70
CA TYR A 66 22.87 -16.88 9.83
C TYR A 66 21.58 -16.08 9.75
N ILE A 67 21.46 -15.08 10.61
CA ILE A 67 20.26 -14.24 10.64
C ILE A 67 20.62 -12.76 10.53
N CYS A 68 19.76 -11.99 9.88
CA CYS A 68 19.98 -10.56 9.70
C CYS A 68 20.29 -9.90 11.04
N GLN A 69 20.92 -8.73 10.99
CA GLN A 69 21.27 -7.99 12.20
C GLN A 69 20.16 -6.99 12.56
N SER A 70 19.18 -6.86 11.67
CA SER A 70 18.08 -5.94 11.90
C SER A 70 16.78 -6.70 12.17
N CYS A 71 16.20 -7.26 11.12
CA CYS A 71 14.95 -8.02 11.25
C CYS A 71 15.21 -9.39 11.84
N GLY A 72 16.47 -9.82 11.81
CA GLY A 72 16.82 -11.12 12.36
C GLY A 72 15.91 -12.22 11.86
N LYS A 73 15.89 -12.44 10.55
CA LYS A 73 15.06 -13.47 9.96
C LYS A 73 15.80 -14.81 9.90
N GLY A 74 16.73 -14.92 8.95
CA GLY A 74 17.49 -16.15 8.81
C GLY A 74 17.64 -16.57 7.37
N PHE A 75 18.84 -16.97 6.99
CA PHE A 75 19.12 -17.41 5.63
C PHE A 75 20.00 -18.65 5.61
N SER A 76 19.70 -19.58 4.73
CA SER A 76 20.47 -20.82 4.61
C SER A 76 21.95 -20.52 4.43
N ARG A 77 22.26 -19.65 3.47
CA ARG A 77 23.65 -19.27 3.18
C ARG A 77 23.93 -17.85 3.65
N PRO A 78 25.22 -17.54 3.83
CA PRO A 78 25.66 -16.21 4.28
C PRO A 78 25.44 -15.13 3.22
N ASP A 79 25.86 -15.43 2.00
CA ASP A 79 25.71 -14.49 0.89
C ASP A 79 24.26 -14.03 0.76
N HIS A 80 23.33 -14.97 0.98
CA HIS A 80 21.90 -14.67 0.88
C HIS A 80 21.52 -13.57 1.86
N LEU A 81 22.28 -13.44 2.94
CA LEU A 81 22.01 -12.42 3.95
C LEU A 81 22.72 -11.12 3.61
N ASN A 82 23.82 -11.23 2.86
CA ASN A 82 24.59 -10.05 2.47
C ASN A 82 23.74 -9.11 1.61
N GLY A 83 23.10 -9.66 0.59
CA GLY A 83 22.28 -8.86 -0.29
C GLY A 83 21.04 -8.32 0.42
N HIS A 84 20.43 -9.14 1.26
CA HIS A 84 19.24 -8.74 2.00
C HIS A 84 19.47 -7.43 2.72
N ILE A 85 20.65 -7.27 3.31
CA ILE A 85 20.99 -6.06 4.04
C ILE A 85 20.78 -4.82 3.16
N LYS A 86 21.19 -4.92 1.91
CA LYS A 86 21.04 -3.81 0.96
C LYS A 86 19.70 -3.88 0.23
N GLN A 87 19.00 -4.99 0.43
CA GLN A 87 17.69 -5.18 -0.21
C GLN A 87 16.63 -4.34 0.48
N VAL A 88 16.65 -4.34 1.80
CA VAL A 88 15.68 -3.58 2.58
C VAL A 88 16.37 -2.56 3.49
N HIS A 89 17.36 -3.02 4.23
CA HIS A 89 18.10 -2.16 5.14
C HIS A 89 19.15 -1.35 4.38
N SER A 90 18.69 -0.56 3.40
CA SER A 90 19.59 0.26 2.60
C SER A 90 19.13 1.71 2.58
N GLY A 91 19.95 2.58 2.00
CA GLY A 91 19.61 3.99 1.92
C GLY A 91 19.33 4.44 0.51
N PRO A 92 18.85 5.69 0.36
CA PRO A 92 18.53 6.26 -0.95
C PRO A 92 19.79 6.55 -1.78
N SER A 93 19.65 6.51 -3.09
CA SER A 93 20.76 6.76 -3.99
C SER A 93 21.39 8.12 -3.72
N SER A 94 20.59 9.17 -3.87
CA SER A 94 21.06 10.53 -3.63
C SER A 94 20.04 11.33 -2.83
N GLY A 95 20.53 12.02 -1.79
CA GLY A 95 19.64 12.81 -0.95
C GLY A 95 18.81 11.96 -0.01
N GLY A 1 5.39 -31.91 -21.13
CA GLY A 1 5.27 -30.47 -21.20
C GLY A 1 6.11 -29.76 -20.15
N SER A 2 5.45 -29.26 -19.10
CA SER A 2 6.15 -28.56 -18.03
C SER A 2 6.87 -27.32 -18.57
N SER A 3 7.49 -26.57 -17.66
CA SER A 3 8.22 -25.37 -18.04
C SER A 3 9.33 -25.06 -17.05
N GLY A 4 10.18 -24.10 -17.38
CA GLY A 4 11.27 -23.72 -16.51
C GLY A 4 11.77 -22.32 -16.77
N SER A 5 11.09 -21.33 -16.21
CA SER A 5 11.46 -19.93 -16.39
C SER A 5 12.04 -19.36 -15.10
N SER A 6 11.40 -19.66 -13.98
CA SER A 6 11.85 -19.17 -12.69
C SER A 6 11.77 -17.65 -12.63
N GLY A 7 12.18 -17.08 -11.49
CA GLY A 7 12.15 -15.65 -11.33
C GLY A 7 12.00 -15.23 -9.88
N VAL A 8 11.68 -13.96 -9.65
CA VAL A 8 11.51 -13.43 -8.31
C VAL A 8 10.06 -13.57 -7.85
N ALA A 9 9.87 -13.76 -6.54
CA ALA A 9 8.54 -13.89 -5.98
C ALA A 9 8.20 -12.71 -5.08
N CYS A 10 7.00 -12.18 -5.24
CA CYS A 10 6.54 -11.05 -4.44
C CYS A 10 6.38 -11.44 -2.98
N GLU A 11 6.90 -10.61 -2.08
CA GLU A 11 6.81 -10.88 -0.65
C GLU A 11 5.63 -10.13 -0.03
N ILE A 12 4.61 -9.90 -0.84
CA ILE A 12 3.41 -9.20 -0.37
C ILE A 12 2.14 -9.95 -0.78
N CYS A 13 2.14 -10.49 -1.99
CA CYS A 13 0.99 -11.23 -2.50
C CYS A 13 1.38 -12.67 -2.84
N GLY A 14 2.61 -12.84 -3.30
CA GLY A 14 3.09 -14.17 -3.66
C GLY A 14 3.03 -14.42 -5.15
N LYS A 15 3.29 -13.37 -5.94
CA LYS A 15 3.28 -13.48 -7.39
C LYS A 15 4.69 -13.51 -7.95
N ILE A 16 4.92 -14.38 -8.94
CA ILE A 16 6.23 -14.49 -9.55
C ILE A 16 6.38 -13.49 -10.70
N PHE A 17 7.62 -13.04 -10.91
CA PHE A 17 7.90 -12.08 -11.96
C PHE A 17 9.10 -12.52 -12.80
N ARG A 18 8.93 -12.52 -14.12
CA ARG A 18 10.00 -12.93 -15.03
C ARG A 18 11.27 -12.12 -14.76
N ASP A 19 11.10 -10.90 -14.28
CA ASP A 19 12.24 -10.03 -13.99
C ASP A 19 11.99 -9.22 -12.72
N VAL A 20 12.95 -8.39 -12.35
CA VAL A 20 12.85 -7.56 -11.16
C VAL A 20 12.22 -6.21 -11.49
N TYR A 21 12.41 -5.76 -12.72
CA TYR A 21 11.86 -4.49 -13.17
C TYR A 21 10.34 -4.43 -12.96
N HIS A 22 9.64 -5.37 -13.57
CA HIS A 22 8.19 -5.44 -13.46
C HIS A 22 7.77 -5.55 -11.99
N LEU A 23 8.63 -6.15 -11.17
CA LEU A 23 8.35 -6.32 -9.75
C LEU A 23 8.54 -5.01 -9.01
N ASN A 24 9.41 -4.16 -9.53
CA ASN A 24 9.68 -2.87 -8.90
C ASN A 24 8.45 -1.96 -8.97
N ARG A 25 7.87 -1.84 -10.16
CA ARG A 25 6.69 -1.01 -10.36
C ARG A 25 5.47 -1.63 -9.69
N HIS A 26 5.50 -2.95 -9.54
CA HIS A 26 4.39 -3.66 -8.91
C HIS A 26 4.35 -3.39 -7.41
N LYS A 27 5.51 -3.45 -6.77
CA LYS A 27 5.60 -3.21 -5.33
C LYS A 27 5.06 -1.83 -4.97
N LEU A 28 5.12 -0.91 -5.94
CA LEU A 28 4.64 0.44 -5.72
C LEU A 28 3.13 0.53 -5.93
N SER A 29 2.64 -0.07 -7.01
CA SER A 29 1.22 -0.06 -7.32
C SER A 29 0.45 -0.96 -6.36
N HIS A 30 1.18 -1.83 -5.66
CA HIS A 30 0.56 -2.75 -4.70
C HIS A 30 -0.33 -1.99 -3.72
N SER A 31 -1.59 -2.41 -3.65
CA SER A 31 -2.56 -1.76 -2.76
C SER A 31 -3.55 -2.78 -2.22
N GLY A 32 -4.02 -3.67 -3.09
CA GLY A 32 -4.97 -4.69 -2.67
C GLY A 32 -6.35 -4.11 -2.43
N GLU A 33 -6.57 -2.87 -2.86
CA GLU A 33 -7.85 -2.21 -2.68
C GLU A 33 -7.84 -0.81 -3.28
N LYS A 34 -9.01 -0.22 -3.44
CA LYS A 34 -9.13 1.12 -3.99
C LYS A 34 -8.64 1.16 -5.44
N PRO A 35 -9.14 2.14 -6.21
CA PRO A 35 -10.11 3.12 -5.71
C PRO A 35 -11.48 2.51 -5.44
N TYR A 36 -11.98 1.74 -6.40
CA TYR A 36 -13.28 1.11 -6.26
C TYR A 36 -13.14 -0.41 -6.27
N SER A 37 -13.23 -1.01 -5.09
CA SER A 37 -13.12 -2.46 -4.95
C SER A 37 -14.48 -3.09 -4.62
N CYS A 38 -14.62 -4.37 -4.93
CA CYS A 38 -15.85 -5.09 -4.68
C CYS A 38 -15.91 -5.57 -3.23
N PRO A 39 -17.02 -5.27 -2.54
CA PRO A 39 -17.23 -5.66 -1.14
C PRO A 39 -17.43 -7.16 -0.99
N VAL A 40 -17.61 -7.85 -2.11
CA VAL A 40 -17.82 -9.29 -2.10
C VAL A 40 -16.58 -10.02 -2.58
N CYS A 41 -16.26 -9.86 -3.86
CA CYS A 41 -15.09 -10.52 -4.44
C CYS A 41 -13.82 -10.08 -3.73
N GLY A 42 -13.45 -8.82 -3.92
CA GLY A 42 -12.25 -8.29 -3.28
C GLY A 42 -11.25 -7.77 -4.30
N LEU A 43 -11.71 -7.51 -5.51
CA LEU A 43 -10.85 -7.00 -6.57
C LEU A 43 -10.86 -5.47 -6.59
N ARG A 44 -9.99 -4.90 -7.41
CA ARG A 44 -9.90 -3.45 -7.52
C ARG A 44 -10.25 -2.99 -8.94
N PHE A 45 -10.99 -1.88 -9.03
CA PHE A 45 -11.39 -1.33 -10.32
C PHE A 45 -11.02 0.14 -10.43
N LYS A 46 -10.39 0.51 -11.55
CA LYS A 46 -9.98 1.89 -11.76
C LYS A 46 -11.02 2.64 -12.59
N ARG A 47 -12.26 2.15 -12.54
CA ARG A 47 -13.35 2.77 -13.28
C ARG A 47 -14.69 2.52 -12.59
N LYS A 48 -15.54 3.54 -12.55
CA LYS A 48 -16.85 3.43 -11.92
C LYS A 48 -17.85 2.79 -12.87
N ASP A 49 -17.43 2.58 -14.12
CA ASP A 49 -18.30 1.97 -15.12
C ASP A 49 -18.23 0.45 -15.04
N ARG A 50 -17.13 -0.06 -14.50
CA ARG A 50 -16.93 -1.50 -14.36
C ARG A 50 -17.44 -1.99 -13.00
N MET A 51 -16.89 -1.42 -11.94
CA MET A 51 -17.28 -1.79 -10.59
C MET A 51 -18.80 -1.75 -10.42
N SER A 52 -19.44 -0.84 -11.15
CA SER A 52 -20.90 -0.70 -11.09
C SER A 52 -21.59 -1.97 -11.57
N TYR A 53 -21.25 -2.40 -12.79
CA TYR A 53 -21.84 -3.59 -13.37
C TYR A 53 -21.28 -4.85 -12.72
N HIS A 54 -20.14 -4.71 -12.06
CA HIS A 54 -19.50 -5.83 -11.39
C HIS A 54 -20.17 -6.11 -10.04
N VAL A 55 -20.36 -5.05 -9.25
CA VAL A 55 -21.00 -5.18 -7.95
C VAL A 55 -22.46 -5.59 -8.08
N ARG A 56 -23.23 -4.79 -8.80
CA ARG A 56 -24.65 -5.06 -9.00
C ARG A 56 -24.85 -6.49 -9.51
N SER A 57 -23.93 -6.96 -10.35
CA SER A 57 -24.02 -8.30 -10.91
C SER A 57 -24.17 -9.34 -9.82
N HIS A 58 -23.63 -9.03 -8.64
CA HIS A 58 -23.71 -9.94 -7.51
C HIS A 58 -25.03 -9.77 -6.75
N ASP A 59 -25.44 -8.51 -6.57
CA ASP A 59 -26.68 -8.21 -5.88
C ASP A 59 -27.79 -7.83 -6.86
N GLY A 60 -27.97 -8.67 -7.87
CA GLY A 60 -28.99 -8.41 -8.87
C GLY A 60 -28.66 -9.03 -10.21
N SER A 61 -29.42 -10.05 -10.61
CA SER A 61 -29.20 -10.72 -11.87
C SER A 61 -27.79 -11.31 -11.94
N VAL A 62 -27.61 -12.48 -11.35
CA VAL A 62 -26.30 -13.14 -11.35
C VAL A 62 -25.95 -13.66 -12.73
N GLY A 63 -26.67 -14.69 -13.17
CA GLY A 63 -26.42 -15.26 -14.49
C GLY A 63 -26.25 -16.77 -14.44
N LYS A 64 -25.06 -17.24 -14.79
CA LYS A 64 -24.77 -18.67 -14.78
C LYS A 64 -24.99 -19.26 -13.39
N PRO A 65 -25.15 -20.59 -13.32
CA PRO A 65 -25.36 -21.30 -12.06
C PRO A 65 -24.12 -21.32 -11.19
N TYR A 66 -22.97 -21.64 -11.79
CA TYR A 66 -21.71 -21.69 -11.06
C TYR A 66 -20.78 -20.55 -11.50
N ILE A 67 -20.15 -19.91 -10.52
CA ILE A 67 -19.24 -18.81 -10.80
C ILE A 67 -17.90 -19.02 -10.11
N CYS A 68 -16.84 -18.55 -10.76
CA CYS A 68 -15.49 -18.69 -10.21
C CYS A 68 -15.43 -18.17 -8.77
N GLN A 69 -14.42 -18.62 -8.03
CA GLN A 69 -14.26 -18.21 -6.64
C GLN A 69 -13.35 -16.99 -6.54
N SER A 70 -12.77 -16.60 -7.67
CA SER A 70 -11.87 -15.45 -7.71
C SER A 70 -12.49 -14.29 -8.47
N CYS A 71 -12.52 -14.40 -9.79
CA CYS A 71 -13.11 -13.36 -10.64
C CYS A 71 -14.63 -13.41 -10.59
N GLY A 72 -15.17 -14.53 -10.13
CA GLY A 72 -16.60 -14.69 -10.04
C GLY A 72 -17.30 -14.30 -11.33
N LYS A 73 -16.92 -14.93 -12.43
CA LYS A 73 -17.51 -14.63 -13.73
C LYS A 73 -18.81 -15.41 -13.91
N GLY A 74 -18.69 -16.71 -14.20
CA GLY A 74 -19.86 -17.54 -14.39
C GLY A 74 -19.77 -18.40 -15.64
N PHE A 75 -20.00 -19.70 -15.48
CA PHE A 75 -19.92 -20.63 -16.61
C PHE A 75 -21.19 -21.47 -16.69
N SER A 76 -21.64 -21.73 -17.91
CA SER A 76 -22.85 -22.52 -18.14
C SER A 76 -22.78 -23.84 -17.38
N ARG A 77 -21.68 -24.55 -17.55
CA ARG A 77 -21.48 -25.84 -16.88
C ARG A 77 -20.43 -25.73 -15.78
N PRO A 78 -20.45 -26.69 -14.85
CA PRO A 78 -19.51 -26.73 -13.73
C PRO A 78 -18.09 -27.05 -14.19
N ASP A 79 -17.95 -28.10 -15.01
CA ASP A 79 -16.65 -28.51 -15.51
C ASP A 79 -15.94 -27.35 -16.19
N HIS A 80 -16.70 -26.53 -16.91
CA HIS A 80 -16.14 -25.38 -17.61
C HIS A 80 -15.45 -24.43 -16.63
N LEU A 81 -15.92 -24.42 -15.39
CA LEU A 81 -15.35 -23.56 -14.36
C LEU A 81 -14.10 -24.18 -13.76
N ASN A 82 -14.09 -25.51 -13.68
CA ASN A 82 -12.95 -26.23 -13.12
C ASN A 82 -11.68 -25.94 -13.92
N GLY A 83 -11.83 -25.89 -15.24
CA GLY A 83 -10.69 -25.63 -16.10
C GLY A 83 -10.21 -24.19 -16.01
N HIS A 84 -11.15 -23.26 -15.86
CA HIS A 84 -10.82 -21.85 -15.77
C HIS A 84 -9.92 -21.58 -14.57
N ILE A 85 -10.26 -22.17 -13.43
CA ILE A 85 -9.47 -22.01 -12.22
C ILE A 85 -8.00 -22.28 -12.48
N LYS A 86 -7.72 -23.29 -13.30
CA LYS A 86 -6.34 -23.65 -13.63
C LYS A 86 -5.85 -22.87 -14.84
N GLN A 87 -6.79 -22.37 -15.65
CA GLN A 87 -6.45 -21.60 -16.83
C GLN A 87 -5.92 -20.22 -16.46
N VAL A 88 -6.78 -19.40 -15.85
CA VAL A 88 -6.40 -18.06 -15.44
C VAL A 88 -5.71 -18.07 -14.07
N HIS A 89 -6.42 -18.57 -13.06
CA HIS A 89 -5.87 -18.64 -11.72
C HIS A 89 -4.96 -19.86 -11.56
N SER A 90 -4.49 -20.08 -10.34
CA SER A 90 -3.60 -21.21 -10.06
C SER A 90 -2.29 -21.08 -10.83
N GLY A 91 -1.28 -21.80 -10.37
CA GLY A 91 0.02 -21.75 -11.03
C GLY A 91 1.01 -22.72 -10.43
N PRO A 92 2.26 -22.69 -10.92
CA PRO A 92 3.32 -23.57 -10.45
C PRO A 92 3.77 -23.22 -9.04
N SER A 93 3.04 -23.72 -8.05
CA SER A 93 3.36 -23.45 -6.65
C SER A 93 4.70 -24.07 -6.27
N SER A 94 5.62 -23.24 -5.81
CA SER A 94 6.95 -23.70 -5.41
C SER A 94 7.00 -23.99 -3.92
N GLY A 95 6.77 -22.96 -3.12
CA GLY A 95 6.81 -23.13 -1.67
C GLY A 95 8.02 -22.47 -1.04
#